data_7DKD
#
_entry.id   7DKD
#
_cell.length_a   68.552
_cell.length_b   74.892
_cell.length_c   154.647
_cell.angle_alpha   90.000
_cell.angle_beta   94.502
_cell.angle_gamma   90.000
#
_symmetry.space_group_name_H-M   'P 1 21 1'
#
loop_
_entity.id
_entity.type
_entity.pdbx_description
1 polymer Dipeptidyl-peptidase
2 non-polymer ASPARAGINE
3 non-polymer TYROSINE
4 non-polymer GLYCEROL
5 water water
#
_entity_poly.entity_id   1
_entity_poly.type   'polypeptide(L)'
_entity_poly.pdbx_seq_one_letter_code
;MRSNLLAFSIVASLGLAQVAHAAEGMWVPQQLPEIAGPLQKAGLKLSPEQLANLTGDPMGAVVALGGCTASFVSPQGLVV
TNHHCAYGAIQLNSTAQKNLIKDGFNAPTLKDELSAGPNARVFVLDQITDVTAQAKAAIAGAGNDPLARSRALDAFDKAQ
VAACEADAGFRCRLYSFSGGNTYRLFRNMEIKDVRLVYAPPGSVGKFGGDVDNWMWPRHTGDFSFYRAYVGKDGKPAAFA
ADNVPYQPKHFLKFADQPLGADDFVMVAGYPGRTNRYALAGEFNETASFTYPTIAKHYNAVLKMIADAGKADADVKVKYA
ATAASMNNVAKNYLGQLEGFKRIDAAGQKQAEEAAVLAWLKKQGAAGKPALAAHAQLLKHLDTSKSTRERDLFVGQFNNT
SAVGAAITLYRLSIERSKPDAEREAGYQERDLTTIEGGLKQMDRRYVAKMDQQLQTYWLDQYVALPAAQRDNEVLNKWLA
GSDAAAVKSLVNKLGGTELGSLDTRLKWFKADRAAFEASNDPAIQYAVAVMPALLKQEEQKKIREGESLTARPLYLQAVA
DYKKSQGEFVYPDANLSLRITFGNVMGYGKDGVKYTPFTTLEGVAAKETGEDPFDSPKALLDAVKAKRYGGLEDKRLGSV
PVNFLSNLDITGGNSGSPVLDANGKLVGLAFDGNWESVSSNWVFDPVMTRMIAVDSRYMQWIMQEVAPAPQLLKELNLAK
;
_entity_poly.pdbx_strand_id   A,B
#
loop_
_chem_comp.id
_chem_comp.type
_chem_comp.name
_chem_comp.formula
GOL non-polymer GLYCEROL 'C3 H8 O3'
#
# COMPACT_ATOMS: atom_id res chain seq x y z
N ALA A 23 5.93 -25.88 -10.05
CA ALA A 23 5.19 -26.54 -11.19
C ALA A 23 3.68 -26.29 -11.06
N GLU A 24 3.01 -26.07 -12.20
CA GLU A 24 1.53 -26.00 -12.24
C GLU A 24 0.95 -27.38 -11.89
N GLY A 25 -0.19 -27.40 -11.20
CA GLY A 25 -0.99 -28.62 -11.08
C GLY A 25 -1.23 -29.01 -9.63
N MET A 26 -2.48 -29.40 -9.35
CA MET A 26 -2.87 -30.05 -8.08
C MET A 26 -3.14 -31.52 -8.41
N TRP A 27 -2.08 -32.29 -8.43
CA TRP A 27 -2.10 -33.63 -9.04
C TRP A 27 -2.75 -34.61 -8.06
N VAL A 28 -3.62 -35.45 -8.56
CA VAL A 28 -4.19 -36.55 -7.75
C VAL A 28 -3.10 -37.60 -7.63
N PRO A 29 -3.14 -38.40 -6.57
CA PRO A 29 -2.15 -39.46 -6.40
C PRO A 29 -2.09 -40.42 -7.60
N GLN A 30 -3.22 -40.59 -8.25
CA GLN A 30 -3.29 -41.51 -9.41
C GLN A 30 -2.49 -40.96 -10.60
N GLN A 31 -2.15 -39.67 -10.61
CA GLN A 31 -1.35 -39.01 -11.66
C GLN A 31 0.14 -39.05 -11.31
N LEU A 32 0.54 -39.78 -10.27
CA LEU A 32 1.98 -39.82 -9.92
C LEU A 32 2.84 -40.30 -11.10
N PRO A 33 2.41 -41.27 -11.93
CA PRO A 33 3.25 -41.72 -13.07
C PRO A 33 3.58 -40.61 -14.06
N GLU A 34 2.62 -39.73 -14.31
CA GLU A 34 2.73 -38.52 -15.15
C GLU A 34 3.70 -37.47 -14.56
N ILE A 35 3.82 -37.33 -13.24
CA ILE A 35 4.71 -36.30 -12.66
C ILE A 35 6.00 -36.92 -12.11
N ALA A 36 6.17 -38.25 -12.12
CA ALA A 36 7.39 -38.91 -11.57
C ALA A 36 8.65 -38.29 -12.20
N GLY A 37 8.65 -38.12 -13.52
CA GLY A 37 9.80 -37.57 -14.28
C GLY A 37 10.09 -36.13 -13.85
N PRO A 38 9.07 -35.25 -13.94
CA PRO A 38 9.20 -33.87 -13.47
C PRO A 38 9.59 -33.74 -11.98
N LEU A 39 9.10 -34.59 -11.08
CA LEU A 39 9.50 -34.63 -9.64
C LEU A 39 11.02 -34.86 -9.57
N GLN A 40 11.51 -35.92 -10.25
CA GLN A 40 12.96 -36.24 -10.23
C GLN A 40 13.74 -35.06 -10.80
N LYS A 41 13.27 -34.50 -11.92
CA LYS A 41 13.98 -33.39 -12.62
C LYS A 41 14.09 -32.16 -11.70
N ALA A 42 13.06 -31.89 -10.89
CA ALA A 42 13.01 -30.74 -9.94
C ALA A 42 13.89 -31.00 -8.73
N GLY A 43 14.21 -32.27 -8.42
CA GLY A 43 15.20 -32.63 -7.40
C GLY A 43 14.66 -33.56 -6.31
N LEU A 44 13.51 -34.21 -6.50
CA LEU A 44 13.05 -35.26 -5.54
C LEU A 44 14.10 -36.37 -5.45
N LYS A 45 14.49 -36.76 -4.23
CA LYS A 45 15.48 -37.85 -4.02
C LYS A 45 14.80 -39.12 -3.47
N LEU A 46 13.57 -39.04 -2.97
CA LEU A 46 12.77 -40.26 -2.74
C LEU A 46 12.43 -40.84 -4.11
N SER A 47 12.15 -42.14 -4.20
CA SER A 47 11.59 -42.75 -5.41
C SER A 47 10.12 -42.32 -5.52
N PRO A 48 9.64 -41.90 -6.70
CA PRO A 48 8.24 -41.52 -6.82
C PRO A 48 7.31 -42.65 -6.33
N GLU A 49 7.75 -43.91 -6.44
CA GLU A 49 7.01 -45.10 -5.93
C GLU A 49 6.77 -44.99 -4.42
N GLN A 50 7.71 -44.40 -3.67
CA GLN A 50 7.55 -44.17 -2.20
C GLN A 50 6.34 -43.23 -1.98
N LEU A 51 6.16 -42.22 -2.82
CA LEU A 51 5.02 -41.26 -2.71
C LEU A 51 3.69 -41.93 -3.08
N ALA A 52 3.70 -43.00 -3.86
CA ALA A 52 2.45 -43.69 -4.28
C ALA A 52 1.84 -44.42 -3.08
N ASN A 53 2.62 -44.73 -2.04
CA ASN A 53 2.06 -45.43 -0.85
C ASN A 53 1.45 -44.38 0.09
N LEU A 54 0.14 -44.15 -0.04
CA LEU A 54 -0.50 -42.97 0.57
C LEU A 54 -0.72 -43.25 2.07
N THR A 55 -0.53 -44.48 2.54
CA THR A 55 -0.64 -44.84 3.98
C THR A 55 0.75 -45.16 4.53
N GLY A 56 1.80 -44.95 3.74
CA GLY A 56 3.17 -45.32 4.13
C GLY A 56 4.00 -44.09 4.47
N ASP A 57 5.31 -44.20 4.50
CA ASP A 57 6.18 -43.08 4.91
C ASP A 57 6.61 -42.35 3.64
N PRO A 58 6.47 -41.01 3.45
CA PRO A 58 5.84 -40.06 4.39
C PRO A 58 4.37 -39.65 4.18
N MET A 59 3.71 -40.07 3.08
CA MET A 59 2.35 -39.58 2.73
C MET A 59 1.33 -39.88 3.84
N GLY A 60 1.48 -41.00 4.55
CA GLY A 60 0.54 -41.42 5.61
C GLY A 60 0.60 -40.54 6.83
N ALA A 61 1.65 -39.70 6.97
CA ALA A 61 1.73 -38.70 8.07
C ALA A 61 0.87 -37.47 7.78
N VAL A 62 0.44 -37.29 6.53
CA VAL A 62 -0.39 -36.12 6.12
C VAL A 62 -1.85 -36.37 6.44
N VAL A 63 -2.49 -35.41 7.12
CA VAL A 63 -3.89 -35.55 7.57
C VAL A 63 -4.74 -34.38 7.08
N ALA A 64 -6.04 -34.63 6.96
CA ALA A 64 -7.05 -33.60 6.70
C ALA A 64 -7.66 -33.14 8.04
N LEU A 65 -7.96 -31.85 8.17
CA LEU A 65 -8.63 -31.36 9.39
C LEU A 65 -10.07 -30.96 9.06
N GLY A 66 -10.42 -30.96 7.78
CA GLY A 66 -11.70 -30.39 7.29
C GLY A 66 -11.53 -28.91 7.03
N GLY A 67 -11.06 -28.53 5.86
CA GLY A 67 -10.85 -27.11 5.53
C GLY A 67 -9.39 -26.71 5.66
N CYS A 68 -8.56 -27.52 6.29
CA CYS A 68 -7.12 -27.23 6.59
C CYS A 68 -6.43 -28.59 6.50
N THR A 69 -5.13 -28.58 6.27
CA THR A 69 -4.27 -29.77 6.24
C THR A 69 -3.41 -29.75 7.51
N ALA A 70 -2.88 -30.90 7.92
CA ALA A 70 -1.91 -30.98 9.03
C ALA A 70 -1.08 -32.24 8.82
N SER A 71 -0.14 -32.47 9.73
CA SER A 71 0.66 -33.73 9.70
C SER A 71 1.05 -34.19 11.09
N PHE A 72 1.22 -35.50 11.23
CA PHE A 72 1.78 -36.12 12.45
C PHE A 72 3.28 -35.86 12.49
N VAL A 73 3.75 -35.42 13.64
CA VAL A 73 5.18 -35.10 13.83
C VAL A 73 5.73 -35.83 15.06
N SER A 74 4.96 -36.73 15.65
CA SER A 74 5.49 -37.59 16.75
C SER A 74 4.72 -38.89 16.77
N PRO A 75 5.31 -39.94 17.38
CA PRO A 75 4.63 -41.23 17.52
C PRO A 75 3.55 -41.22 18.61
N GLN A 76 3.40 -40.09 19.30
CA GLN A 76 2.41 -39.88 20.39
C GLN A 76 1.30 -38.95 19.87
N GLY A 77 1.22 -38.76 18.56
CA GLY A 77 0.02 -38.22 17.91
C GLY A 77 0.03 -36.70 17.89
N LEU A 78 1.19 -36.10 18.07
CA LEU A 78 1.41 -34.65 17.87
C LEU A 78 1.17 -34.30 16.40
N VAL A 79 0.40 -33.22 16.20
CA VAL A 79 -0.04 -32.76 14.90
C VAL A 79 0.35 -31.30 14.76
N VAL A 80 0.96 -30.95 13.64
CA VAL A 80 1.30 -29.53 13.39
C VAL A 80 0.43 -29.03 12.27
N THR A 81 0.01 -27.75 12.39
CA THR A 81 -0.79 -27.05 11.38
C THR A 81 -0.48 -25.57 11.45
N ASN A 82 -1.27 -24.74 10.78
CA ASN A 82 -1.07 -23.28 10.87
C ASN A 82 -1.74 -22.74 12.14
N HIS A 83 -1.23 -21.62 12.69
CA HIS A 83 -1.95 -20.80 13.69
C HIS A 83 -3.37 -20.47 13.17
N HIS A 84 -3.49 -20.01 11.93
CA HIS A 84 -4.81 -19.57 11.42
C HIS A 84 -5.75 -20.75 11.20
N CYS A 85 -5.23 -21.97 11.21
CA CYS A 85 -6.06 -23.21 11.16
C CYS A 85 -6.47 -23.63 12.57
N ALA A 86 -5.63 -23.40 13.60
CA ALA A 86 -5.93 -23.74 15.01
C ALA A 86 -6.71 -22.58 15.64
N TYR A 87 -6.79 -21.44 14.95
CA TYR A 87 -7.41 -20.21 15.48
C TYR A 87 -8.77 -20.48 16.16
N GLY A 88 -9.66 -21.21 15.48
CA GLY A 88 -10.98 -21.55 16.00
C GLY A 88 -10.86 -22.24 17.35
N ALA A 89 -10.02 -23.30 17.42
CA ALA A 89 -9.73 -24.06 18.65
C ALA A 89 -9.17 -23.13 19.74
N ILE A 90 -8.27 -22.22 19.37
CA ILE A 90 -7.69 -21.24 20.34
C ILE A 90 -8.81 -20.30 20.83
N GLN A 91 -9.62 -19.80 19.91
CA GLN A 91 -10.78 -18.91 20.19
C GLN A 91 -11.75 -19.62 21.14
N LEU A 92 -12.10 -20.91 20.89
CA LEU A 92 -13.07 -21.63 21.73
C LEU A 92 -12.60 -21.71 23.17
N ASN A 93 -11.28 -21.67 23.36
CA ASN A 93 -10.62 -21.80 24.68
C ASN A 93 -10.22 -20.42 25.22
N SER A 94 -10.62 -19.33 24.57
CA SER A 94 -10.24 -17.97 25.02
C SER A 94 -11.39 -17.36 25.83
N THR A 95 -11.05 -16.47 26.78
CA THR A 95 -12.02 -15.52 27.38
C THR A 95 -11.42 -14.11 27.26
N ALA A 96 -12.23 -13.11 27.53
CA ALA A 96 -11.76 -11.70 27.57
C ALA A 96 -10.62 -11.56 28.60
N GLN A 97 -10.63 -12.30 29.72
CA GLN A 97 -9.60 -12.18 30.79
C GLN A 97 -8.39 -13.05 30.43
N LYS A 98 -8.62 -14.22 29.80
CA LYS A 98 -7.56 -15.23 29.49
C LYS A 98 -7.61 -15.51 27.98
N ASN A 99 -7.13 -14.52 27.27
CA ASN A 99 -7.20 -14.40 25.80
C ASN A 99 -6.01 -15.16 25.20
N LEU A 100 -6.21 -16.42 24.81
CA LEU A 100 -5.13 -17.27 24.21
C LEU A 100 -4.76 -16.79 22.81
N ILE A 101 -5.69 -16.16 22.11
CA ILE A 101 -5.44 -15.65 20.74
C ILE A 101 -4.31 -14.64 20.88
N LYS A 102 -4.41 -13.77 21.86
CA LYS A 102 -3.37 -12.80 22.21
C LYS A 102 -2.16 -13.48 22.86
N ASP A 103 -2.37 -14.25 23.92
CA ASP A 103 -1.29 -14.70 24.83
C ASP A 103 -0.55 -15.90 24.24
N GLY A 104 -1.22 -16.73 23.45
CA GLY A 104 -0.64 -18.01 23.06
C GLY A 104 -0.96 -19.03 24.12
N PHE A 105 -0.40 -20.23 23.99
CA PHE A 105 -0.76 -21.33 24.90
C PHE A 105 0.34 -22.39 24.85
N ASN A 106 0.63 -23.04 25.96
CA ASN A 106 1.51 -24.23 26.00
C ASN A 106 0.92 -25.21 27.02
N ALA A 107 1.00 -26.48 26.73
CA ALA A 107 0.61 -27.59 27.63
C ALA A 107 1.88 -28.35 27.98
N PRO A 108 2.45 -28.12 29.16
CA PRO A 108 3.69 -28.80 29.55
C PRO A 108 3.53 -30.33 29.68
N THR A 109 2.31 -30.82 29.99
CA THR A 109 2.00 -32.26 30.16
C THR A 109 0.72 -32.61 29.38
N LEU A 110 0.44 -33.91 29.19
CA LEU A 110 -0.75 -34.34 28.41
C LEU A 110 -1.99 -33.75 29.07
N LYS A 111 -2.06 -33.76 30.42
CA LYS A 111 -3.27 -33.31 31.16
C LYS A 111 -3.49 -31.79 31.03
N ASP A 112 -2.53 -31.01 30.55
CA ASP A 112 -2.75 -29.56 30.35
C ASP A 112 -3.38 -29.25 28.99
N GLU A 113 -3.43 -30.22 28.08
CA GLU A 113 -3.92 -30.01 26.68
C GLU A 113 -5.43 -29.75 26.72
N LEU A 114 -5.88 -28.75 25.98
CA LEU A 114 -7.28 -28.28 25.98
C LEU A 114 -8.02 -28.94 24.83
N SER A 115 -9.25 -29.40 25.05
CA SER A 115 -10.14 -29.81 23.93
C SER A 115 -10.23 -28.67 22.91
N ALA A 116 -9.95 -28.99 21.64
CA ALA A 116 -10.11 -28.13 20.46
C ALA A 116 -11.62 -27.97 20.14
N GLY A 117 -12.55 -28.58 20.90
CA GLY A 117 -13.99 -28.43 20.63
C GLY A 117 -14.61 -29.72 20.07
N PRO A 118 -15.93 -29.94 20.24
CA PRO A 118 -16.56 -31.17 19.80
C PRO A 118 -16.48 -31.42 18.29
N ASN A 119 -16.30 -30.39 17.45
CA ASN A 119 -16.35 -30.59 15.98
C ASN A 119 -14.95 -30.62 15.40
N ALA A 120 -13.90 -30.49 16.20
CA ALA A 120 -12.53 -30.71 15.70
C ALA A 120 -12.34 -32.19 15.29
N ARG A 121 -11.66 -32.37 14.17
CA ARG A 121 -11.39 -33.70 13.58
C ARG A 121 -9.94 -33.79 13.14
N VAL A 122 -9.41 -35.01 13.21
CA VAL A 122 -8.22 -35.40 12.42
C VAL A 122 -8.63 -36.60 11.57
N PHE A 123 -8.44 -36.48 10.25
CA PHE A 123 -8.74 -37.56 9.29
C PHE A 123 -7.45 -38.19 8.82
N VAL A 124 -7.32 -39.47 9.09
CA VAL A 124 -6.14 -40.31 8.71
C VAL A 124 -6.58 -41.19 7.54
N LEU A 125 -5.96 -41.03 6.38
CA LEU A 125 -6.39 -41.74 5.16
C LEU A 125 -6.18 -43.24 5.35
N ASP A 126 -7.21 -44.02 5.02
CA ASP A 126 -7.13 -45.51 5.06
C ASP A 126 -7.16 -46.07 3.63
N GLN A 127 -8.05 -45.59 2.77
CA GLN A 127 -8.36 -46.21 1.45
C GLN A 127 -8.95 -45.21 0.46
N ILE A 128 -8.48 -45.27 -0.79
CA ILE A 128 -9.12 -44.61 -1.95
C ILE A 128 -9.60 -45.70 -2.92
N THR A 129 -10.87 -45.63 -3.31
CA THR A 129 -11.51 -46.59 -4.24
C THR A 129 -12.03 -45.81 -5.43
N ASP A 130 -11.64 -46.19 -6.64
CA ASP A 130 -12.27 -45.65 -7.86
C ASP A 130 -13.66 -46.28 -8.02
N VAL A 131 -14.70 -45.46 -8.09
CA VAL A 131 -16.09 -46.00 -8.21
C VAL A 131 -16.79 -45.29 -9.39
N THR A 132 -16.01 -44.82 -10.37
CA THR A 132 -16.51 -44.09 -11.56
C THR A 132 -17.60 -44.94 -12.25
N ALA A 133 -17.32 -46.19 -12.63
CA ALA A 133 -18.25 -46.99 -13.47
C ALA A 133 -19.59 -47.13 -12.71
N GLN A 134 -19.52 -47.43 -11.42
CA GLN A 134 -20.72 -47.65 -10.57
C GLN A 134 -21.52 -46.34 -10.44
N ALA A 135 -20.84 -45.21 -10.27
CA ALA A 135 -21.52 -43.89 -10.12
C ALA A 135 -22.22 -43.51 -11.43
N LYS A 136 -21.52 -43.63 -12.54
CA LYS A 136 -22.10 -43.31 -13.88
C LYS A 136 -23.29 -44.24 -14.14
N ALA A 137 -23.18 -45.53 -13.80
CA ALA A 137 -24.28 -46.51 -13.97
C ALA A 137 -25.48 -46.10 -13.10
N ALA A 138 -25.27 -45.60 -11.87
CA ALA A 138 -26.39 -45.18 -11.01
C ALA A 138 -27.08 -43.98 -11.65
N ILE A 139 -26.29 -43.04 -12.20
CA ILE A 139 -26.82 -41.79 -12.80
C ILE A 139 -27.60 -42.13 -14.07
N ALA A 140 -27.03 -42.95 -14.98
CA ALA A 140 -27.68 -43.31 -16.28
C ALA A 140 -28.96 -44.09 -16.01
N GLY A 141 -28.96 -44.95 -14.99
CA GLY A 141 -30.13 -45.73 -14.53
C GLY A 141 -31.32 -44.85 -14.20
N ALA A 142 -31.12 -43.55 -13.96
CA ALA A 142 -32.23 -42.60 -13.65
C ALA A 142 -32.97 -42.17 -14.93
N GLY A 143 -32.38 -42.38 -16.12
CA GLY A 143 -32.96 -41.93 -17.40
C GLY A 143 -32.88 -40.43 -17.53
N ASN A 144 -33.94 -39.78 -18.02
CA ASN A 144 -33.96 -38.34 -18.46
C ASN A 144 -34.49 -37.39 -17.38
N ASP A 145 -35.06 -37.89 -16.27
CA ASP A 145 -35.61 -37.05 -15.17
C ASP A 145 -34.45 -36.44 -14.37
N PRO A 146 -34.22 -35.10 -14.42
CA PRO A 146 -33.11 -34.49 -13.69
C PRO A 146 -33.20 -34.72 -12.17
N LEU A 147 -34.37 -34.61 -11.56
CA LEU A 147 -34.54 -34.84 -10.10
C LEU A 147 -34.21 -36.29 -9.74
N ALA A 148 -34.64 -37.26 -10.55
CA ALA A 148 -34.33 -38.70 -10.33
C ALA A 148 -32.81 -38.92 -10.44
N ARG A 149 -32.15 -38.21 -11.35
CA ARG A 149 -30.69 -38.33 -11.56
C ARG A 149 -29.98 -37.85 -10.29
N SER A 150 -30.39 -36.70 -9.77
CA SER A 150 -29.85 -36.12 -8.52
C SER A 150 -30.13 -37.07 -7.35
N ARG A 151 -31.33 -37.62 -7.27
CA ARG A 151 -31.67 -38.60 -6.21
C ARG A 151 -30.87 -39.90 -6.34
N ALA A 152 -30.61 -40.38 -7.54
CA ALA A 152 -29.86 -41.63 -7.79
C ALA A 152 -28.42 -41.47 -7.29
N LEU A 153 -27.78 -40.34 -7.59
CA LEU A 153 -26.39 -40.11 -7.16
C LEU A 153 -26.39 -39.97 -5.63
N ASP A 154 -27.37 -39.27 -5.07
CA ASP A 154 -27.51 -39.14 -3.58
C ASP A 154 -27.62 -40.54 -2.96
N ALA A 155 -28.49 -41.39 -3.50
CA ALA A 155 -28.69 -42.75 -2.99
C ALA A 155 -27.38 -43.57 -3.11
N PHE A 156 -26.66 -43.43 -4.23
CA PHE A 156 -25.43 -44.16 -4.51
C PHE A 156 -24.37 -43.72 -3.47
N ASP A 157 -24.23 -42.41 -3.29
CA ASP A 157 -23.31 -41.75 -2.32
C ASP A 157 -23.58 -42.32 -0.93
N LYS A 158 -24.81 -42.23 -0.44
CA LYS A 158 -25.22 -42.75 0.88
C LYS A 158 -24.90 -44.25 0.96
N ALA A 159 -25.12 -45.04 -0.09
CA ALA A 159 -24.99 -46.51 0.06
C ALA A 159 -23.49 -46.82 0.18
N GLN A 160 -22.65 -46.17 -0.64
CA GLN A 160 -21.19 -46.40 -0.64
C GLN A 160 -20.66 -46.07 0.76
N VAL A 161 -21.09 -44.94 1.27
CA VAL A 161 -20.57 -44.36 2.53
C VAL A 161 -21.06 -45.26 3.67
N ALA A 162 -22.29 -45.78 3.59
CA ALA A 162 -22.82 -46.65 4.66
C ALA A 162 -21.96 -47.91 4.73
N ALA A 163 -21.62 -48.55 3.60
CA ALA A 163 -20.88 -49.83 3.62
C ALA A 163 -19.45 -49.57 4.16
N CYS A 164 -18.87 -48.47 3.71
CA CYS A 164 -17.49 -48.07 4.05
C CYS A 164 -17.35 -47.69 5.54
N GLU A 165 -18.43 -47.28 6.19
CA GLU A 165 -18.46 -46.77 7.59
C GLU A 165 -19.00 -47.84 8.54
N ALA A 166 -19.19 -49.06 8.06
CA ALA A 166 -19.76 -50.13 8.92
C ALA A 166 -18.78 -50.46 10.05
N ASP A 167 -17.47 -50.39 9.82
CA ASP A 167 -16.45 -50.62 10.88
C ASP A 167 -16.29 -49.35 11.70
N ALA A 168 -16.44 -49.46 13.02
CA ALA A 168 -16.46 -48.29 13.92
C ALA A 168 -15.17 -47.47 13.74
N GLY A 169 -15.30 -46.15 13.66
CA GLY A 169 -14.17 -45.22 13.74
C GLY A 169 -13.76 -44.71 12.35
N PHE A 170 -14.41 -45.19 11.30
CA PHE A 170 -14.13 -44.75 9.91
C PHE A 170 -15.22 -43.78 9.46
N ARG A 171 -14.82 -42.75 8.71
CA ARG A 171 -15.76 -41.87 7.99
C ARG A 171 -15.37 -41.83 6.50
N CYS A 172 -16.36 -41.95 5.62
CA CYS A 172 -16.13 -42.05 4.16
C CYS A 172 -16.75 -40.83 3.50
N ARG A 173 -16.20 -40.51 2.33
CA ARG A 173 -16.67 -39.38 1.53
C ARG A 173 -16.55 -39.76 0.06
N LEU A 174 -17.60 -39.52 -0.70
CA LEU A 174 -17.53 -39.69 -2.16
C LEU A 174 -17.09 -38.36 -2.76
N TYR A 175 -16.11 -38.42 -3.64
CA TYR A 175 -15.67 -37.25 -4.39
C TYR A 175 -15.94 -37.40 -5.88
N SER A 176 -16.32 -36.28 -6.47
CA SER A 176 -16.54 -36.09 -7.92
C SER A 176 -15.38 -35.26 -8.43
N PHE A 177 -14.69 -35.76 -9.46
CA PHE A 177 -13.56 -35.07 -10.11
C PHE A 177 -13.95 -34.70 -11.54
N SER A 178 -13.35 -33.62 -12.04
CA SER A 178 -13.32 -33.31 -13.49
C SER A 178 -14.75 -33.23 -14.02
N GLY A 179 -15.62 -32.56 -13.29
CA GLY A 179 -17.00 -32.27 -13.70
C GLY A 179 -17.91 -33.47 -13.59
N GLY A 180 -17.44 -34.55 -12.96
CA GLY A 180 -18.20 -35.80 -12.81
C GLY A 180 -17.74 -36.86 -13.78
N ASN A 181 -16.57 -36.69 -14.40
CA ASN A 181 -15.96 -37.74 -15.24
C ASN A 181 -15.31 -38.85 -14.42
N THR A 182 -14.97 -38.63 -13.15
CA THR A 182 -14.32 -39.63 -12.25
C THR A 182 -14.91 -39.48 -10.86
N TYR A 183 -15.16 -40.60 -10.19
CA TYR A 183 -15.65 -40.62 -8.79
C TYR A 183 -14.73 -41.54 -8.01
N ARG A 184 -14.29 -41.10 -6.83
CA ARG A 184 -13.50 -41.94 -5.91
C ARG A 184 -14.10 -41.81 -4.49
N LEU A 185 -14.11 -42.92 -3.79
CA LEU A 185 -14.53 -42.98 -2.39
C LEU A 185 -13.27 -42.96 -1.51
N PHE A 186 -13.15 -41.98 -0.63
CA PHE A 186 -12.09 -41.93 0.41
C PHE A 186 -12.64 -42.54 1.70
N ARG A 187 -11.87 -43.43 2.31
CA ARG A 187 -12.12 -43.92 3.69
C ARG A 187 -11.05 -43.36 4.63
N ASN A 188 -11.46 -42.75 5.74
CA ASN A 188 -10.51 -42.17 6.73
C ASN A 188 -10.84 -42.71 8.13
N MET A 189 -9.84 -42.94 8.97
CA MET A 189 -10.05 -42.98 10.44
C MET A 189 -10.40 -41.56 10.87
N GLU A 190 -11.48 -41.40 11.60
CA GLU A 190 -12.01 -40.08 11.96
C GLU A 190 -11.71 -39.93 13.44
N ILE A 191 -10.60 -39.29 13.78
CA ILE A 191 -10.29 -38.94 15.18
C ILE A 191 -11.14 -37.75 15.59
N LYS A 192 -11.82 -37.88 16.72
CA LYS A 192 -12.84 -36.93 17.19
C LYS A 192 -12.41 -36.26 18.50
N ASP A 193 -11.24 -36.56 19.06
CA ASP A 193 -10.77 -35.94 20.34
C ASP A 193 -9.44 -35.28 20.00
N VAL A 194 -9.49 -34.01 19.60
CA VAL A 194 -8.32 -33.24 19.20
C VAL A 194 -8.06 -32.18 20.29
N ARG A 195 -6.83 -32.06 20.74
CA ARG A 195 -6.49 -31.16 21.85
C ARG A 195 -5.37 -30.23 21.40
N LEU A 196 -5.50 -28.98 21.82
CA LEU A 196 -4.49 -27.92 21.65
C LEU A 196 -3.28 -28.18 22.56
N VAL A 197 -2.09 -28.22 21.99
CA VAL A 197 -0.80 -28.41 22.74
C VAL A 197 -0.05 -27.09 22.84
N TYR A 198 0.03 -26.35 21.75
CA TYR A 198 0.87 -25.14 21.68
C TYR A 198 0.31 -24.18 20.63
N ALA A 199 0.28 -22.92 20.99
CA ALA A 199 0.08 -21.79 20.05
C ALA A 199 1.04 -20.69 20.46
N PRO A 200 1.76 -20.10 19.49
CA PRO A 200 2.55 -18.93 19.79
C PRO A 200 1.59 -17.81 20.07
N PRO A 201 2.06 -16.72 20.68
CA PRO A 201 1.23 -15.53 20.76
C PRO A 201 0.66 -15.13 19.40
N GLY A 202 -0.49 -14.47 19.40
CA GLY A 202 -1.07 -13.93 18.17
C GLY A 202 -0.13 -12.99 17.45
N SER A 203 0.74 -12.25 18.17
CA SER A 203 1.70 -11.31 17.53
C SER A 203 2.79 -12.05 16.72
N VAL A 204 2.96 -13.36 16.93
CA VAL A 204 3.84 -14.21 16.11
C VAL A 204 2.98 -14.99 15.10
N GLY A 205 1.99 -15.72 15.61
CA GLY A 205 1.06 -16.56 14.80
C GLY A 205 0.35 -15.79 13.69
N LYS A 206 0.13 -14.50 13.89
CA LYS A 206 -0.65 -13.60 13.02
C LYS A 206 0.09 -12.26 12.89
N PHE A 207 1.42 -12.26 12.97
CA PHE A 207 2.24 -11.04 12.80
C PHE A 207 1.84 -10.34 11.51
N GLY A 208 1.53 -9.04 11.62
CA GLY A 208 1.16 -8.21 10.45
C GLY A 208 -0.31 -8.33 10.08
N GLY A 209 -1.07 -9.20 10.75
CA GLY A 209 -2.55 -9.29 10.65
C GLY A 209 -3.08 -9.18 9.23
N ASP A 210 -4.12 -8.38 9.07
CA ASP A 210 -4.82 -8.21 7.77
C ASP A 210 -4.02 -7.26 6.87
N VAL A 211 -3.03 -6.55 7.40
CA VAL A 211 -2.19 -5.67 6.54
C VAL A 211 -1.31 -6.57 5.65
N ASP A 212 -0.67 -7.59 6.24
CA ASP A 212 0.31 -8.50 5.56
C ASP A 212 -0.38 -9.75 4.99
N ASN A 213 -1.61 -10.03 5.39
CA ASN A 213 -2.40 -11.14 4.80
C ASN A 213 -2.38 -11.06 3.25
N TRP A 214 -2.19 -12.19 2.60
CA TRP A 214 -2.09 -12.32 1.12
C TRP A 214 -0.90 -11.51 0.57
N MET A 215 0.15 -11.24 1.35
CA MET A 215 1.29 -10.40 0.88
C MET A 215 2.64 -11.04 1.25
N TRP A 216 3.58 -10.83 0.36
CA TRP A 216 5.02 -10.98 0.56
C TRP A 216 5.63 -9.60 0.37
N PRO A 217 6.69 -9.16 1.06
CA PRO A 217 7.40 -9.96 2.05
C PRO A 217 6.50 -10.26 3.27
N ARG A 218 6.65 -11.47 3.81
CA ARG A 218 5.88 -11.97 4.97
C ARG A 218 6.82 -12.44 6.09
N HIS A 219 6.38 -12.24 7.34
CA HIS A 219 7.16 -12.37 8.57
C HIS A 219 6.30 -13.01 9.64
N THR A 220 5.50 -14.02 9.27
CA THR A 220 4.45 -14.59 10.13
C THR A 220 4.85 -16.01 10.56
N GLY A 221 4.84 -16.22 11.87
CA GLY A 221 5.08 -17.53 12.51
C GLY A 221 3.80 -18.32 12.56
N ASP A 222 3.30 -18.73 11.41
CA ASP A 222 1.93 -19.29 11.34
C ASP A 222 1.99 -20.80 11.59
N PHE A 223 2.05 -21.20 12.85
CA PHE A 223 2.08 -22.63 13.24
C PHE A 223 1.40 -22.78 14.58
N SER A 224 0.99 -24.01 14.89
CA SER A 224 0.39 -24.39 16.18
C SER A 224 0.35 -25.92 16.21
N PHE A 225 0.15 -26.49 17.38
CA PHE A 225 0.22 -27.96 17.51
C PHE A 225 -1.04 -28.40 18.24
N TYR A 226 -1.55 -29.50 17.74
CA TYR A 226 -2.61 -30.32 18.36
C TYR A 226 -2.02 -31.66 18.77
N ARG A 227 -2.80 -32.42 19.54
CA ARG A 227 -2.59 -33.89 19.71
C ARG A 227 -3.91 -34.62 19.49
N ALA A 228 -3.82 -35.69 18.74
CA ALA A 228 -4.94 -36.61 18.44
C ALA A 228 -5.06 -37.61 19.58
N TYR A 229 -6.27 -37.80 20.10
CA TYR A 229 -6.60 -38.84 21.10
C TYR A 229 -7.64 -39.83 20.57
N VAL A 230 -7.60 -41.02 21.16
CA VAL A 230 -8.58 -42.10 20.97
C VAL A 230 -9.03 -42.63 22.35
N GLY A 231 -10.08 -43.45 22.36
CA GLY A 231 -10.56 -44.09 23.59
C GLY A 231 -9.55 -45.13 24.00
N LYS A 232 -9.64 -45.60 25.23
CA LYS A 232 -8.74 -46.61 25.83
C LYS A 232 -8.86 -47.94 25.08
N ASP A 233 -9.97 -48.17 24.37
CA ASP A 233 -10.21 -49.37 23.53
C ASP A 233 -9.53 -49.23 22.16
N GLY A 234 -8.95 -48.06 21.89
CA GLY A 234 -8.22 -47.74 20.64
C GLY A 234 -9.05 -47.11 19.56
N LYS A 235 -10.38 -46.94 19.76
CA LYS A 235 -11.30 -46.48 18.71
C LYS A 235 -11.52 -44.98 18.94
N PRO A 236 -11.80 -44.20 17.88
CA PRO A 236 -12.16 -42.80 18.02
C PRO A 236 -13.28 -42.61 19.05
N ALA A 237 -13.19 -41.52 19.78
CA ALA A 237 -14.18 -41.15 20.83
C ALA A 237 -14.17 -39.63 20.99
N ALA A 238 -15.31 -39.08 21.40
CA ALA A 238 -15.40 -37.70 21.90
C ALA A 238 -14.50 -37.57 23.14
N PHE A 239 -14.22 -36.33 23.48
CA PHE A 239 -13.41 -35.92 24.64
C PHE A 239 -13.84 -36.71 25.89
N ALA A 240 -12.88 -37.34 26.55
CA ALA A 240 -13.07 -38.06 27.84
C ALA A 240 -11.72 -38.08 28.56
N ALA A 241 -11.77 -38.04 29.88
CA ALA A 241 -10.56 -37.92 30.71
C ALA A 241 -9.66 -39.15 30.50
N ASP A 242 -10.22 -40.34 30.25
CA ASP A 242 -9.39 -41.57 30.14
C ASP A 242 -9.06 -41.91 28.68
N ASN A 243 -9.33 -41.00 27.76
CA ASN A 243 -8.81 -41.17 26.38
C ASN A 243 -7.29 -41.03 26.43
N VAL A 244 -6.60 -41.50 25.41
CA VAL A 244 -5.10 -41.56 25.41
C VAL A 244 -4.62 -41.13 24.03
N PRO A 245 -3.38 -40.64 23.91
CA PRO A 245 -2.87 -40.21 22.60
C PRO A 245 -2.96 -41.30 21.52
N TYR A 246 -3.39 -40.89 20.34
CA TYR A 246 -3.31 -41.72 19.12
C TYR A 246 -1.84 -42.01 18.80
N GLN A 247 -1.55 -43.24 18.34
CA GLN A 247 -0.18 -43.69 17.99
C GLN A 247 -0.09 -43.88 16.49
N PRO A 248 0.25 -42.83 15.72
CA PRO A 248 0.27 -42.93 14.27
C PRO A 248 1.34 -43.90 13.75
N LYS A 249 1.04 -44.61 12.67
CA LYS A 249 1.99 -45.53 11.96
C LYS A 249 3.21 -44.73 11.52
N HIS A 250 2.98 -43.53 10.98
CA HIS A 250 4.03 -42.68 10.37
C HIS A 250 3.88 -41.22 10.82
N PHE A 251 5.01 -40.56 11.01
CA PHE A 251 5.06 -39.12 11.31
C PHE A 251 6.25 -38.54 10.54
N LEU A 252 6.19 -37.24 10.30
CA LEU A 252 7.26 -36.53 9.58
C LEU A 252 8.39 -36.18 10.55
N LYS A 253 9.60 -36.12 10.02
CA LYS A 253 10.75 -35.61 10.81
C LYS A 253 11.12 -34.22 10.31
N PHE A 254 11.49 -33.30 11.20
CA PHE A 254 11.99 -31.95 10.84
C PHE A 254 13.31 -32.11 10.08
N ALA A 255 13.52 -31.28 9.07
CA ALA A 255 14.68 -31.41 8.14
C ALA A 255 15.96 -31.09 8.91
N ASP A 256 17.01 -31.87 8.69
CA ASP A 256 18.39 -31.65 9.21
C ASP A 256 19.20 -30.84 8.17
N GLN A 257 18.83 -30.95 6.90
CA GLN A 257 19.47 -30.22 5.79
C GLN A 257 18.87 -28.83 5.71
N PRO A 258 19.71 -27.80 5.64
CA PRO A 258 19.22 -26.42 5.53
C PRO A 258 18.57 -26.11 4.18
N LEU A 259 17.31 -25.65 4.19
CA LEU A 259 16.61 -25.24 2.96
C LEU A 259 17.17 -23.94 2.40
N GLY A 260 17.54 -23.98 1.13
CA GLY A 260 18.12 -22.85 0.39
C GLY A 260 17.41 -22.59 -0.90
N ALA A 261 17.65 -21.41 -1.46
CA ALA A 261 17.18 -21.01 -2.79
C ALA A 261 17.42 -22.16 -3.79
N ASP A 262 16.44 -22.39 -4.66
CA ASP A 262 16.49 -23.35 -5.80
C ASP A 262 16.18 -24.77 -5.31
N ASP A 263 16.13 -25.03 -4.01
CA ASP A 263 15.88 -26.38 -3.44
C ASP A 263 14.49 -26.86 -3.83
N PHE A 264 14.40 -28.16 -4.11
CA PHE A 264 13.14 -28.87 -4.35
C PHE A 264 12.29 -28.82 -3.08
N VAL A 265 11.01 -28.53 -3.26
CA VAL A 265 9.99 -28.70 -2.21
C VAL A 265 8.75 -29.31 -2.85
N MET A 266 7.96 -30.00 -2.04
CA MET A 266 6.65 -30.51 -2.46
C MET A 266 5.68 -30.39 -1.28
N VAL A 267 4.40 -30.43 -1.59
CA VAL A 267 3.30 -30.31 -0.60
C VAL A 267 2.30 -31.40 -0.96
N ALA A 268 1.80 -32.07 0.06
CA ALA A 268 0.63 -32.95 -0.01
C ALA A 268 -0.42 -32.33 0.91
N GLY A 269 -1.64 -32.23 0.47
CA GLY A 269 -2.67 -31.61 1.29
C GLY A 269 -4.00 -31.66 0.60
N TYR A 270 -4.94 -30.89 1.10
CA TYR A 270 -6.38 -31.03 0.71
C TYR A 270 -6.91 -29.70 0.23
N PRO A 271 -6.50 -29.21 -0.97
CA PRO A 271 -7.00 -27.96 -1.49
C PRO A 271 -8.51 -28.10 -1.70
N GLY A 272 -9.24 -27.01 -1.44
CA GLY A 272 -10.70 -27.03 -1.34
C GLY A 272 -11.39 -26.94 -2.71
N ARG A 273 -11.35 -25.79 -3.35
CA ARG A 273 -12.07 -25.61 -4.64
C ARG A 273 -11.21 -24.72 -5.53
N THR A 274 -10.92 -25.15 -6.75
CA THR A 274 -10.49 -24.26 -7.85
C THR A 274 -11.59 -24.24 -8.91
N ASN A 275 -11.56 -23.21 -9.77
CA ASN A 275 -12.55 -22.94 -10.83
C ASN A 275 -11.85 -22.80 -12.19
N ARG A 276 -10.69 -23.41 -12.41
CA ARG A 276 -9.96 -23.24 -13.70
C ARG A 276 -10.78 -23.78 -14.90
N TYR A 277 -11.70 -24.73 -14.70
CA TYR A 277 -12.55 -25.34 -15.75
C TYR A 277 -13.96 -24.70 -15.81
N ALA A 278 -14.13 -23.54 -15.16
CA ALA A 278 -15.38 -22.73 -15.18
C ALA A 278 -15.69 -22.26 -16.60
N LEU A 279 -16.97 -22.16 -16.97
CA LEU A 279 -17.37 -21.44 -18.21
C LEU A 279 -17.03 -19.96 -18.07
N ALA A 280 -16.77 -19.29 -19.18
CA ALA A 280 -16.48 -17.83 -19.25
C ALA A 280 -17.60 -17.03 -18.55
N GLY A 281 -18.87 -17.42 -18.71
CA GLY A 281 -19.97 -16.72 -18.04
C GLY A 281 -20.02 -16.99 -16.53
N GLU A 282 -19.53 -18.13 -16.05
CA GLU A 282 -19.41 -18.42 -14.58
C GLU A 282 -18.36 -17.46 -14.00
N PHE A 283 -17.21 -17.31 -14.66
CA PHE A 283 -16.14 -16.38 -14.28
C PHE A 283 -16.70 -14.95 -14.29
N ASN A 284 -17.40 -14.57 -15.38
CA ASN A 284 -17.89 -13.17 -15.55
C ASN A 284 -18.85 -12.78 -14.41
N GLU A 285 -19.78 -13.67 -14.02
CA GLU A 285 -20.73 -13.45 -12.89
C GLU A 285 -19.95 -13.27 -11.58
N THR A 286 -18.98 -14.13 -11.30
CA THR A 286 -18.14 -14.05 -10.07
C THR A 286 -17.40 -12.71 -10.04
N ALA A 287 -16.75 -12.34 -11.14
CA ALA A 287 -15.93 -11.12 -11.26
C ALA A 287 -16.80 -9.87 -11.17
N SER A 288 -17.96 -9.85 -11.81
CA SER A 288 -18.78 -8.62 -11.91
C SER A 288 -19.75 -8.53 -10.71
N PHE A 289 -20.19 -9.64 -10.12
CA PHE A 289 -21.20 -9.58 -9.03
C PHE A 289 -20.63 -10.15 -7.72
N THR A 290 -20.34 -11.45 -7.65
CA THR A 290 -20.10 -12.18 -6.38
C THR A 290 -18.97 -11.51 -5.60
N TYR A 291 -17.80 -11.39 -6.20
CA TYR A 291 -16.59 -10.97 -5.45
C TYR A 291 -16.74 -9.54 -4.95
N PRO A 292 -17.05 -8.53 -5.78
CA PRO A 292 -17.20 -7.17 -5.30
C PRO A 292 -18.33 -6.98 -4.26
N THR A 293 -19.42 -7.69 -4.42
CA THR A 293 -20.59 -7.59 -3.52
C THR A 293 -20.26 -8.19 -2.15
N ILE A 294 -19.75 -9.42 -2.13
CA ILE A 294 -19.33 -10.01 -0.82
C ILE A 294 -18.26 -9.14 -0.17
N ALA A 295 -17.24 -8.67 -0.91
CA ALA A 295 -16.18 -7.80 -0.35
C ALA A 295 -16.80 -6.55 0.27
N LYS A 296 -17.77 -5.93 -0.39
CA LYS A 296 -18.37 -4.68 0.14
C LYS A 296 -19.09 -4.97 1.47
N HIS A 297 -19.94 -5.99 1.50
CA HIS A 297 -20.80 -6.25 2.68
C HIS A 297 -19.92 -6.78 3.82
N TYR A 298 -18.98 -7.67 3.54
CA TYR A 298 -18.10 -8.21 4.59
C TYR A 298 -17.31 -7.06 5.22
N ASN A 299 -16.76 -6.14 4.42
CA ASN A 299 -16.04 -4.98 5.01
C ASN A 299 -16.96 -4.21 5.95
N ALA A 300 -18.24 -4.05 5.59
CA ALA A 300 -19.18 -3.26 6.42
C ALA A 300 -19.52 -4.05 7.67
N VAL A 301 -19.73 -5.36 7.57
CA VAL A 301 -20.04 -6.17 8.78
C VAL A 301 -18.81 -6.14 9.70
N LEU A 302 -17.59 -6.31 9.15
CA LEU A 302 -16.36 -6.29 9.97
C LEU A 302 -16.23 -4.99 10.79
N LYS A 303 -16.53 -3.84 10.21
CA LYS A 303 -16.52 -2.54 10.93
C LYS A 303 -17.47 -2.61 12.14
N MET A 304 -18.66 -3.16 11.95
CA MET A 304 -19.67 -3.32 13.01
C MET A 304 -19.15 -4.24 14.12
N ILE A 305 -18.58 -5.37 13.74
CA ILE A 305 -17.97 -6.30 14.74
C ILE A 305 -16.77 -5.60 15.43
N ALA A 306 -15.87 -4.91 14.71
CA ALA A 306 -14.72 -4.20 15.32
C ALA A 306 -15.23 -3.20 16.36
N ASP A 307 -16.21 -2.35 15.99
CA ASP A 307 -16.81 -1.38 16.94
C ASP A 307 -17.37 -2.11 18.18
N ALA A 308 -18.13 -3.19 18.01
CA ALA A 308 -18.76 -3.89 19.14
C ALA A 308 -17.68 -4.44 20.06
N GLY A 309 -16.56 -4.90 19.49
CA GLY A 309 -15.41 -5.49 20.21
C GLY A 309 -14.67 -4.47 21.07
N LYS A 310 -14.65 -3.21 20.62
CA LYS A 310 -13.99 -2.11 21.39
C LYS A 310 -14.82 -1.76 22.64
N ALA A 311 -16.14 -1.89 22.58
CA ALA A 311 -17.11 -1.70 23.69
C ALA A 311 -17.14 -2.86 24.70
N ASP A 312 -16.81 -4.09 24.27
CA ASP A 312 -16.99 -5.30 25.10
C ASP A 312 -16.05 -6.39 24.57
N ALA A 313 -14.96 -6.66 25.27
CA ALA A 313 -13.91 -7.62 24.86
C ALA A 313 -14.50 -9.04 24.75
N ASP A 314 -15.61 -9.30 25.42
CA ASP A 314 -16.29 -10.62 25.28
C ASP A 314 -16.81 -10.75 23.84
N VAL A 315 -17.34 -9.66 23.26
CA VAL A 315 -17.81 -9.64 21.87
C VAL A 315 -16.58 -9.89 21.00
N LYS A 316 -15.48 -9.19 21.27
CA LYS A 316 -14.24 -9.31 20.47
C LYS A 316 -13.79 -10.79 20.47
N VAL A 317 -13.79 -11.43 21.62
CA VAL A 317 -13.33 -12.85 21.71
C VAL A 317 -14.36 -13.77 21.05
N LYS A 318 -15.65 -13.59 21.36
CA LYS A 318 -16.71 -14.49 20.83
C LYS A 318 -16.78 -14.44 19.30
N TYR A 319 -16.50 -13.30 18.66
CA TYR A 319 -16.61 -13.12 17.20
C TYR A 319 -15.24 -13.21 16.52
N ALA A 320 -14.17 -13.54 17.23
CA ALA A 320 -12.82 -13.41 16.65
C ALA A 320 -12.63 -14.37 15.46
N ALA A 321 -13.13 -15.59 15.51
CA ALA A 321 -12.96 -16.55 14.39
C ALA A 321 -13.71 -16.07 13.14
N THR A 322 -14.95 -15.63 13.33
CA THR A 322 -15.77 -15.02 12.29
C THR A 322 -15.05 -13.81 11.68
N ALA A 323 -14.51 -12.93 12.51
CA ALA A 323 -13.82 -11.72 12.04
C ALA A 323 -12.58 -12.09 11.21
N ALA A 324 -11.79 -13.07 11.65
CA ALA A 324 -10.58 -13.46 10.89
C ALA A 324 -11.02 -14.05 9.55
N SER A 325 -11.99 -14.98 9.52
CA SER A 325 -12.48 -15.62 8.26
C SER A 325 -12.96 -14.57 7.26
N MET A 326 -13.85 -13.70 7.72
CA MET A 326 -14.44 -12.62 6.88
C MET A 326 -13.34 -11.68 6.39
N ASN A 327 -12.36 -11.31 7.24
CA ASN A 327 -11.25 -10.44 6.77
C ASN A 327 -10.54 -11.15 5.61
N ASN A 328 -10.25 -12.44 5.79
CA ASN A 328 -9.43 -13.24 4.84
C ASN A 328 -10.19 -13.33 3.51
N VAL A 329 -11.50 -13.51 3.54
CA VAL A 329 -12.32 -13.67 2.29
C VAL A 329 -12.39 -12.33 1.56
N ALA A 330 -12.67 -11.26 2.27
CA ALA A 330 -12.86 -9.91 1.65
C ALA A 330 -11.57 -9.49 0.96
N LYS A 331 -10.42 -9.65 1.63
CA LYS A 331 -9.13 -9.22 1.07
C LYS A 331 -8.81 -10.12 -0.12
N ASN A 332 -9.07 -11.43 0.00
CA ASN A 332 -8.84 -12.41 -1.09
C ASN A 332 -9.61 -11.98 -2.33
N TYR A 333 -10.88 -11.65 -2.15
CA TYR A 333 -11.72 -11.22 -3.28
C TYR A 333 -11.14 -9.94 -3.93
N LEU A 334 -10.76 -8.93 -3.14
CA LEU A 334 -10.18 -7.70 -3.73
C LEU A 334 -8.94 -8.10 -4.54
N GLY A 335 -8.19 -9.09 -4.06
CA GLY A 335 -6.96 -9.54 -4.72
C GLY A 335 -7.28 -10.23 -6.02
N GLN A 336 -8.28 -11.08 -6.03
CA GLN A 336 -8.69 -11.80 -7.27
C GLN A 336 -9.13 -10.77 -8.32
N LEU A 337 -9.90 -9.77 -7.90
CA LEU A 337 -10.37 -8.74 -8.87
C LEU A 337 -9.16 -8.01 -9.48
N GLU A 338 -8.13 -7.69 -8.68
CA GLU A 338 -6.93 -7.01 -9.20
C GLU A 338 -6.17 -7.97 -10.11
N GLY A 339 -6.05 -9.24 -9.73
CA GLY A 339 -5.39 -10.26 -10.54
C GLY A 339 -6.07 -10.45 -11.89
N PHE A 340 -7.41 -10.43 -11.93
CA PHE A 340 -8.12 -10.66 -13.21
C PHE A 340 -7.70 -9.56 -14.20
N LYS A 341 -7.66 -8.31 -13.74
CA LYS A 341 -7.26 -7.17 -14.60
C LYS A 341 -5.80 -7.32 -15.00
N ARG A 342 -4.95 -7.79 -14.07
CA ARG A 342 -3.50 -7.97 -14.31
C ARG A 342 -3.32 -8.93 -15.50
N ILE A 343 -4.03 -10.05 -15.56
CA ILE A 343 -3.73 -11.09 -16.57
C ILE A 343 -4.80 -11.09 -17.67
N ASP A 344 -5.74 -10.13 -17.64
CA ASP A 344 -6.98 -10.08 -18.45
C ASP A 344 -7.60 -11.49 -18.48
N ALA A 345 -8.09 -11.93 -17.32
CA ALA A 345 -8.73 -13.22 -17.13
C ALA A 345 -9.98 -13.29 -18.03
N ALA A 346 -10.79 -12.23 -18.12
CA ALA A 346 -12.03 -12.20 -18.92
C ALA A 346 -11.70 -12.59 -20.37
N GLY A 347 -10.65 -11.99 -20.93
CA GLY A 347 -10.16 -12.22 -22.31
C GLY A 347 -9.65 -13.63 -22.49
N GLN A 348 -8.86 -14.14 -21.53
CA GLN A 348 -8.30 -15.51 -21.60
C GLN A 348 -9.44 -16.52 -21.57
N LYS A 349 -10.42 -16.33 -20.69
CA LYS A 349 -11.60 -17.22 -20.61
C LYS A 349 -12.34 -17.21 -21.95
N GLN A 350 -12.60 -16.03 -22.48
CA GLN A 350 -13.42 -15.80 -23.70
C GLN A 350 -12.71 -16.52 -24.86
N ALA A 351 -11.38 -16.38 -24.94
CA ALA A 351 -10.52 -16.92 -26.02
C ALA A 351 -10.47 -18.44 -25.92
N GLU A 352 -10.39 -18.99 -24.71
CA GLU A 352 -10.27 -20.45 -24.54
C GLU A 352 -11.63 -21.05 -24.89
N GLU A 353 -12.72 -20.44 -24.43
CA GLU A 353 -14.08 -21.00 -24.62
C GLU A 353 -14.41 -21.01 -26.12
N ALA A 354 -14.05 -19.94 -26.84
CA ALA A 354 -14.14 -19.81 -28.32
C ALA A 354 -13.27 -20.88 -29.00
N ALA A 355 -12.01 -21.08 -28.57
CA ALA A 355 -11.13 -22.13 -29.12
C ALA A 355 -11.72 -23.55 -28.93
N VAL A 356 -12.29 -23.86 -27.75
CA VAL A 356 -12.89 -25.20 -27.48
C VAL A 356 -14.11 -25.36 -28.40
N LEU A 357 -14.98 -24.36 -28.49
CA LEU A 357 -16.28 -24.50 -29.21
C LEU A 357 -16.02 -24.63 -30.72
N ALA A 358 -14.90 -24.08 -31.22
CA ALA A 358 -14.44 -24.16 -32.63
C ALA A 358 -13.77 -25.51 -32.91
N TRP A 359 -12.99 -26.02 -31.97
CA TRP A 359 -12.31 -27.34 -32.09
C TRP A 359 -13.35 -28.46 -32.03
N LEU A 360 -14.46 -28.25 -31.31
CA LEU A 360 -15.59 -29.20 -31.27
C LEU A 360 -16.25 -29.21 -32.66
N LYS A 361 -16.66 -28.05 -33.17
CA LYS A 361 -17.32 -27.88 -34.50
C LYS A 361 -16.53 -28.68 -35.56
N LYS A 362 -15.22 -28.42 -35.67
CA LYS A 362 -14.31 -29.15 -36.61
C LYS A 362 -14.28 -30.66 -36.32
N GLN A 363 -14.97 -31.16 -35.31
CA GLN A 363 -14.90 -32.59 -34.87
C GLN A 363 -16.06 -33.41 -35.48
N GLY A 364 -16.98 -32.73 -36.18
CA GLY A 364 -18.15 -33.37 -36.81
C GLY A 364 -19.18 -33.78 -35.78
N ALA A 365 -19.98 -34.81 -36.08
CA ALA A 365 -21.08 -35.31 -35.23
C ALA A 365 -20.55 -35.65 -33.83
N ALA A 366 -19.29 -36.12 -33.74
CA ALA A 366 -18.61 -36.55 -32.50
C ALA A 366 -18.56 -35.38 -31.49
N GLY A 367 -18.42 -34.14 -31.99
CA GLY A 367 -18.36 -32.93 -31.15
C GLY A 367 -19.72 -32.34 -30.83
N LYS A 368 -20.84 -32.95 -31.24
CA LYS A 368 -22.20 -32.35 -31.04
C LYS A 368 -22.68 -32.49 -29.60
N PRO A 369 -22.49 -33.62 -28.90
CA PRO A 369 -23.00 -33.74 -27.53
C PRO A 369 -22.39 -32.70 -26.56
N ALA A 370 -21.06 -32.60 -26.56
CA ALA A 370 -20.28 -31.60 -25.79
C ALA A 370 -20.79 -30.20 -26.15
N LEU A 371 -20.98 -29.92 -27.44
CA LEU A 371 -21.48 -28.61 -27.94
C LEU A 371 -22.84 -28.34 -27.28
N ALA A 372 -23.70 -29.36 -27.17
CA ALA A 372 -25.07 -29.20 -26.62
C ALA A 372 -24.99 -29.13 -25.08
N ALA A 373 -24.04 -29.84 -24.47
CA ALA A 373 -23.78 -29.74 -23.02
C ALA A 373 -23.44 -28.29 -22.69
N HIS A 374 -22.54 -27.68 -23.47
CA HIS A 374 -22.11 -26.27 -23.31
C HIS A 374 -23.35 -25.35 -23.36
N ALA A 375 -24.20 -25.52 -24.38
CA ALA A 375 -25.43 -24.71 -24.56
C ALA A 375 -26.32 -24.78 -23.31
N GLN A 376 -26.46 -25.96 -22.70
CA GLN A 376 -27.25 -26.24 -21.46
C GLN A 376 -26.64 -25.55 -20.23
N LEU A 377 -25.32 -25.57 -20.10
CA LEU A 377 -24.64 -24.92 -18.95
C LEU A 377 -24.75 -23.41 -19.15
N LEU A 378 -24.59 -22.94 -20.40
CA LEU A 378 -24.67 -21.49 -20.72
C LEU A 378 -26.05 -21.02 -20.29
N LYS A 379 -27.08 -21.84 -20.54
CA LYS A 379 -28.51 -21.53 -20.23
C LYS A 379 -28.69 -21.44 -18.72
N HIS A 380 -27.97 -22.23 -17.92
CA HIS A 380 -28.09 -22.28 -16.43
C HIS A 380 -27.70 -20.94 -15.78
N LEU A 381 -26.84 -20.15 -16.42
CA LEU A 381 -26.26 -18.93 -15.79
C LEU A 381 -27.36 -17.88 -15.54
N ASP A 382 -28.14 -17.58 -16.57
CA ASP A 382 -29.16 -16.49 -16.62
C ASP A 382 -30.03 -16.48 -15.36
N THR A 383 -30.51 -17.67 -14.97
CA THR A 383 -31.38 -17.94 -13.79
C THR A 383 -31.03 -17.08 -12.57
N SER A 384 -29.75 -16.97 -12.23
CA SER A 384 -29.26 -16.26 -11.01
C SER A 384 -28.85 -14.83 -11.35
N LYS A 385 -29.77 -14.10 -11.99
CA LYS A 385 -29.76 -12.62 -12.13
C LYS A 385 -31.13 -12.15 -11.65
N SER A 386 -31.24 -10.92 -11.15
CA SER A 386 -32.48 -10.29 -10.62
C SER A 386 -32.91 -10.89 -9.27
N THR A 387 -32.58 -12.16 -8.97
CA THR A 387 -32.77 -12.76 -7.62
C THR A 387 -31.50 -12.65 -6.76
N ARG A 388 -30.35 -12.35 -7.34
CA ARG A 388 -29.06 -12.70 -6.70
C ARG A 388 -28.82 -11.82 -5.47
N GLU A 389 -29.20 -10.53 -5.47
CA GLU A 389 -29.04 -9.66 -4.26
C GLU A 389 -30.03 -10.12 -3.17
N ARG A 390 -31.29 -10.39 -3.52
CA ARG A 390 -32.29 -10.92 -2.55
C ARG A 390 -31.74 -12.21 -1.92
N ASP A 391 -31.29 -13.14 -2.75
CA ASP A 391 -30.87 -14.47 -2.29
C ASP A 391 -29.67 -14.26 -1.34
N LEU A 392 -28.84 -13.27 -1.57
CA LEU A 392 -27.64 -13.03 -0.72
C LEU A 392 -28.09 -12.53 0.66
N PHE A 393 -28.93 -11.50 0.69
CA PHE A 393 -29.37 -10.86 1.96
C PHE A 393 -30.20 -11.81 2.81
N VAL A 394 -31.17 -12.48 2.18
CA VAL A 394 -32.06 -13.42 2.88
C VAL A 394 -31.22 -14.63 3.34
N GLY A 395 -30.32 -15.14 2.50
CA GLY A 395 -29.39 -16.22 2.86
C GLY A 395 -28.53 -15.84 4.09
N GLN A 396 -28.02 -14.61 4.14
CA GLN A 396 -27.15 -14.12 5.25
C GLN A 396 -27.99 -13.95 6.50
N PHE A 397 -29.19 -13.35 6.38
CA PHE A 397 -30.13 -13.19 7.52
C PHE A 397 -30.42 -14.57 8.14
N ASN A 398 -30.75 -15.55 7.30
CA ASN A 398 -31.15 -16.91 7.75
C ASN A 398 -29.97 -17.68 8.36
N ASN A 399 -28.74 -17.23 8.09
CA ASN A 399 -27.52 -17.87 8.68
C ASN A 399 -26.96 -17.03 9.84
N THR A 400 -27.63 -15.97 10.27
CA THR A 400 -27.32 -15.35 11.59
C THR A 400 -27.57 -16.44 12.68
N SER A 401 -27.07 -16.27 13.89
CA SER A 401 -26.92 -17.36 14.88
C SER A 401 -28.25 -17.94 15.36
N ALA A 402 -29.12 -17.14 15.99
CA ALA A 402 -30.37 -17.63 16.59
C ALA A 402 -31.24 -18.20 15.46
N VAL A 403 -31.34 -17.46 14.36
CA VAL A 403 -32.25 -17.82 13.22
C VAL A 403 -31.72 -19.11 12.54
N GLY A 404 -30.41 -19.23 12.33
CA GLY A 404 -29.81 -20.41 11.70
C GLY A 404 -29.93 -21.63 12.58
N ALA A 405 -29.79 -21.45 13.90
CA ALA A 405 -29.95 -22.57 14.85
C ALA A 405 -31.42 -23.03 14.78
N ALA A 406 -32.35 -22.09 14.75
CA ALA A 406 -33.80 -22.40 14.64
C ALA A 406 -34.07 -23.20 13.37
N ILE A 407 -33.54 -22.76 12.22
CA ILE A 407 -33.79 -23.46 10.92
C ILE A 407 -33.19 -24.88 10.96
N THR A 408 -31.94 -25.03 11.42
CA THR A 408 -31.24 -26.33 11.53
C THR A 408 -32.03 -27.27 12.44
N LEU A 409 -32.39 -26.80 13.61
CA LEU A 409 -33.09 -27.59 14.63
C LEU A 409 -34.47 -28.02 14.06
N TYR A 410 -35.20 -27.10 13.46
CA TYR A 410 -36.55 -27.46 12.90
C TYR A 410 -36.39 -28.49 11.77
N ARG A 411 -35.39 -28.28 10.90
CA ARG A 411 -35.10 -29.19 9.78
C ARG A 411 -34.75 -30.59 10.28
N LEU A 412 -33.90 -30.69 11.28
CA LEU A 412 -33.55 -32.00 11.88
C LEU A 412 -34.83 -32.69 12.40
N SER A 413 -35.76 -31.98 13.03
CA SER A 413 -36.99 -32.62 13.61
C SER A 413 -37.82 -33.26 12.49
N ILE A 414 -37.76 -32.68 11.30
CA ILE A 414 -38.48 -33.17 10.08
C ILE A 414 -37.75 -34.38 9.51
N GLU A 415 -36.45 -34.31 9.36
CA GLU A 415 -35.67 -35.43 8.79
C GLU A 415 -35.76 -36.63 9.75
N ARG A 416 -35.80 -36.41 11.07
CA ARG A 416 -35.78 -37.51 12.07
C ARG A 416 -36.94 -38.49 11.79
N SER A 417 -38.10 -38.02 11.33
CA SER A 417 -39.31 -38.86 11.13
C SER A 417 -39.15 -39.79 9.92
N LYS A 418 -38.14 -39.60 9.09
CA LYS A 418 -37.93 -40.44 7.88
C LYS A 418 -36.93 -41.54 8.17
N PRO A 419 -36.93 -42.63 7.38
CA PRO A 419 -35.86 -43.62 7.49
C PRO A 419 -34.50 -42.95 7.20
N ASP A 420 -33.45 -43.41 7.86
CA ASP A 420 -32.12 -42.76 7.85
C ASP A 420 -31.64 -42.60 6.40
N ALA A 421 -31.81 -43.62 5.57
CA ALA A 421 -31.37 -43.56 4.17
C ALA A 421 -32.14 -42.48 3.40
N GLU A 422 -33.32 -42.05 3.87
CA GLU A 422 -34.14 -41.03 3.17
C GLU A 422 -33.89 -39.62 3.72
N ARG A 423 -33.09 -39.48 4.77
CA ARG A 423 -32.83 -38.14 5.34
C ARG A 423 -31.85 -37.39 4.43
N GLU A 424 -31.98 -36.07 4.43
CA GLU A 424 -31.10 -35.14 3.68
C GLU A 424 -29.67 -35.33 4.20
N ALA A 425 -28.69 -35.43 3.31
CA ALA A 425 -27.23 -35.35 3.60
C ALA A 425 -26.99 -34.17 4.55
N GLY A 426 -26.31 -34.40 5.68
CA GLY A 426 -26.16 -33.41 6.77
C GLY A 426 -27.14 -33.62 7.92
N TYR A 427 -28.20 -34.45 7.77
CA TYR A 427 -29.21 -34.66 8.84
C TYR A 427 -29.46 -36.15 9.11
N GLN A 428 -28.55 -36.99 8.63
CA GLN A 428 -28.56 -38.44 8.91
C GLN A 428 -27.96 -38.75 10.28
N GLU A 429 -28.07 -40.00 10.70
CA GLU A 429 -27.59 -40.46 12.02
C GLU A 429 -26.09 -40.17 12.13
N ARG A 430 -25.34 -40.36 11.06
CA ARG A 430 -23.88 -40.14 11.04
C ARG A 430 -23.55 -38.66 11.17
N ASP A 431 -24.52 -37.75 11.11
CA ASP A 431 -24.29 -36.28 11.25
C ASP A 431 -24.71 -35.70 12.60
N LEU A 432 -25.46 -36.45 13.42
CA LEU A 432 -26.11 -35.95 14.66
C LEU A 432 -25.06 -35.36 15.61
N THR A 433 -23.89 -36.00 15.75
CA THR A 433 -22.90 -35.47 16.75
C THR A 433 -22.32 -34.15 16.24
N THR A 434 -22.18 -33.96 14.93
CA THR A 434 -21.70 -32.69 14.31
C THR A 434 -22.73 -31.58 14.52
N ILE A 435 -24.01 -31.86 14.34
CA ILE A 435 -25.08 -30.84 14.55
C ILE A 435 -25.05 -30.44 16.03
N GLU A 436 -24.98 -31.44 16.91
CA GLU A 436 -24.92 -31.16 18.36
C GLU A 436 -23.68 -30.32 18.70
N GLY A 437 -22.53 -30.67 18.11
CA GLY A 437 -21.25 -30.00 18.34
C GLY A 437 -21.40 -28.52 17.96
N GLY A 438 -22.07 -28.24 16.84
CA GLY A 438 -22.28 -26.87 16.36
C GLY A 438 -23.09 -26.08 17.36
N LEU A 439 -24.11 -26.69 17.96
CA LEU A 439 -24.98 -26.03 18.98
C LEU A 439 -24.16 -25.71 20.22
N LYS A 440 -23.23 -26.59 20.59
CA LYS A 440 -22.30 -26.44 21.74
C LYS A 440 -21.30 -25.33 21.43
N GLN A 441 -20.69 -25.39 20.26
CA GLN A 441 -19.63 -24.41 19.95
C GLN A 441 -20.25 -23.00 19.87
N MET A 442 -21.52 -22.88 19.51
CA MET A 442 -22.19 -21.56 19.42
C MET A 442 -22.14 -20.83 20.78
N ASP A 443 -22.20 -21.55 21.90
CA ASP A 443 -22.05 -20.95 23.26
C ASP A 443 -20.78 -20.07 23.33
N ARG A 444 -19.71 -20.37 22.58
CA ARG A 444 -18.45 -19.58 22.63
C ARG A 444 -18.37 -18.58 21.48
N ARG A 445 -19.44 -18.43 20.68
CA ARG A 445 -19.39 -17.63 19.44
C ARG A 445 -20.66 -16.79 19.23
N TYR A 446 -21.42 -16.54 20.29
CA TYR A 446 -22.74 -15.86 20.22
C TYR A 446 -22.84 -14.83 21.33
N VAL A 447 -23.18 -13.61 20.96
CA VAL A 447 -23.59 -12.52 21.87
C VAL A 447 -24.86 -11.90 21.27
N ALA A 448 -25.97 -11.91 22.01
CA ALA A 448 -27.28 -11.48 21.49
C ALA A 448 -27.16 -10.09 20.87
N LYS A 449 -26.46 -9.16 21.50
CA LYS A 449 -26.39 -7.73 21.04
C LYS A 449 -25.60 -7.68 19.71
N MET A 450 -24.64 -8.57 19.52
CA MET A 450 -23.93 -8.64 18.22
C MET A 450 -24.83 -9.31 17.18
N ASP A 451 -25.48 -10.43 17.50
CA ASP A 451 -26.37 -11.07 16.52
C ASP A 451 -27.47 -10.09 16.07
N GLN A 452 -28.06 -9.31 16.99
CA GLN A 452 -29.09 -8.29 16.67
C GLN A 452 -28.56 -7.31 15.63
N GLN A 453 -27.32 -6.86 15.76
CA GLN A 453 -26.69 -5.91 14.80
C GLN A 453 -26.50 -6.60 13.44
N LEU A 454 -26.23 -7.91 13.41
CA LEU A 454 -26.03 -8.66 12.14
C LEU A 454 -27.39 -8.88 11.47
N GLN A 455 -28.41 -9.25 12.23
CA GLN A 455 -29.82 -9.32 11.74
C GLN A 455 -30.20 -7.95 11.15
N THR A 456 -30.03 -6.87 11.86
CA THR A 456 -30.33 -5.50 11.37
C THR A 456 -29.58 -5.22 10.06
N TYR A 457 -28.28 -5.47 10.02
CA TYR A 457 -27.46 -5.20 8.82
C TYR A 457 -28.09 -5.88 7.59
N TRP A 458 -28.38 -7.18 7.62
CA TRP A 458 -28.87 -7.90 6.41
C TRP A 458 -30.32 -7.58 6.07
N LEU A 459 -31.20 -7.38 7.04
CA LEU A 459 -32.58 -6.88 6.81
C LEU A 459 -32.52 -5.49 6.16
N ASP A 460 -31.63 -4.63 6.60
CA ASP A 460 -31.49 -3.24 6.11
C ASP A 460 -31.14 -3.31 4.62
N GLN A 461 -30.24 -4.21 4.20
CA GLN A 461 -29.91 -4.41 2.77
C GLN A 461 -31.14 -4.90 2.01
N TYR A 462 -31.92 -5.81 2.61
CA TYR A 462 -33.11 -6.42 1.96
C TYR A 462 -34.20 -5.36 1.72
N VAL A 463 -34.56 -4.57 2.73
CA VAL A 463 -35.64 -3.56 2.60
C VAL A 463 -35.16 -2.39 1.72
N ALA A 464 -33.85 -2.23 1.50
CA ALA A 464 -33.32 -1.16 0.59
C ALA A 464 -33.35 -1.64 -0.86
N LEU A 465 -33.81 -2.87 -1.13
CA LEU A 465 -33.99 -3.40 -2.50
C LEU A 465 -35.24 -2.79 -3.12
N PRO A 466 -35.33 -2.75 -4.48
CA PRO A 466 -36.56 -2.43 -5.17
C PRO A 466 -37.69 -3.42 -4.91
N ALA A 467 -38.91 -2.91 -4.83
CA ALA A 467 -40.14 -3.65 -4.46
C ALA A 467 -40.24 -4.95 -5.25
N ALA A 468 -39.92 -4.96 -6.55
CA ALA A 468 -40.03 -6.17 -7.38
C ALA A 468 -39.13 -7.27 -6.81
N GLN A 469 -37.96 -6.90 -6.24
CA GLN A 469 -36.89 -7.83 -5.80
C GLN A 469 -37.06 -8.29 -4.34
N ARG A 470 -37.53 -7.39 -3.45
CA ARG A 470 -37.82 -7.71 -2.03
C ARG A 470 -39.21 -8.31 -1.96
N ASP A 471 -39.31 -9.55 -2.45
CA ASP A 471 -40.54 -10.33 -2.65
C ASP A 471 -40.48 -11.65 -1.86
N ASN A 472 -39.69 -11.70 -0.78
CA ASN A 472 -39.68 -12.91 0.09
C ASN A 472 -40.95 -12.82 0.94
N GLU A 473 -41.96 -13.62 0.66
CA GLU A 473 -43.32 -13.30 1.21
C GLU A 473 -43.29 -13.47 2.74
N VAL A 474 -42.65 -14.49 3.27
CA VAL A 474 -42.62 -14.71 4.74
C VAL A 474 -41.87 -13.56 5.40
N LEU A 475 -40.74 -13.15 4.86
CA LEU A 475 -39.93 -12.09 5.49
C LEU A 475 -40.70 -10.76 5.41
N ASN A 476 -41.38 -10.50 4.30
CA ASN A 476 -42.25 -9.31 4.12
C ASN A 476 -43.36 -9.31 5.17
N LYS A 477 -43.96 -10.47 5.46
CA LYS A 477 -45.02 -10.54 6.48
C LYS A 477 -44.42 -10.20 7.85
N TRP A 478 -43.23 -10.72 8.18
CA TRP A 478 -42.59 -10.52 9.51
C TRP A 478 -42.08 -9.09 9.65
N LEU A 479 -41.61 -8.49 8.57
CA LEU A 479 -41.16 -7.07 8.59
C LEU A 479 -42.38 -6.15 8.69
N ALA A 480 -43.41 -6.37 7.86
CA ALA A 480 -44.66 -5.58 7.80
C ALA A 480 -44.33 -4.09 7.56
N GLY A 481 -43.40 -3.83 6.65
CA GLY A 481 -42.83 -2.50 6.41
C GLY A 481 -41.57 -2.67 5.60
N SER A 482 -40.95 -1.60 5.14
CA SER A 482 -39.72 -1.62 4.32
C SER A 482 -38.81 -0.46 4.75
N ASP A 483 -38.93 0.00 5.99
CA ASP A 483 -38.14 1.14 6.54
C ASP A 483 -37.41 0.68 7.82
N ALA A 484 -36.59 1.58 8.37
CA ALA A 484 -35.75 1.33 9.57
C ALA A 484 -36.62 0.86 10.73
N ALA A 485 -37.84 1.42 10.86
CA ALA A 485 -38.81 1.12 11.97
C ALA A 485 -39.27 -0.34 11.86
N ALA A 486 -39.40 -0.84 10.65
CA ALA A 486 -39.89 -2.21 10.39
C ALA A 486 -38.77 -3.18 10.77
N VAL A 487 -37.53 -2.86 10.41
CA VAL A 487 -36.33 -3.72 10.69
C VAL A 487 -36.18 -3.83 12.21
N LYS A 488 -36.14 -2.68 12.89
CA LYS A 488 -36.03 -2.58 14.37
C LYS A 488 -37.13 -3.41 15.04
N SER A 489 -38.35 -3.33 14.50
CA SER A 489 -39.54 -4.04 15.02
C SER A 489 -39.31 -5.55 14.93
N LEU A 490 -38.85 -6.07 13.79
CA LEU A 490 -38.64 -7.53 13.63
C LEU A 490 -37.48 -7.99 14.55
N VAL A 491 -36.43 -7.21 14.63
CA VAL A 491 -35.25 -7.58 15.46
C VAL A 491 -35.69 -7.57 16.93
N ASN A 492 -36.47 -6.57 17.33
CA ASN A 492 -37.05 -6.50 18.70
C ASN A 492 -37.85 -7.77 18.98
N LYS A 493 -38.71 -8.20 18.05
CA LYS A 493 -39.55 -9.41 18.24
C LYS A 493 -38.64 -10.64 18.39
N LEU A 494 -37.67 -10.82 17.50
CA LEU A 494 -36.75 -12.01 17.47
C LEU A 494 -35.87 -12.03 18.72
N GLY A 495 -35.66 -10.87 19.35
CA GLY A 495 -34.92 -10.71 20.61
C GLY A 495 -35.56 -11.50 21.73
N GLY A 496 -36.83 -11.91 21.60
CA GLY A 496 -37.52 -12.68 22.63
C GLY A 496 -37.14 -14.14 22.56
N THR A 497 -36.31 -14.55 21.59
CA THR A 497 -35.88 -15.97 21.44
C THR A 497 -35.19 -16.47 22.70
N GLU A 498 -35.37 -17.75 23.01
CA GLU A 498 -34.58 -18.46 24.05
C GLU A 498 -33.40 -19.24 23.46
N LEU A 499 -33.14 -19.20 22.13
CA LEU A 499 -32.12 -20.07 21.51
C LEU A 499 -30.69 -19.59 21.81
N GLY A 500 -30.51 -18.41 22.41
CA GLY A 500 -29.23 -17.98 23.00
C GLY A 500 -28.78 -18.90 24.11
N SER A 501 -29.68 -19.65 24.73
CA SER A 501 -29.38 -20.56 25.85
C SER A 501 -28.95 -21.95 25.33
N LEU A 502 -27.79 -22.41 25.80
CA LEU A 502 -27.23 -23.68 25.30
C LEU A 502 -28.18 -24.78 25.70
N ASP A 503 -28.66 -24.80 26.96
CA ASP A 503 -29.56 -25.88 27.44
C ASP A 503 -30.82 -25.87 26.56
N THR A 504 -31.30 -24.71 26.09
CA THR A 504 -32.52 -24.62 25.26
C THR A 504 -32.23 -25.26 23.90
N ARG A 505 -31.09 -24.92 23.30
CA ARG A 505 -30.71 -25.49 21.99
C ARG A 505 -30.62 -27.02 22.12
N LEU A 506 -30.01 -27.53 23.20
CA LEU A 506 -29.81 -28.99 23.37
C LEU A 506 -31.17 -29.68 23.58
N LYS A 507 -32.15 -29.00 24.15
CA LYS A 507 -33.52 -29.57 24.35
C LYS A 507 -34.19 -29.67 22.97
N TRP A 508 -34.13 -28.59 22.20
CA TRP A 508 -34.69 -28.53 20.83
C TRP A 508 -34.06 -29.59 19.95
N PHE A 509 -32.79 -29.90 20.17
CA PHE A 509 -32.05 -30.89 19.34
C PHE A 509 -32.75 -32.25 19.45
N LYS A 510 -33.41 -32.54 20.57
CA LYS A 510 -34.09 -33.85 20.83
C LYS A 510 -35.59 -33.81 20.52
N ALA A 511 -36.19 -32.65 20.22
CA ALA A 511 -37.66 -32.44 20.18
C ALA A 511 -38.26 -32.94 18.85
N ASP A 512 -39.52 -33.38 18.88
CA ASP A 512 -40.18 -33.77 17.60
C ASP A 512 -40.75 -32.52 16.93
N ARG A 513 -41.18 -32.68 15.68
CA ARG A 513 -41.58 -31.55 14.80
C ARG A 513 -42.83 -30.88 15.38
N ALA A 514 -43.70 -31.60 16.10
CA ALA A 514 -44.93 -30.95 16.63
C ALA A 514 -44.54 -29.93 17.70
N ALA A 515 -43.52 -30.23 18.52
CA ALA A 515 -43.07 -29.32 19.60
C ALA A 515 -42.61 -28.01 18.94
N PHE A 516 -41.88 -28.07 17.83
CA PHE A 516 -41.44 -26.83 17.09
C PHE A 516 -42.67 -26.06 16.62
N GLU A 517 -43.62 -26.77 16.02
CA GLU A 517 -44.81 -26.12 15.42
C GLU A 517 -45.70 -25.48 16.50
N ALA A 518 -45.61 -25.89 17.76
CA ALA A 518 -46.43 -25.31 18.85
C ALA A 518 -45.66 -24.21 19.60
N SER A 519 -44.36 -24.06 19.36
CA SER A 519 -43.52 -23.11 20.13
C SER A 519 -43.96 -21.65 19.87
N ASN A 520 -43.87 -20.81 20.87
CA ASN A 520 -44.14 -19.36 20.68
C ASN A 520 -42.80 -18.63 20.73
N ASP A 521 -41.70 -19.38 20.69
CA ASP A 521 -40.35 -18.78 20.55
C ASP A 521 -40.30 -18.14 19.16
N PRO A 522 -40.05 -16.82 19.04
CA PRO A 522 -40.15 -16.15 17.75
C PRO A 522 -39.20 -16.67 16.66
N ALA A 523 -37.95 -17.00 17.00
CA ALA A 523 -37.00 -17.56 16.00
C ALA A 523 -37.54 -18.91 15.53
N ILE A 524 -38.09 -19.75 16.41
CA ILE A 524 -38.63 -21.08 16.01
C ILE A 524 -39.83 -20.86 15.09
N GLN A 525 -40.68 -19.88 15.41
CA GLN A 525 -41.88 -19.56 14.61
C GLN A 525 -41.41 -19.19 13.20
N TYR A 526 -40.38 -18.35 13.12
CA TYR A 526 -39.78 -17.92 11.84
C TYR A 526 -39.29 -19.12 11.03
N ALA A 527 -38.57 -20.04 11.66
CA ALA A 527 -38.02 -21.24 11.00
C ALA A 527 -39.18 -22.10 10.45
N VAL A 528 -40.23 -22.22 11.23
CA VAL A 528 -41.42 -23.00 10.80
C VAL A 528 -42.06 -22.28 9.61
N ALA A 529 -42.13 -20.96 9.62
CA ALA A 529 -42.76 -20.15 8.55
C ALA A 529 -41.98 -20.29 7.24
N VAL A 530 -40.64 -20.24 7.28
CA VAL A 530 -39.81 -20.17 6.04
C VAL A 530 -39.56 -21.56 5.49
N MET A 531 -39.77 -22.63 6.25
CA MET A 531 -39.25 -23.98 5.87
C MET A 531 -39.91 -24.48 4.59
N PRO A 532 -41.25 -24.30 4.38
CA PRO A 532 -41.85 -24.77 3.13
C PRO A 532 -41.15 -24.17 1.91
N ALA A 533 -40.91 -22.86 1.90
CA ALA A 533 -40.21 -22.21 0.77
C ALA A 533 -38.74 -22.66 0.71
N LEU A 534 -38.09 -22.97 1.84
CA LEU A 534 -36.69 -23.49 1.81
C LEU A 534 -36.68 -24.86 1.12
N LEU A 535 -37.62 -25.74 1.42
CA LEU A 535 -37.63 -27.09 0.78
C LEU A 535 -37.88 -26.96 -0.73
N LYS A 536 -38.76 -26.04 -1.15
CA LYS A 536 -39.07 -25.85 -2.59
C LYS A 536 -37.80 -25.38 -3.31
N GLN A 537 -37.01 -24.50 -2.68
CA GLN A 537 -35.77 -23.93 -3.25
C GLN A 537 -34.72 -25.05 -3.37
N GLU A 538 -34.66 -25.94 -2.37
CA GLU A 538 -33.81 -27.15 -2.39
C GLU A 538 -34.18 -28.04 -3.57
N GLU A 539 -35.46 -28.24 -3.83
CA GLU A 539 -35.92 -29.12 -4.95
C GLU A 539 -35.42 -28.52 -6.26
N GLN A 540 -35.55 -27.20 -6.45
CA GLN A 540 -35.08 -26.48 -7.67
C GLN A 540 -33.57 -26.66 -7.87
N LYS A 541 -32.81 -26.49 -6.80
CA LYS A 541 -31.35 -26.77 -6.78
C LYS A 541 -31.08 -28.22 -7.24
N LYS A 542 -31.76 -29.23 -6.67
CA LYS A 542 -31.56 -30.66 -7.00
C LYS A 542 -31.88 -30.87 -8.49
N ILE A 543 -32.96 -30.25 -9.01
CA ILE A 543 -33.29 -30.29 -10.47
C ILE A 543 -32.10 -29.75 -11.26
N ARG A 544 -31.58 -28.55 -10.93
CA ARG A 544 -30.42 -27.96 -11.65
C ARG A 544 -29.21 -28.90 -11.49
N GLU A 545 -29.03 -29.51 -10.33
CA GLU A 545 -27.93 -30.50 -10.09
C GLU A 545 -28.06 -31.63 -11.11
N GLY A 546 -29.26 -32.23 -11.24
CA GLY A 546 -29.50 -33.35 -12.16
C GLY A 546 -29.21 -32.99 -13.61
N GLU A 547 -29.50 -31.74 -14.01
CA GLU A 547 -29.22 -31.22 -15.38
C GLU A 547 -27.70 -31.13 -15.57
N SER A 548 -26.95 -30.64 -14.59
CA SER A 548 -25.46 -30.56 -14.64
C SER A 548 -24.83 -31.96 -14.62
N LEU A 549 -25.42 -32.95 -13.93
CA LEU A 549 -24.82 -34.32 -13.86
C LEU A 549 -24.61 -34.94 -15.24
N THR A 550 -25.36 -34.54 -16.26
CA THR A 550 -25.07 -35.05 -17.64
C THR A 550 -24.31 -33.98 -18.45
N ALA A 551 -24.61 -32.69 -18.35
CA ALA A 551 -23.98 -31.67 -19.22
C ALA A 551 -22.53 -31.36 -18.76
N ARG A 552 -22.31 -31.20 -17.46
CA ARG A 552 -20.98 -30.72 -16.98
C ARG A 552 -19.89 -31.71 -17.37
N PRO A 553 -20.03 -33.03 -17.15
CA PRO A 553 -18.97 -33.96 -17.52
C PRO A 553 -18.66 -33.93 -19.03
N LEU A 554 -19.68 -33.84 -19.88
CA LEU A 554 -19.44 -33.87 -21.34
C LEU A 554 -18.63 -32.63 -21.73
N TYR A 555 -19.01 -31.44 -21.26
CA TYR A 555 -18.29 -30.20 -21.65
C TYR A 555 -16.87 -30.17 -21.08
N LEU A 556 -16.72 -30.58 -19.82
CA LEU A 556 -15.40 -30.48 -19.12
C LEU A 556 -14.44 -31.49 -19.70
N GLN A 557 -14.92 -32.65 -20.13
CA GLN A 557 -14.10 -33.63 -20.85
C GLN A 557 -13.61 -32.98 -22.17
N ALA A 558 -14.49 -32.32 -22.93
CA ALA A 558 -14.05 -31.63 -24.17
C ALA A 558 -12.96 -30.59 -23.83
N VAL A 559 -13.13 -29.73 -22.81
CA VAL A 559 -12.08 -28.71 -22.45
C VAL A 559 -10.76 -29.43 -22.15
N ALA A 560 -10.78 -30.56 -21.44
CA ALA A 560 -9.59 -31.36 -21.07
C ALA A 560 -8.92 -31.94 -22.33
N ASP A 561 -9.71 -32.54 -23.21
CA ASP A 561 -9.23 -33.07 -24.51
C ASP A 561 -8.54 -31.94 -25.29
N TYR A 562 -9.17 -30.78 -25.40
CA TYR A 562 -8.65 -29.59 -26.10
C TYR A 562 -7.34 -29.13 -25.45
N LYS A 563 -7.33 -29.00 -24.11
CA LYS A 563 -6.11 -28.68 -23.32
C LYS A 563 -5.03 -29.72 -23.66
N LYS A 564 -5.35 -31.01 -23.73
CA LYS A 564 -4.33 -32.05 -23.99
C LYS A 564 -3.78 -31.87 -25.42
N SER A 565 -4.64 -31.57 -26.40
CA SER A 565 -4.27 -31.33 -27.82
C SER A 565 -3.33 -30.12 -27.94
N GLN A 566 -3.41 -29.17 -26.99
CA GLN A 566 -2.59 -27.93 -26.95
C GLN A 566 -1.34 -28.10 -26.08
N GLY A 567 -1.01 -29.33 -25.65
CA GLY A 567 0.15 -29.64 -24.80
C GLY A 567 0.08 -29.03 -23.40
N GLU A 568 -1.10 -28.62 -22.93
CA GLU A 568 -1.27 -27.98 -21.58
C GLU A 568 -1.42 -29.06 -20.49
N PHE A 569 -1.11 -28.72 -19.24
CA PHE A 569 -1.24 -29.62 -18.07
C PHE A 569 -2.74 -29.87 -17.79
N VAL A 570 -3.10 -31.14 -17.62
CA VAL A 570 -4.51 -31.58 -17.36
C VAL A 570 -4.55 -32.27 -15.98
N TYR A 571 -5.27 -31.65 -15.07
CA TYR A 571 -5.44 -32.12 -13.67
C TYR A 571 -6.78 -31.55 -13.22
N PRO A 572 -7.49 -32.25 -12.33
CA PRO A 572 -8.82 -31.80 -11.90
C PRO A 572 -8.79 -30.56 -11.01
N ASP A 573 -9.83 -29.74 -11.11
CA ASP A 573 -10.05 -28.65 -10.14
C ASP A 573 -10.04 -29.29 -8.74
N ALA A 574 -9.52 -28.55 -7.76
CA ALA A 574 -9.52 -28.98 -6.34
C ALA A 574 -10.96 -29.30 -5.91
N ASN A 575 -11.12 -30.35 -5.11
CA ASN A 575 -12.47 -30.73 -4.66
C ASN A 575 -12.42 -31.26 -3.22
N LEU A 576 -11.50 -30.75 -2.39
CA LEU A 576 -11.31 -31.13 -0.97
C LEU A 576 -10.63 -32.49 -0.82
N SER A 577 -10.09 -33.09 -1.87
CA SER A 577 -9.39 -34.38 -1.78
C SER A 577 -7.86 -34.17 -1.82
N LEU A 578 -7.10 -35.23 -1.59
CA LEU A 578 -5.61 -35.23 -1.41
C LEU A 578 -4.92 -34.94 -2.75
N ARG A 579 -4.10 -33.89 -2.79
CA ARG A 579 -3.34 -33.55 -4.01
C ARG A 579 -1.87 -33.36 -3.69
N ILE A 580 -1.02 -33.57 -4.71
CA ILE A 580 0.45 -33.34 -4.63
C ILE A 580 0.80 -32.14 -5.54
N THR A 581 1.62 -31.22 -5.04
CA THR A 581 2.20 -30.13 -5.85
C THR A 581 3.69 -30.07 -5.52
N PHE A 582 4.51 -29.67 -6.50
CA PHE A 582 5.97 -29.63 -6.33
C PHE A 582 6.53 -28.45 -7.10
N GLY A 583 7.79 -28.17 -6.80
CA GLY A 583 8.53 -27.07 -7.42
C GLY A 583 9.80 -26.80 -6.68
N ASN A 584 10.20 -25.54 -6.66
CA ASN A 584 11.48 -25.16 -6.05
C ASN A 584 11.30 -23.87 -5.27
N VAL A 585 12.19 -23.67 -4.32
CA VAL A 585 12.26 -22.41 -3.55
C VAL A 585 12.67 -21.31 -4.53
N MET A 586 11.87 -20.26 -4.68
CA MET A 586 12.26 -19.16 -5.61
C MET A 586 11.37 -17.95 -5.40
N GLY A 587 11.94 -16.78 -5.67
CA GLY A 587 11.17 -15.53 -5.62
C GLY A 587 10.38 -15.29 -6.88
N TYR A 588 10.00 -14.03 -7.09
CA TYR A 588 9.25 -13.62 -8.28
C TYR A 588 9.51 -12.14 -8.47
N GLY A 589 9.07 -11.55 -9.57
CA GLY A 589 9.31 -10.10 -9.79
C GLY A 589 8.16 -9.42 -10.48
N LYS A 590 8.13 -8.08 -10.38
CA LYS A 590 7.32 -7.11 -11.14
C LYS A 590 8.32 -6.10 -11.69
N ASP A 591 7.92 -5.21 -12.57
CA ASP A 591 8.83 -4.19 -13.13
C ASP A 591 9.50 -3.39 -12.00
N GLY A 592 10.84 -3.38 -11.96
CA GLY A 592 11.65 -2.65 -10.95
C GLY A 592 11.72 -3.31 -9.58
N VAL A 593 11.30 -4.56 -9.44
CA VAL A 593 11.32 -5.25 -8.11
C VAL A 593 11.65 -6.73 -8.34
N LYS A 594 12.57 -7.29 -7.56
CA LYS A 594 12.72 -8.77 -7.44
C LYS A 594 12.46 -9.16 -5.98
N TYR A 595 11.45 -9.98 -5.73
CA TYR A 595 11.18 -10.51 -4.36
C TYR A 595 12.07 -11.72 -4.16
N THR A 596 12.88 -11.69 -3.09
CA THR A 596 13.88 -12.75 -2.83
C THR A 596 13.16 -13.87 -2.08
N PRO A 597 13.65 -15.12 -2.16
CA PRO A 597 12.86 -16.25 -1.66
C PRO A 597 12.70 -16.39 -0.15
N PHE A 598 13.50 -15.69 0.67
CA PHE A 598 13.42 -15.78 2.15
C PHE A 598 13.24 -14.42 2.79
N THR A 599 12.48 -14.40 3.89
CA THR A 599 12.56 -13.33 4.91
C THR A 599 13.40 -13.86 6.07
N THR A 600 13.82 -12.96 6.94
CA THR A 600 14.75 -13.25 8.07
C THR A 600 14.27 -12.54 9.34
N LEU A 601 14.90 -12.85 10.46
CA LEU A 601 14.52 -12.30 11.79
C LEU A 601 14.57 -10.77 11.78
N GLU A 602 15.57 -10.21 11.10
CA GLU A 602 15.80 -8.72 11.07
C GLU A 602 14.61 -8.05 10.41
N GLY A 603 13.99 -8.73 9.45
CA GLY A 603 12.77 -8.22 8.80
C GLY A 603 11.60 -8.15 9.74
N VAL A 604 11.40 -9.14 10.63
CA VAL A 604 10.34 -9.04 11.67
C VAL A 604 10.54 -7.76 12.52
N ALA A 605 11.76 -7.56 13.05
CA ALA A 605 12.06 -6.40 13.92
C ALA A 605 11.91 -5.09 13.13
N ALA A 606 12.25 -5.06 11.84
CA ALA A 606 12.19 -3.80 11.07
C ALA A 606 10.72 -3.42 10.89
N LYS A 607 9.77 -4.34 11.00
CA LYS A 607 8.33 -3.98 10.85
C LYS A 607 7.71 -3.58 12.20
N GLU A 608 8.48 -3.64 13.29
CA GLU A 608 7.92 -3.35 14.65
C GLU A 608 7.42 -1.90 14.72
N THR A 609 6.21 -1.72 15.26
CA THR A 609 5.65 -0.40 15.58
C THR A 609 5.19 -0.37 17.04
N GLY A 610 5.07 -1.51 17.70
CA GLY A 610 4.50 -1.58 19.06
C GLY A 610 2.99 -1.49 19.07
N GLU A 611 2.32 -1.52 17.91
CA GLU A 611 0.85 -1.40 17.81
C GLU A 611 0.35 -2.59 16.98
N ASP A 612 -0.73 -3.21 17.41
CA ASP A 612 -1.34 -4.36 16.69
C ASP A 612 -1.53 -3.92 15.25
N PRO A 613 -1.17 -4.70 14.19
CA PRO A 613 -0.64 -6.07 14.31
C PRO A 613 0.88 -6.22 14.13
N PHE A 614 1.63 -5.17 14.38
CA PHE A 614 3.11 -5.19 14.30
C PHE A 614 3.70 -4.94 15.69
N ASP A 615 3.27 -5.75 16.64
CA ASP A 615 3.65 -5.67 18.08
C ASP A 615 4.22 -7.03 18.48
N SER A 616 5.45 -7.35 18.06
CA SER A 616 6.11 -8.64 18.42
C SER A 616 6.35 -8.73 19.91
N PRO A 617 6.41 -9.96 20.48
CA PRO A 617 6.78 -10.11 21.89
C PRO A 617 8.17 -9.49 22.14
N LYS A 618 8.36 -8.96 23.34
CA LYS A 618 9.62 -8.31 23.76
C LYS A 618 10.77 -9.32 23.65
N ALA A 619 10.50 -10.58 24.01
CA ALA A 619 11.51 -11.65 23.98
C ALA A 619 12.00 -11.81 22.53
N LEU A 620 11.15 -11.62 21.53
CA LEU A 620 11.59 -11.74 20.11
C LEU A 620 12.48 -10.54 19.76
N LEU A 621 12.03 -9.31 20.07
CA LEU A 621 12.78 -8.09 19.70
C LEU A 621 14.16 -8.11 20.37
N ASP A 622 14.19 -8.55 21.63
CA ASP A 622 15.43 -8.70 22.45
C ASP A 622 16.35 -9.72 21.78
N ALA A 623 15.82 -10.86 21.30
CA ALA A 623 16.65 -11.93 20.73
C ALA A 623 17.20 -11.50 19.38
N VAL A 624 16.41 -10.79 18.58
CA VAL A 624 16.88 -10.29 17.24
C VAL A 624 17.97 -9.23 17.45
N LYS A 625 17.80 -8.36 18.44
CA LYS A 625 18.76 -7.27 18.70
C LYS A 625 20.10 -7.89 19.13
N ALA A 626 20.09 -9.00 19.87
CA ALA A 626 21.30 -9.71 20.36
C ALA A 626 21.84 -10.70 19.31
N LYS A 627 21.14 -10.87 18.20
CA LYS A 627 21.43 -11.90 17.17
C LYS A 627 21.49 -13.28 17.85
N ARG A 628 20.60 -13.56 18.78
CA ARG A 628 20.47 -14.91 19.38
C ARG A 628 19.79 -15.84 18.37
N TYR A 629 20.55 -16.51 17.51
CA TYR A 629 20.02 -17.29 16.38
C TYR A 629 19.90 -18.76 16.80
N GLY A 630 20.40 -19.11 17.97
CA GLY A 630 20.00 -20.34 18.68
C GLY A 630 20.43 -21.59 17.93
N GLY A 631 21.46 -21.47 17.10
CA GLY A 631 22.00 -22.60 16.31
C GLY A 631 21.24 -22.82 15.02
N LEU A 632 20.37 -21.88 14.61
CA LEU A 632 19.46 -22.08 13.45
C LEU A 632 19.83 -21.16 12.31
N GLU A 633 20.90 -20.37 12.42
CA GLU A 633 21.25 -19.39 11.37
C GLU A 633 21.56 -20.19 10.10
N ASP A 634 21.06 -19.71 8.98
CA ASP A 634 21.46 -20.20 7.65
C ASP A 634 22.54 -19.22 7.21
N LYS A 635 23.80 -19.68 7.10
CA LYS A 635 24.94 -18.77 6.76
C LYS A 635 24.71 -18.15 5.38
N ARG A 636 23.96 -18.80 4.48
CA ARG A 636 23.66 -18.20 3.16
C ARG A 636 22.82 -16.93 3.31
N LEU A 637 22.03 -16.80 4.38
CA LEU A 637 21.13 -15.64 4.59
C LEU A 637 21.75 -14.69 5.60
N GLY A 638 22.64 -15.20 6.45
CA GLY A 638 23.26 -14.44 7.56
C GLY A 638 22.28 -14.26 8.71
N SER A 639 21.17 -15.00 8.71
CA SER A 639 20.15 -14.94 9.78
C SER A 639 19.35 -16.24 9.81
N VAL A 640 18.37 -16.31 10.72
CA VAL A 640 17.41 -17.43 10.77
C VAL A 640 16.30 -17.09 9.79
N PRO A 641 15.95 -17.96 8.83
CA PRO A 641 14.81 -17.67 7.95
C PRO A 641 13.48 -17.71 8.69
N VAL A 642 12.51 -16.97 8.18
CA VAL A 642 11.19 -16.76 8.82
C VAL A 642 10.17 -17.37 7.86
N ASN A 643 10.00 -16.79 6.68
CA ASN A 643 9.08 -17.34 5.65
C ASN A 643 9.86 -17.52 4.34
N PHE A 644 9.32 -18.32 3.43
CA PHE A 644 9.92 -18.53 2.09
C PHE A 644 8.85 -18.68 1.04
N LEU A 645 9.28 -18.39 -0.20
CA LEU A 645 8.49 -18.48 -1.44
C LEU A 645 8.90 -19.71 -2.25
N SER A 646 7.93 -20.27 -2.95
CA SER A 646 8.17 -21.36 -3.92
C SER A 646 7.06 -21.37 -4.94
N ASN A 647 7.34 -21.97 -6.10
CA ASN A 647 6.38 -21.98 -7.24
C ASN A 647 5.56 -23.28 -7.12
N LEU A 648 4.86 -23.47 -6.01
CA LEU A 648 3.93 -24.61 -5.87
C LEU A 648 2.54 -24.04 -6.14
N ASP A 649 1.61 -24.96 -6.32
CA ASP A 649 0.23 -24.64 -6.75
C ASP A 649 -0.71 -25.06 -5.63
N ILE A 650 -1.02 -24.15 -4.73
CA ILE A 650 -1.89 -24.45 -3.56
C ILE A 650 -3.06 -23.48 -3.58
N THR A 651 -4.04 -23.77 -2.73
CA THR A 651 -5.21 -22.88 -2.55
C THR A 651 -5.85 -23.13 -1.19
N GLY A 652 -6.94 -22.43 -0.87
CA GLY A 652 -7.64 -22.59 0.42
C GLY A 652 -7.83 -24.07 0.69
N GLY A 653 -7.56 -24.55 1.89
CA GLY A 653 -7.57 -25.98 2.25
C GLY A 653 -6.15 -26.47 2.43
N ASN A 654 -5.20 -25.94 1.68
CA ASN A 654 -3.77 -26.34 1.79
C ASN A 654 -3.10 -25.67 2.98
N SER A 655 -3.73 -24.69 3.64
CA SER A 655 -3.09 -24.17 4.88
C SER A 655 -2.79 -25.34 5.83
N GLY A 656 -1.58 -25.33 6.36
CA GLY A 656 -1.12 -26.34 7.31
C GLY A 656 -0.49 -27.50 6.62
N SER A 657 -0.41 -27.51 5.30
CA SER A 657 0.22 -28.63 4.57
C SER A 657 1.71 -28.61 4.90
N PRO A 658 2.28 -29.79 5.14
CA PRO A 658 3.72 -29.93 5.38
C PRO A 658 4.42 -29.69 4.03
N VAL A 659 5.49 -28.94 4.06
CA VAL A 659 6.38 -28.76 2.89
C VAL A 659 7.55 -29.72 3.12
N LEU A 660 7.71 -30.65 2.21
CA LEU A 660 8.75 -31.69 2.29
C LEU A 660 9.88 -31.31 1.32
N ASP A 661 11.10 -31.61 1.71
CA ASP A 661 12.31 -31.40 0.88
C ASP A 661 12.53 -32.67 0.05
N ALA A 662 13.69 -32.72 -0.60
CA ALA A 662 14.06 -33.79 -1.55
C ALA A 662 14.05 -35.16 -0.87
N ASN A 663 14.24 -35.24 0.45
CA ASN A 663 14.30 -36.51 1.21
C ASN A 663 13.03 -36.71 2.08
N GLY A 664 11.95 -35.95 1.82
CA GLY A 664 10.65 -36.10 2.50
C GLY A 664 10.65 -35.65 3.95
N LYS A 665 11.61 -34.80 4.34
CA LYS A 665 11.66 -34.19 5.70
C LYS A 665 10.92 -32.85 5.68
N LEU A 666 10.40 -32.46 6.83
CA LEU A 666 9.60 -31.22 6.97
C LEU A 666 10.51 -29.97 6.98
N VAL A 667 10.35 -29.04 6.04
CA VAL A 667 11.13 -27.78 6.00
C VAL A 667 10.22 -26.60 6.32
N GLY A 668 8.90 -26.81 6.44
CA GLY A 668 7.98 -25.73 6.73
C GLY A 668 6.53 -26.13 6.54
N LEU A 669 5.64 -25.18 6.77
CA LEU A 669 4.18 -25.32 6.54
C LEU A 669 3.77 -24.32 5.49
N ALA A 670 2.95 -24.77 4.58
CA ALA A 670 2.23 -23.87 3.66
C ALA A 670 1.30 -23.02 4.49
N PHE A 671 1.15 -21.73 4.18
CA PHE A 671 0.07 -20.99 4.88
C PHE A 671 -0.58 -19.92 4.02
N ASP A 672 0.08 -19.40 2.98
CA ASP A 672 -0.56 -18.29 2.22
C ASP A 672 -0.02 -18.22 0.79
N GLY A 673 -0.53 -17.26 0.03
CA GLY A 673 0.04 -16.97 -1.30
C GLY A 673 0.32 -15.50 -1.38
N ASN A 674 1.15 -15.11 -2.33
CA ASN A 674 1.39 -13.67 -2.60
C ASN A 674 0.19 -13.01 -3.27
N TRP A 675 0.18 -11.69 -3.29
CA TRP A 675 -0.98 -10.91 -3.75
C TRP A 675 -1.38 -11.38 -5.14
N GLU A 676 -0.39 -11.53 -6.02
CA GLU A 676 -0.60 -11.79 -7.47
C GLU A 676 -1.02 -13.24 -7.70
N SER A 677 -0.91 -14.14 -6.70
CA SER A 677 -1.27 -15.59 -6.81
C SER A 677 -2.77 -15.83 -6.77
N VAL A 678 -3.57 -14.94 -6.18
CA VAL A 678 -4.94 -15.36 -5.72
C VAL A 678 -5.88 -15.55 -6.91
N SER A 679 -5.64 -14.86 -8.05
CA SER A 679 -6.46 -14.99 -9.27
C SER A 679 -6.24 -16.37 -9.93
N SER A 680 -5.19 -17.09 -9.55
CA SER A 680 -4.89 -18.43 -10.09
C SER A 680 -6.02 -19.42 -9.74
N ASN A 681 -6.89 -19.08 -8.80
CA ASN A 681 -8.14 -19.82 -8.59
C ASN A 681 -8.91 -20.01 -9.91
N TRP A 682 -8.88 -19.01 -10.80
CA TRP A 682 -9.65 -18.94 -12.07
C TRP A 682 -8.72 -19.16 -13.27
N VAL A 683 -7.55 -18.55 -13.30
CA VAL A 683 -6.61 -18.65 -14.45
C VAL A 683 -5.19 -18.73 -13.88
N PHE A 684 -4.55 -19.88 -14.00
CA PHE A 684 -3.24 -20.09 -13.34
C PHE A 684 -2.19 -19.20 -14.02
N ASP A 685 -1.43 -18.43 -13.23
CA ASP A 685 -0.29 -17.63 -13.77
C ASP A 685 1.02 -18.19 -13.19
N PRO A 686 1.89 -18.85 -13.99
CA PRO A 686 3.13 -19.39 -13.45
C PRO A 686 4.14 -18.32 -13.02
N VAL A 687 4.07 -17.12 -13.58
CA VAL A 687 5.13 -16.11 -13.41
C VAL A 687 5.00 -15.47 -12.00
N MET A 688 3.79 -15.25 -11.49
CA MET A 688 3.64 -14.51 -10.22
C MET A 688 2.85 -15.33 -9.19
N THR A 689 2.63 -16.63 -9.42
CA THR A 689 2.01 -17.53 -8.43
C THR A 689 3.06 -18.17 -7.53
N ARG A 690 3.04 -17.81 -6.23
CA ARG A 690 3.97 -18.38 -5.25
C ARG A 690 3.22 -18.82 -3.99
N MET A 691 3.71 -19.91 -3.41
CA MET A 691 3.26 -20.35 -2.06
C MET A 691 4.15 -19.59 -1.08
N ILE A 692 3.59 -19.16 0.03
CA ILE A 692 4.32 -18.61 1.20
C ILE A 692 4.21 -19.66 2.30
N ALA A 693 5.36 -20.09 2.79
CA ALA A 693 5.49 -21.12 3.83
C ALA A 693 6.26 -20.55 5.01
N VAL A 694 5.96 -21.08 6.20
CA VAL A 694 6.79 -20.74 7.37
C VAL A 694 7.94 -21.75 7.48
N ASP A 695 9.17 -21.29 7.65
CA ASP A 695 10.37 -22.16 7.74
C ASP A 695 10.30 -22.95 9.06
N SER A 696 10.55 -24.26 9.03
CA SER A 696 10.64 -25.12 10.23
C SER A 696 11.70 -24.55 11.18
N ARG A 697 12.73 -23.89 10.64
CA ARG A 697 13.76 -23.25 11.51
C ARG A 697 13.15 -22.11 12.32
N TYR A 698 12.24 -21.34 11.76
CA TYR A 698 11.58 -20.25 12.55
C TYR A 698 10.63 -20.83 13.60
N MET A 699 9.87 -21.88 13.24
CA MET A 699 9.05 -22.63 14.23
C MET A 699 9.94 -23.05 15.41
N GLN A 700 11.09 -23.65 15.12
CA GLN A 700 12.02 -24.07 16.21
C GLN A 700 12.52 -22.85 17.00
N TRP A 701 12.92 -21.79 16.32
CA TRP A 701 13.46 -20.57 16.96
C TRP A 701 12.43 -19.96 17.91
N ILE A 702 11.16 -19.87 17.49
CA ILE A 702 10.10 -19.29 18.34
C ILE A 702 9.95 -20.15 19.59
N MET A 703 9.97 -21.47 19.43
CA MET A 703 9.73 -22.40 20.57
C MET A 703 10.99 -22.47 21.45
N GLN A 704 12.14 -22.05 20.96
CA GLN A 704 13.38 -21.97 21.78
C GLN A 704 13.55 -20.63 22.47
N GLU A 705 13.40 -19.52 21.73
CA GLU A 705 13.92 -18.19 22.15
C GLU A 705 12.78 -17.26 22.59
N VAL A 706 11.52 -17.50 22.21
CA VAL A 706 10.46 -16.47 22.31
C VAL A 706 9.30 -16.97 23.16
N ALA A 707 8.62 -18.04 22.73
CA ALA A 707 7.44 -18.57 23.42
C ALA A 707 7.77 -20.04 23.69
N PRO A 708 8.51 -20.30 24.78
CA PRO A 708 9.13 -21.59 24.99
C PRO A 708 8.15 -22.77 25.13
N ALA A 709 8.54 -23.87 24.47
CA ALA A 709 7.86 -25.17 24.53
C ALA A 709 8.94 -26.24 24.65
N PRO A 710 9.70 -26.31 25.76
CA PRO A 710 10.79 -27.27 25.89
C PRO A 710 10.34 -28.75 25.74
N GLN A 711 9.14 -29.06 26.24
CA GLN A 711 8.56 -30.44 26.24
C GLN A 711 8.23 -30.83 24.80
N LEU A 712 7.89 -29.85 23.97
CA LEU A 712 7.55 -30.04 22.57
C LEU A 712 8.84 -30.21 21.76
N LEU A 713 9.88 -29.42 22.03
CA LEU A 713 11.17 -29.50 21.29
C LEU A 713 11.79 -30.88 21.56
N LYS A 714 11.58 -31.38 22.77
CA LYS A 714 12.03 -32.74 23.18
C LYS A 714 11.22 -33.79 22.44
N GLU A 715 9.91 -33.61 22.34
CA GLU A 715 9.05 -34.63 21.66
C GLU A 715 9.42 -34.71 20.18
N LEU A 716 9.80 -33.58 19.57
CA LEU A 716 10.21 -33.46 18.15
C LEU A 716 11.68 -33.87 17.93
N ASN A 717 12.40 -34.26 19.00
CA ASN A 717 13.86 -34.55 18.96
C ASN A 717 14.62 -33.34 18.42
N LEU A 718 14.28 -32.14 18.85
CA LEU A 718 14.94 -30.89 18.39
C LEU A 718 15.78 -30.25 19.52
N ALA A 719 15.69 -30.76 20.74
CA ALA A 719 16.68 -30.50 21.81
C ALA A 719 16.32 -31.41 22.97
N ALA B 23 26.95 8.48 -3.46
CA ALA B 23 27.80 9.02 -2.35
C ALA B 23 27.05 10.12 -1.58
N GLU B 24 27.24 10.18 -0.26
CA GLU B 24 26.71 11.28 0.58
C GLU B 24 27.34 12.60 0.14
N GLY B 25 26.62 13.70 0.32
CA GLY B 25 27.17 15.06 0.25
C GLY B 25 26.50 15.86 -0.83
N MET B 26 26.01 17.04 -0.46
CA MET B 26 25.68 18.16 -1.38
C MET B 26 26.90 19.10 -1.40
N TRP B 27 27.91 18.72 -2.17
CA TRP B 27 29.25 19.37 -2.22
C TRP B 27 29.16 20.69 -2.99
N VAL B 28 29.58 21.80 -2.38
CA VAL B 28 29.74 23.10 -3.08
C VAL B 28 30.90 22.98 -4.07
N PRO B 29 30.95 23.79 -5.14
CA PRO B 29 31.99 23.61 -6.18
C PRO B 29 33.43 23.72 -5.68
N GLN B 30 33.67 24.42 -4.57
CA GLN B 30 35.01 24.66 -3.97
C GLN B 30 35.57 23.36 -3.37
N GLN B 31 34.71 22.38 -3.09
CA GLN B 31 35.11 21.09 -2.47
C GLN B 31 35.47 20.08 -3.56
N LEU B 32 35.48 20.50 -4.82
CA LEU B 32 35.82 19.62 -5.97
C LEU B 32 37.20 18.98 -5.78
N PRO B 33 38.18 19.70 -5.18
CA PRO B 33 39.45 19.07 -4.77
C PRO B 33 39.21 17.84 -3.88
N GLU B 34 38.41 18.01 -2.83
CA GLU B 34 38.09 16.95 -1.84
C GLU B 34 37.51 15.70 -2.53
N ILE B 35 36.65 15.88 -3.54
CA ILE B 35 35.81 14.77 -4.10
C ILE B 35 36.34 14.32 -5.46
N ALA B 36 37.43 14.93 -5.95
CA ALA B 36 38.02 14.62 -7.27
C ALA B 36 38.44 13.14 -7.34
N GLY B 37 38.95 12.59 -6.23
CA GLY B 37 39.27 11.15 -6.12
C GLY B 37 38.03 10.28 -6.23
N PRO B 38 37.11 10.36 -5.25
CA PRO B 38 35.83 9.67 -5.32
C PRO B 38 35.14 9.76 -6.70
N LEU B 39 35.07 10.97 -7.28
CA LEU B 39 34.51 11.21 -8.63
C LEU B 39 35.14 10.23 -9.65
N GLN B 40 36.47 10.06 -9.65
CA GLN B 40 37.16 9.17 -10.61
C GLN B 40 36.99 7.70 -10.19
N LYS B 41 37.03 7.39 -8.89
CA LYS B 41 36.87 6.00 -8.38
C LYS B 41 35.46 5.50 -8.72
N ALA B 42 34.48 6.43 -8.77
CA ALA B 42 33.06 6.21 -9.14
C ALA B 42 32.89 6.02 -10.65
N GLY B 43 33.74 6.64 -11.49
CA GLY B 43 33.82 6.34 -12.94
C GLY B 43 33.64 7.56 -13.83
N LEU B 44 33.92 8.76 -13.32
CA LEU B 44 33.89 10.07 -14.04
C LEU B 44 35.00 10.07 -15.09
N LYS B 45 34.68 10.34 -16.36
CA LYS B 45 35.63 10.33 -17.52
C LYS B 45 36.15 11.75 -17.77
N LEU B 46 35.29 12.77 -17.60
CA LEU B 46 35.68 14.20 -17.45
C LEU B 46 36.76 14.32 -16.38
N SER B 47 37.51 15.42 -16.40
CA SER B 47 38.47 15.79 -15.33
C SER B 47 37.74 16.64 -14.31
N PRO B 48 38.00 16.50 -12.98
CA PRO B 48 37.38 17.35 -11.97
C PRO B 48 37.67 18.84 -12.10
N GLU B 49 38.76 19.21 -12.79
CA GLU B 49 39.12 20.62 -13.14
C GLU B 49 38.01 21.20 -14.01
N GLN B 50 37.53 20.40 -14.97
CA GLN B 50 36.49 20.79 -15.97
C GLN B 50 35.18 21.15 -15.25
N LEU B 51 34.90 20.54 -14.09
CA LEU B 51 33.66 20.82 -13.29
C LEU B 51 33.81 22.14 -12.54
N ALA B 52 35.04 22.50 -12.15
CA ALA B 52 35.37 23.69 -11.31
C ALA B 52 34.94 24.96 -12.05
N ASN B 53 34.95 24.90 -13.37
CA ASN B 53 34.61 26.02 -14.28
C ASN B 53 33.09 26.07 -14.42
N LEU B 54 32.44 26.89 -13.60
CA LEU B 54 30.96 26.94 -13.43
C LEU B 54 30.31 27.56 -14.67
N THR B 55 31.03 28.41 -15.40
CA THR B 55 30.56 29.08 -16.63
C THR B 55 30.91 28.23 -17.86
N GLY B 56 31.58 27.09 -17.66
CA GLY B 56 32.09 26.22 -18.75
C GLY B 56 31.13 25.09 -19.07
N ASP B 57 31.53 24.22 -20.00
CA ASP B 57 30.81 22.96 -20.37
C ASP B 57 31.24 21.89 -19.38
N PRO B 58 30.32 21.17 -18.67
CA PRO B 58 28.86 21.33 -18.82
C PRO B 58 28.13 22.16 -17.75
N MET B 59 28.84 22.56 -16.70
CA MET B 59 28.26 23.21 -15.51
C MET B 59 27.55 24.52 -15.88
N GLY B 60 27.96 25.22 -16.94
CA GLY B 60 27.32 26.48 -17.39
C GLY B 60 25.96 26.26 -18.02
N ALA B 61 25.65 25.04 -18.45
CA ALA B 61 24.34 24.65 -19.04
C ALA B 61 23.27 24.51 -17.94
N VAL B 62 23.69 24.40 -16.68
CA VAL B 62 22.82 24.17 -15.48
C VAL B 62 22.29 25.52 -15.00
N VAL B 63 20.98 25.66 -14.87
CA VAL B 63 20.31 26.94 -14.45
C VAL B 63 19.39 26.70 -13.25
N ALA B 64 19.09 27.78 -12.51
CA ALA B 64 18.14 27.79 -11.38
C ALA B 64 16.82 28.38 -11.88
N LEU B 65 15.68 27.81 -11.47
CA LEU B 65 14.36 28.39 -11.79
C LEU B 65 13.77 29.05 -10.54
N GLY B 66 14.47 29.01 -9.41
CA GLY B 66 13.95 29.42 -8.07
C GLY B 66 12.92 28.43 -7.56
N GLY B 67 13.35 27.37 -6.89
CA GLY B 67 12.48 26.27 -6.41
C GLY B 67 12.65 25.00 -7.23
N CYS B 68 13.27 25.08 -8.39
CA CYS B 68 13.54 23.94 -9.30
C CYS B 68 14.87 24.21 -10.00
N THR B 69 15.54 23.17 -10.46
CA THR B 69 16.73 23.23 -11.33
C THR B 69 16.27 22.95 -12.75
N ALA B 70 17.05 23.38 -13.74
CA ALA B 70 16.78 23.08 -15.16
C ALA B 70 18.13 23.14 -15.87
N SER B 71 18.13 22.95 -17.19
CA SER B 71 19.37 22.96 -18.01
C SER B 71 19.04 23.36 -19.46
N PHE B 72 19.96 24.10 -20.05
CA PHE B 72 19.96 24.44 -21.50
C PHE B 72 20.31 23.19 -22.29
N VAL B 73 19.50 22.83 -23.28
CA VAL B 73 19.67 21.63 -24.15
C VAL B 73 19.72 22.01 -25.64
N SER B 74 19.95 23.28 -25.99
CA SER B 74 19.99 23.76 -27.41
C SER B 74 20.59 25.15 -27.47
N PRO B 75 21.22 25.51 -28.61
CA PRO B 75 21.80 26.85 -28.78
C PRO B 75 20.74 27.95 -28.89
N GLN B 76 19.46 27.59 -29.08
CA GLN B 76 18.32 28.54 -29.11
C GLN B 76 17.62 28.61 -27.74
N GLY B 77 18.38 28.51 -26.65
CA GLY B 77 17.89 28.68 -25.26
C GLY B 77 16.80 27.68 -24.87
N LEU B 78 16.74 26.51 -25.51
CA LEU B 78 15.82 25.41 -25.10
C LEU B 78 16.21 24.90 -23.70
N VAL B 79 15.24 24.83 -22.81
CA VAL B 79 15.46 24.53 -21.36
C VAL B 79 14.65 23.27 -21.01
N VAL B 80 15.29 22.30 -20.35
CA VAL B 80 14.58 21.07 -19.87
C VAL B 80 14.52 21.04 -18.33
N THR B 81 13.37 20.65 -17.82
CA THR B 81 13.05 20.52 -16.37
C THR B 81 12.03 19.41 -16.18
N ASN B 82 11.53 19.19 -14.97
CA ASN B 82 10.43 18.23 -14.71
C ASN B 82 9.08 18.83 -15.07
N HIS B 83 8.12 17.97 -15.37
CA HIS B 83 6.67 18.28 -15.51
C HIS B 83 6.16 18.91 -14.21
N HIS B 84 6.46 18.36 -13.02
CA HIS B 84 5.91 18.92 -11.74
C HIS B 84 6.54 20.30 -11.50
N CYS B 85 7.68 20.61 -12.13
CA CYS B 85 8.33 21.95 -12.08
C CYS B 85 7.59 22.95 -12.99
N ALA B 86 7.25 22.54 -14.21
CA ALA B 86 6.46 23.34 -15.19
C ALA B 86 4.96 23.35 -14.85
N TYR B 87 4.52 22.62 -13.82
CA TYR B 87 3.08 22.38 -13.51
C TYR B 87 2.32 23.71 -13.34
N GLY B 88 2.91 24.63 -12.58
CA GLY B 88 2.42 26.00 -12.34
C GLY B 88 2.20 26.75 -13.66
N ALA B 89 3.09 26.53 -14.64
CA ALA B 89 3.08 27.19 -15.97
C ALA B 89 1.94 26.62 -16.81
N ILE B 90 1.92 25.30 -16.92
CA ILE B 90 0.79 24.56 -17.55
C ILE B 90 -0.51 25.03 -16.87
N GLN B 91 -0.52 25.16 -15.52
CA GLN B 91 -1.79 25.45 -14.78
C GLN B 91 -2.28 26.87 -15.13
N LEU B 92 -1.37 27.85 -15.19
CA LEU B 92 -1.67 29.26 -15.56
C LEU B 92 -2.24 29.37 -16.98
N ASN B 93 -1.95 28.40 -17.85
CA ASN B 93 -2.35 28.39 -19.28
C ASN B 93 -3.48 27.40 -19.49
N SER B 94 -4.16 26.98 -18.43
CA SER B 94 -5.23 25.95 -18.50
C SER B 94 -6.58 26.56 -18.09
N THR B 95 -7.66 25.95 -18.61
CA THR B 95 -9.09 26.29 -18.35
C THR B 95 -9.90 24.99 -18.29
N ALA B 96 -11.07 25.00 -17.66
CA ALA B 96 -11.96 23.81 -17.57
C ALA B 96 -12.32 23.31 -18.97
N GLN B 97 -12.24 24.16 -20.00
CA GLN B 97 -12.54 23.82 -21.42
C GLN B 97 -11.26 23.40 -22.14
N LYS B 98 -10.20 24.20 -22.05
CA LYS B 98 -8.86 23.88 -22.63
C LYS B 98 -7.89 23.60 -21.48
N ASN B 99 -7.78 22.33 -21.07
CA ASN B 99 -7.05 21.88 -19.85
C ASN B 99 -5.72 21.21 -20.24
N LEU B 100 -4.61 21.94 -20.14
CA LEU B 100 -3.26 21.50 -20.62
C LEU B 100 -2.61 20.59 -19.57
N ILE B 101 -3.08 20.62 -18.32
CA ILE B 101 -2.69 19.63 -17.28
C ILE B 101 -3.14 18.26 -17.79
N LYS B 102 -4.43 18.09 -18.08
CA LYS B 102 -4.98 16.80 -18.59
C LYS B 102 -4.42 16.51 -19.99
N ASP B 103 -4.54 17.47 -20.91
CA ASP B 103 -4.36 17.21 -22.37
C ASP B 103 -2.88 17.28 -22.73
N GLY B 104 -2.08 18.04 -22.00
CA GLY B 104 -0.69 18.34 -22.39
C GLY B 104 -0.65 19.47 -23.41
N PHE B 105 0.47 19.65 -24.08
CA PHE B 105 0.72 20.85 -24.89
C PHE B 105 1.96 20.63 -25.76
N ASN B 106 1.96 21.27 -26.92
CA ASN B 106 3.10 21.30 -27.86
C ASN B 106 3.06 22.62 -28.63
N ALA B 107 4.20 23.29 -28.78
CA ALA B 107 4.39 24.48 -29.65
C ALA B 107 5.24 24.09 -30.87
N PRO B 108 4.62 23.78 -32.04
CA PRO B 108 5.40 23.40 -33.24
C PRO B 108 6.39 24.46 -33.74
N THR B 109 6.09 25.73 -33.46
CA THR B 109 6.86 26.94 -33.85
C THR B 109 7.07 27.88 -32.66
N LEU B 110 8.04 28.77 -32.76
CA LEU B 110 8.43 29.75 -31.73
C LEU B 110 7.19 30.57 -31.31
N LYS B 111 6.34 30.95 -32.26
CA LYS B 111 5.20 31.87 -32.00
C LYS B 111 4.03 31.14 -31.32
N ASP B 112 4.06 29.80 -31.23
CA ASP B 112 2.99 29.01 -30.55
C ASP B 112 3.29 28.88 -29.04
N GLU B 113 4.49 29.25 -28.61
CA GLU B 113 4.98 29.06 -27.21
C GLU B 113 4.21 30.01 -26.28
N LEU B 114 3.60 29.46 -25.22
CA LEU B 114 2.75 30.23 -24.26
C LEU B 114 3.62 30.81 -23.14
N SER B 115 3.39 32.06 -22.74
CA SER B 115 4.08 32.66 -21.56
C SER B 115 3.89 31.74 -20.36
N ALA B 116 4.97 31.48 -19.61
CA ALA B 116 5.03 30.58 -18.45
C ALA B 116 4.53 31.34 -17.22
N GLY B 117 4.46 32.67 -17.32
CA GLY B 117 3.95 33.56 -16.27
C GLY B 117 4.92 34.70 -16.00
N PRO B 118 4.40 35.88 -15.60
CA PRO B 118 5.26 37.03 -15.26
C PRO B 118 6.43 36.69 -14.31
N ASN B 119 6.22 35.76 -13.38
CA ASN B 119 7.18 35.47 -12.29
C ASN B 119 8.06 34.27 -12.64
N ALA B 120 7.75 33.52 -13.72
CA ALA B 120 8.62 32.45 -14.30
C ALA B 120 9.99 33.04 -14.60
N ARG B 121 11.09 32.41 -14.17
CA ARG B 121 12.48 32.92 -14.33
C ARG B 121 13.42 31.80 -14.80
N VAL B 122 14.48 32.17 -15.52
CA VAL B 122 15.72 31.36 -15.68
C VAL B 122 16.87 32.20 -15.17
N PHE B 123 17.67 31.65 -14.26
CA PHE B 123 18.93 32.23 -13.72
C PHE B 123 20.12 31.45 -14.29
N VAL B 124 21.03 32.16 -14.96
CA VAL B 124 22.32 31.62 -15.47
C VAL B 124 23.45 32.14 -14.58
N LEU B 125 24.28 31.26 -14.02
CA LEU B 125 25.39 31.64 -13.09
C LEU B 125 26.47 32.40 -13.86
N ASP B 126 26.93 33.53 -13.29
CA ASP B 126 27.89 34.50 -13.88
C ASP B 126 29.22 34.44 -13.11
N GLN B 127 29.16 34.37 -11.77
CA GLN B 127 30.37 34.18 -10.92
C GLN B 127 29.99 34.01 -9.45
N ILE B 128 30.89 33.41 -8.67
CA ILE B 128 30.76 33.31 -7.19
C ILE B 128 31.99 33.99 -6.57
N THR B 129 31.75 34.85 -5.60
CA THR B 129 32.79 35.59 -4.83
C THR B 129 32.55 35.40 -3.33
N ASP B 130 33.59 34.98 -2.59
CA ASP B 130 33.57 34.79 -1.11
C ASP B 130 33.58 36.17 -0.44
N VAL B 131 32.56 36.47 0.37
CA VAL B 131 32.37 37.75 1.12
C VAL B 131 32.22 37.44 2.62
N THR B 132 33.02 36.51 3.15
CA THR B 132 32.95 36.01 4.56
C THR B 132 33.34 37.17 5.50
N ALA B 133 34.59 37.66 5.37
CA ALA B 133 35.18 38.72 6.23
C ALA B 133 34.22 39.91 6.35
N GLN B 134 33.84 40.50 5.22
CA GLN B 134 32.96 41.70 5.13
C GLN B 134 31.63 41.43 5.84
N ALA B 135 31.15 40.19 5.75
CA ALA B 135 29.83 39.77 6.30
C ALA B 135 29.90 39.73 7.83
N LYS B 136 30.97 39.15 8.39
CA LYS B 136 31.13 38.99 9.87
C LYS B 136 31.41 40.36 10.51
N ALA B 137 32.00 41.30 9.78
CA ALA B 137 32.20 42.70 10.20
C ALA B 137 30.82 43.33 10.47
N ALA B 138 29.94 43.28 9.47
CA ALA B 138 28.60 43.92 9.45
C ALA B 138 27.77 43.51 10.67
N ILE B 139 27.98 42.29 11.18
CA ILE B 139 27.34 41.78 12.44
C ILE B 139 28.17 42.25 13.64
N ALA B 140 29.50 42.14 13.58
CA ALA B 140 30.44 42.46 14.69
C ALA B 140 30.29 43.93 15.09
N GLY B 141 30.41 44.85 14.14
CA GLY B 141 30.28 46.31 14.37
C GLY B 141 28.83 46.76 14.42
N ALA B 142 27.92 45.95 14.98
CA ALA B 142 26.50 46.30 15.20
C ALA B 142 26.23 46.49 16.70
N GLY B 143 27.28 46.64 17.51
CA GLY B 143 27.25 46.43 18.96
C GLY B 143 27.15 44.95 19.27
N ASN B 144 26.34 44.58 20.29
CA ASN B 144 25.98 43.18 20.64
C ASN B 144 24.46 43.07 20.83
N ASP B 145 23.71 44.13 20.52
CA ASP B 145 22.22 44.15 20.61
C ASP B 145 21.66 43.18 19.57
N PRO B 146 20.54 42.46 19.85
CA PRO B 146 19.90 41.63 18.82
C PRO B 146 19.39 42.43 17.62
N LEU B 147 18.35 43.26 17.83
CA LEU B 147 17.53 43.96 16.78
C LEU B 147 18.40 44.83 15.86
N ALA B 148 19.61 45.21 16.31
CA ALA B 148 20.60 45.99 15.53
C ALA B 148 21.31 45.08 14.51
N ARG B 149 21.61 43.82 14.88
CA ARG B 149 22.36 42.85 14.03
C ARG B 149 21.47 42.38 12.86
N SER B 150 20.19 42.11 13.15
CA SER B 150 19.09 41.94 12.16
C SER B 150 19.12 43.09 11.14
N ARG B 151 18.98 44.34 11.62
CA ARG B 151 19.09 45.60 10.81
C ARG B 151 20.46 45.68 10.12
N ALA B 152 21.53 45.26 10.80
CA ALA B 152 22.94 45.39 10.33
C ALA B 152 23.13 44.53 9.09
N LEU B 153 23.10 43.19 9.23
CA LEU B 153 23.32 42.23 8.10
C LEU B 153 22.41 42.60 6.93
N ASP B 154 21.12 42.80 7.18
CA ASP B 154 20.14 43.17 6.13
C ASP B 154 20.69 44.34 5.31
N ALA B 155 21.04 45.45 5.98
CA ALA B 155 21.57 46.69 5.35
C ALA B 155 22.86 46.38 4.58
N PHE B 156 23.67 45.44 5.05
CA PHE B 156 24.92 44.98 4.38
C PHE B 156 24.60 44.10 3.16
N ASP B 157 23.54 43.28 3.26
CA ASP B 157 23.10 42.38 2.16
C ASP B 157 22.47 43.26 1.08
N LYS B 158 21.47 44.06 1.47
CA LYS B 158 20.71 44.99 0.58
C LYS B 158 21.67 45.72 -0.36
N ALA B 159 22.73 46.29 0.20
CA ALA B 159 23.66 47.21 -0.51
C ALA B 159 24.67 46.40 -1.34
N GLN B 160 25.06 45.21 -0.87
CA GLN B 160 26.04 44.33 -1.55
C GLN B 160 25.41 43.72 -2.81
N VAL B 161 24.07 43.61 -2.81
CA VAL B 161 23.21 43.09 -3.93
C VAL B 161 22.96 44.21 -4.94
N ALA B 162 22.61 45.43 -4.47
CA ALA B 162 22.44 46.64 -5.30
C ALA B 162 23.67 46.88 -6.17
N ALA B 163 24.86 46.80 -5.58
CA ALA B 163 26.17 47.00 -6.22
C ALA B 163 26.42 45.90 -7.27
N CYS B 164 25.91 44.69 -7.02
CA CYS B 164 26.12 43.49 -7.87
C CYS B 164 25.17 43.54 -9.07
N GLU B 165 23.97 44.10 -8.88
CA GLU B 165 22.90 44.26 -9.91
C GLU B 165 22.97 45.65 -10.57
N ALA B 166 24.18 46.18 -10.78
CA ALA B 166 24.41 47.51 -11.42
C ALA B 166 23.93 47.44 -12.86
N ASP B 167 24.61 46.62 -13.68
CA ASP B 167 24.20 46.26 -15.06
C ASP B 167 22.72 45.83 -15.03
N ALA B 168 21.99 46.09 -16.11
CA ALA B 168 20.51 46.03 -16.19
C ALA B 168 19.98 44.62 -15.90
N GLY B 169 20.63 43.58 -16.45
CA GLY B 169 20.03 42.24 -16.55
C GLY B 169 20.65 41.21 -15.62
N PHE B 170 20.86 41.53 -14.34
CA PHE B 170 21.46 40.58 -13.38
C PHE B 170 20.68 40.57 -12.07
N ARG B 171 20.60 39.37 -11.47
CA ARG B 171 20.10 39.17 -10.08
C ARG B 171 21.22 38.55 -9.26
N CYS B 172 21.43 39.06 -8.06
CA CYS B 172 22.47 38.57 -7.12
C CYS B 172 21.78 38.19 -5.81
N ARG B 173 22.51 37.50 -4.95
CA ARG B 173 21.97 36.90 -3.72
C ARG B 173 23.17 36.52 -2.85
N LEU B 174 23.11 36.88 -1.57
CA LEU B 174 24.09 36.46 -0.54
C LEU B 174 23.63 35.12 0.03
N TYR B 175 24.54 34.18 0.21
CA TYR B 175 24.22 32.81 0.69
C TYR B 175 24.99 32.59 1.98
N SER B 176 24.26 32.34 3.07
CA SER B 176 24.76 31.89 4.38
C SER B 176 24.97 30.37 4.38
N PHE B 177 26.23 29.91 4.45
CA PHE B 177 26.65 28.48 4.51
C PHE B 177 27.04 28.10 5.95
N SER B 178 27.20 26.78 6.15
CA SER B 178 27.66 26.07 7.38
C SER B 178 27.37 26.91 8.64
N GLY B 179 26.19 27.50 8.76
CA GLY B 179 25.76 28.27 9.94
C GLY B 179 26.01 29.77 9.81
N GLY B 180 26.98 30.19 8.97
CA GLY B 180 27.53 31.56 8.94
C GLY B 180 29.05 31.55 8.98
N ASN B 181 29.66 30.37 8.97
CA ASN B 181 31.13 30.18 8.89
C ASN B 181 31.61 30.43 7.46
N THR B 182 30.68 30.61 6.52
CA THR B 182 30.96 31.02 5.13
C THR B 182 29.78 31.86 4.62
N TYR B 183 30.09 32.99 3.96
CA TYR B 183 29.13 33.76 3.14
C TYR B 183 29.66 33.83 1.71
N ARG B 184 28.77 33.80 0.72
CA ARG B 184 29.11 33.93 -0.72
C ARG B 184 28.04 34.74 -1.42
N LEU B 185 28.44 35.43 -2.50
CA LEU B 185 27.58 36.29 -3.34
C LEU B 185 27.45 35.60 -4.70
N PHE B 186 26.22 35.39 -5.15
CA PHE B 186 25.92 34.70 -6.43
C PHE B 186 25.49 35.79 -7.41
N ARG B 187 26.13 35.83 -8.58
CA ARG B 187 25.73 36.77 -9.66
C ARG B 187 25.15 35.93 -10.79
N ASN B 188 23.89 36.21 -11.16
CA ASN B 188 23.15 35.50 -12.23
C ASN B 188 22.58 36.50 -13.22
N MET B 189 22.61 36.16 -14.51
CA MET B 189 21.74 36.81 -15.51
C MET B 189 20.32 36.31 -15.26
N GLU B 190 19.36 37.24 -15.17
CA GLU B 190 17.94 36.98 -14.85
C GLU B 190 17.11 37.08 -16.13
N ILE B 191 16.79 35.95 -16.75
CA ILE B 191 15.84 35.86 -17.89
C ILE B 191 14.43 35.87 -17.33
N LYS B 192 13.61 36.84 -17.79
CA LYS B 192 12.27 37.20 -17.25
C LYS B 192 11.18 36.86 -18.28
N ASP B 193 11.55 36.27 -19.40
CA ASP B 193 10.59 35.84 -20.45
C ASP B 193 10.84 34.35 -20.70
N VAL B 194 10.15 33.51 -19.93
CA VAL B 194 10.19 32.03 -20.06
C VAL B 194 8.86 31.60 -20.69
N ARG B 195 8.91 30.75 -21.71
CA ARG B 195 7.69 30.27 -22.40
C ARG B 195 7.66 28.74 -22.36
N LEU B 196 6.47 28.17 -22.29
CA LEU B 196 6.24 26.71 -22.33
C LEU B 196 6.35 26.27 -23.80
N VAL B 197 7.18 25.27 -24.06
CA VAL B 197 7.36 24.68 -25.41
C VAL B 197 6.53 23.40 -25.46
N TYR B 198 6.59 22.58 -24.41
CA TYR B 198 6.11 21.18 -24.44
C TYR B 198 5.89 20.64 -23.01
N ALA B 199 4.70 20.08 -22.78
CA ALA B 199 4.35 19.26 -21.59
C ALA B 199 3.68 18.00 -22.09
N PRO B 200 4.07 16.80 -21.62
CA PRO B 200 3.31 15.60 -21.96
C PRO B 200 1.96 15.69 -21.28
N PRO B 201 1.01 14.79 -21.61
CA PRO B 201 -0.23 14.66 -20.85
C PRO B 201 0.05 14.47 -19.34
N GLY B 202 -0.82 14.99 -18.47
CA GLY B 202 -0.81 14.76 -17.01
C GLY B 202 -0.76 13.28 -16.67
N SER B 203 -1.42 12.44 -17.46
CA SER B 203 -1.36 10.95 -17.34
C SER B 203 0.06 10.40 -17.60
N VAL B 204 0.97 11.19 -18.18
CA VAL B 204 2.38 10.78 -18.45
C VAL B 204 3.33 11.53 -17.51
N GLY B 205 3.20 12.85 -17.46
CA GLY B 205 4.04 13.72 -16.61
C GLY B 205 3.81 13.47 -15.14
N LYS B 206 2.62 13.02 -14.75
CA LYS B 206 2.24 12.77 -13.33
C LYS B 206 1.62 11.38 -13.19
N PHE B 207 2.05 10.42 -14.01
CA PHE B 207 1.57 9.02 -13.96
C PHE B 207 1.73 8.48 -12.54
N GLY B 208 0.67 7.87 -12.00
CA GLY B 208 0.63 7.38 -10.62
C GLY B 208 0.28 8.47 -9.63
N GLY B 209 0.34 9.75 -10.04
CA GLY B 209 0.00 10.89 -9.18
C GLY B 209 0.50 10.72 -7.75
N ASP B 210 -0.37 10.96 -6.76
CA ASP B 210 0.03 10.99 -5.34
C ASP B 210 0.07 9.57 -4.77
N VAL B 211 -0.45 8.55 -5.47
CA VAL B 211 -0.25 7.12 -5.07
C VAL B 211 1.26 6.80 -5.17
N ASP B 212 1.86 7.11 -6.32
CA ASP B 212 3.27 6.76 -6.69
C ASP B 212 4.27 7.84 -6.24
N ASN B 213 3.81 9.01 -5.80
CA ASN B 213 4.70 10.11 -5.35
C ASN B 213 5.49 9.61 -4.14
N TRP B 214 6.79 9.89 -4.15
CA TRP B 214 7.76 9.45 -3.11
C TRP B 214 7.90 7.91 -3.13
N MET B 215 7.61 7.22 -4.24
CA MET B 215 7.65 5.73 -4.31
C MET B 215 8.50 5.25 -5.48
N TRP B 216 9.12 4.09 -5.27
CA TRP B 216 9.69 3.16 -6.27
C TRP B 216 8.99 1.84 -6.02
N PRO B 217 8.60 1.04 -7.04
CA PRO B 217 8.86 1.34 -8.46
C PRO B 217 8.13 2.57 -8.98
N ARG B 218 8.75 3.28 -9.90
CA ARG B 218 8.14 4.52 -10.46
C ARG B 218 8.14 4.44 -11.98
N HIS B 219 7.07 4.94 -12.60
CA HIS B 219 6.84 4.91 -14.07
C HIS B 219 6.34 6.26 -14.57
N THR B 220 7.04 7.34 -14.23
CA THR B 220 6.59 8.73 -14.46
C THR B 220 7.54 9.39 -15.47
N GLY B 221 6.99 9.91 -16.57
CA GLY B 221 7.74 10.70 -17.56
C GLY B 221 7.79 12.14 -17.12
N ASP B 222 8.52 12.41 -16.05
CA ASP B 222 8.42 13.73 -15.35
C ASP B 222 9.31 14.71 -16.09
N PHE B 223 8.84 15.19 -17.23
CA PHE B 223 9.63 16.19 -17.98
C PHE B 223 8.71 17.18 -18.69
N SER B 224 9.31 18.31 -19.05
CA SER B 224 8.69 19.42 -19.79
C SER B 224 9.80 20.34 -20.28
N PHE B 225 9.49 21.15 -21.29
CA PHE B 225 10.47 22.07 -21.91
C PHE B 225 9.95 23.50 -21.86
N TYR B 226 10.84 24.39 -21.46
CA TYR B 226 10.71 25.86 -21.57
C TYR B 226 11.59 26.36 -22.74
N ARG B 227 11.38 27.61 -23.15
CA ARG B 227 12.39 28.40 -23.93
C ARG B 227 12.56 29.77 -23.27
N ALA B 228 13.83 30.13 -23.08
CA ALA B 228 14.32 31.42 -22.52
C ALA B 228 14.31 32.46 -23.65
N TYR B 229 13.72 33.64 -23.39
CA TYR B 229 13.64 34.78 -24.34
C TYR B 229 14.31 36.03 -23.72
N VAL B 230 14.94 36.84 -24.58
CA VAL B 230 15.54 38.16 -24.24
C VAL B 230 15.01 39.21 -25.24
N GLY B 231 15.31 40.49 -25.02
CA GLY B 231 15.13 41.54 -26.04
C GLY B 231 16.15 41.42 -27.15
N LYS B 232 15.86 41.97 -28.33
CA LYS B 232 16.74 41.94 -29.55
C LYS B 232 18.11 42.56 -29.26
N ASP B 233 18.19 43.50 -28.30
CA ASP B 233 19.48 44.08 -27.82
C ASP B 233 20.35 43.00 -27.14
N GLY B 234 19.72 41.98 -26.54
CA GLY B 234 20.41 40.91 -25.79
C GLY B 234 20.28 41.08 -24.29
N LYS B 235 19.54 42.10 -23.84
CA LYS B 235 19.13 42.29 -22.42
C LYS B 235 17.95 41.36 -22.12
N PRO B 236 17.87 40.76 -20.93
CA PRO B 236 16.62 40.15 -20.48
C PRO B 236 15.50 41.20 -20.44
N ALA B 237 14.26 40.78 -20.67
CA ALA B 237 13.07 41.65 -20.67
C ALA B 237 11.82 40.82 -20.37
N ALA B 238 10.77 41.47 -19.87
CA ALA B 238 9.44 40.87 -19.62
C ALA B 238 8.81 40.43 -20.95
N PHE B 239 7.76 39.61 -20.90
CA PHE B 239 7.04 39.12 -22.08
C PHE B 239 6.85 40.32 -23.01
N ALA B 240 7.43 40.25 -24.21
CA ALA B 240 7.14 41.13 -25.35
C ALA B 240 7.12 40.24 -26.61
N ALA B 241 6.07 40.34 -27.42
CA ALA B 241 5.82 39.48 -28.61
C ALA B 241 6.99 39.55 -29.62
N ASP B 242 7.91 40.51 -29.48
CA ASP B 242 9.06 40.72 -30.41
C ASP B 242 10.38 40.34 -29.71
N ASN B 243 10.30 39.67 -28.56
CA ASN B 243 11.51 39.14 -27.86
C ASN B 243 12.03 37.96 -28.68
N VAL B 244 13.33 37.66 -28.55
CA VAL B 244 14.05 36.60 -29.32
C VAL B 244 14.54 35.52 -28.34
N PRO B 245 14.72 34.25 -28.78
CA PRO B 245 15.33 33.23 -27.93
C PRO B 245 16.75 33.59 -27.48
N TYR B 246 17.03 33.43 -26.19
CA TYR B 246 18.38 33.58 -25.60
C TYR B 246 19.34 32.59 -26.27
N GLN B 247 20.62 32.93 -26.32
CA GLN B 247 21.67 32.09 -26.93
C GLN B 247 22.68 31.76 -25.84
N PRO B 248 22.51 30.58 -25.17
CA PRO B 248 23.38 30.22 -24.07
C PRO B 248 24.77 29.95 -24.63
N LYS B 249 25.81 30.22 -23.83
CA LYS B 249 27.24 29.88 -24.10
C LYS B 249 27.46 28.36 -24.03
N HIS B 250 26.69 27.64 -23.20
CA HIS B 250 26.79 26.15 -23.08
C HIS B 250 25.40 25.53 -22.96
N PHE B 251 25.25 24.35 -23.55
CA PHE B 251 24.06 23.49 -23.38
C PHE B 251 24.53 22.03 -23.33
N LEU B 252 23.70 21.18 -22.71
CA LEU B 252 23.96 19.72 -22.53
C LEU B 252 23.53 18.98 -23.79
N LYS B 253 24.26 17.93 -24.15
CA LYS B 253 23.83 16.97 -25.22
C LYS B 253 23.16 15.77 -24.54
N PHE B 254 22.11 15.23 -25.14
CA PHE B 254 21.53 13.93 -24.74
C PHE B 254 22.59 12.84 -24.94
N ALA B 255 22.66 11.89 -24.01
CA ALA B 255 23.61 10.74 -24.03
C ALA B 255 23.33 9.85 -25.25
N ASP B 256 24.39 9.42 -25.93
CA ASP B 256 24.34 8.37 -26.98
C ASP B 256 24.71 7.01 -26.38
N GLN B 257 25.61 6.99 -25.38
CA GLN B 257 25.96 5.79 -24.57
C GLN B 257 24.77 5.36 -23.72
N PRO B 258 24.27 4.11 -23.86
CA PRO B 258 23.13 3.65 -23.06
C PRO B 258 23.51 3.45 -21.58
N LEU B 259 22.77 4.12 -20.70
CA LEU B 259 22.94 4.09 -19.22
C LEU B 259 22.52 2.71 -18.70
N GLY B 260 23.39 2.05 -17.95
CA GLY B 260 23.09 0.75 -17.33
C GLY B 260 23.39 0.71 -15.84
N ALA B 261 22.98 -0.37 -15.18
CA ALA B 261 23.26 -0.62 -13.75
C ALA B 261 24.76 -0.47 -13.50
N ASP B 262 25.14 0.21 -12.41
CA ASP B 262 26.52 0.39 -11.92
C ASP B 262 27.18 1.61 -12.59
N ASP B 263 26.57 2.20 -13.61
CA ASP B 263 27.22 3.32 -14.33
C ASP B 263 27.32 4.52 -13.41
N PHE B 264 28.35 5.32 -13.64
CA PHE B 264 28.60 6.60 -12.95
C PHE B 264 27.50 7.58 -13.34
N VAL B 265 27.03 8.35 -12.37
CA VAL B 265 26.09 9.48 -12.65
C VAL B 265 26.45 10.59 -11.68
N MET B 266 26.15 11.81 -12.09
CA MET B 266 26.33 12.98 -11.22
C MET B 266 25.19 13.94 -11.51
N VAL B 267 24.88 14.75 -10.52
CA VAL B 267 23.83 15.78 -10.60
C VAL B 267 24.48 17.08 -10.18
N ALA B 268 24.11 18.19 -10.83
CA ALA B 268 24.45 19.57 -10.43
C ALA B 268 23.12 20.30 -10.32
N GLY B 269 22.90 21.09 -9.27
CA GLY B 269 21.61 21.77 -9.09
C GLY B 269 21.54 22.52 -7.80
N TYR B 270 20.33 22.93 -7.42
CA TYR B 270 20.07 23.97 -6.41
C TYR B 270 19.14 23.40 -5.33
N PRO B 271 19.66 22.49 -4.46
CA PRO B 271 18.87 22.00 -3.33
C PRO B 271 18.55 23.15 -2.38
N GLY B 272 17.27 23.20 -1.95
CA GLY B 272 16.67 24.25 -1.11
C GLY B 272 17.23 24.25 0.31
N ARG B 273 16.79 23.31 1.15
CA ARG B 273 16.98 23.33 2.62
C ARG B 273 17.15 21.88 3.10
N THR B 274 18.28 21.52 3.73
CA THR B 274 18.44 20.31 4.58
C THR B 274 18.72 20.75 6.02
N ASN B 275 18.64 19.81 6.96
CA ASN B 275 18.66 20.19 8.41
C ASN B 275 19.51 19.18 9.17
N ARG B 276 20.59 18.68 8.56
CA ARG B 276 21.52 17.69 9.13
C ARG B 276 22.46 18.33 10.15
N TYR B 277 22.37 19.66 10.36
CA TYR B 277 23.21 20.40 11.34
C TYR B 277 22.33 21.03 12.42
N ALA B 278 21.02 20.79 12.39
CA ALA B 278 20.07 21.30 13.41
C ALA B 278 20.39 20.70 14.78
N LEU B 279 19.94 21.39 15.84
CA LEU B 279 19.98 20.88 17.24
C LEU B 279 18.89 19.79 17.41
N ALA B 280 19.20 18.78 18.23
CA ALA B 280 18.27 17.71 18.63
C ALA B 280 16.88 18.29 18.93
N GLY B 281 16.80 19.46 19.60
CA GLY B 281 15.54 20.10 19.97
C GLY B 281 14.76 20.65 18.77
N GLU B 282 15.48 21.19 17.77
CA GLU B 282 14.89 21.65 16.48
C GLU B 282 14.22 20.45 15.79
N PHE B 283 14.94 19.34 15.69
CA PHE B 283 14.44 18.04 15.17
C PHE B 283 13.22 17.58 15.99
N ASN B 284 13.37 17.45 17.31
CA ASN B 284 12.32 16.87 18.19
C ASN B 284 11.04 17.72 18.09
N GLU B 285 11.16 19.05 18.06
CA GLU B 285 10.02 19.96 17.73
C GLU B 285 9.42 19.59 16.35
N THR B 286 10.23 19.39 15.31
CA THR B 286 9.74 19.07 13.95
C THR B 286 9.05 17.70 13.97
N ALA B 287 9.72 16.69 14.53
CA ALA B 287 9.21 15.31 14.62
C ALA B 287 7.92 15.28 15.45
N SER B 288 7.85 16.03 16.57
CA SER B 288 6.77 15.89 17.58
C SER B 288 5.59 16.83 17.27
N PHE B 289 5.82 17.99 16.62
CA PHE B 289 4.74 18.96 16.33
C PHE B 289 4.56 19.30 14.83
N THR B 290 5.58 19.91 14.21
CA THR B 290 5.44 20.60 12.90
C THR B 290 4.95 19.64 11.82
N TYR B 291 5.63 18.52 11.61
CA TYR B 291 5.29 17.60 10.49
C TYR B 291 3.95 16.90 10.74
N PRO B 292 3.69 16.34 11.93
CA PRO B 292 2.38 15.76 12.19
C PRO B 292 1.23 16.79 12.09
N THR B 293 1.42 18.00 12.60
CA THR B 293 0.36 19.05 12.57
C THR B 293 0.10 19.48 11.11
N ILE B 294 1.15 19.86 10.37
CA ILE B 294 1.02 20.32 8.95
C ILE B 294 0.40 19.19 8.10
N ALA B 295 0.93 17.97 8.19
CA ALA B 295 0.36 16.80 7.47
C ALA B 295 -1.12 16.68 7.82
N LYS B 296 -1.50 16.74 9.11
CA LYS B 296 -2.93 16.59 9.50
C LYS B 296 -3.75 17.70 8.81
N HIS B 297 -3.37 18.97 8.97
CA HIS B 297 -4.20 20.12 8.52
C HIS B 297 -4.22 20.20 6.99
N TYR B 298 -3.09 19.96 6.32
CA TYR B 298 -3.00 19.90 4.84
C TYR B 298 -3.88 18.78 4.27
N ASN B 299 -3.94 17.61 4.91
CA ASN B 299 -4.79 16.50 4.36
C ASN B 299 -6.26 16.93 4.41
N ALA B 300 -6.68 17.57 5.50
CA ALA B 300 -8.06 18.07 5.66
C ALA B 300 -8.34 19.12 4.57
N VAL B 301 -7.46 20.12 4.45
CA VAL B 301 -7.60 21.22 3.43
C VAL B 301 -7.67 20.62 2.02
N LEU B 302 -6.89 19.56 1.74
CA LEU B 302 -6.87 18.84 0.42
C LEU B 302 -8.20 18.13 0.14
N LYS B 303 -8.89 17.59 1.15
CA LYS B 303 -10.20 16.91 0.94
C LYS B 303 -11.25 17.97 0.57
N MET B 304 -11.16 19.14 1.19
CA MET B 304 -11.99 20.34 0.88
C MET B 304 -11.86 20.67 -0.61
N ILE B 305 -10.63 20.95 -1.06
CA ILE B 305 -10.32 21.33 -2.47
C ILE B 305 -10.78 20.21 -3.41
N ALA B 306 -10.50 18.96 -3.04
CA ALA B 306 -10.89 17.77 -3.83
C ALA B 306 -12.41 17.78 -4.04
N ASP B 307 -13.17 17.85 -2.93
CA ASP B 307 -14.66 17.71 -2.91
C ASP B 307 -15.27 18.87 -3.70
N ALA B 308 -14.84 20.10 -3.40
CA ALA B 308 -15.24 21.35 -4.07
C ALA B 308 -14.94 21.27 -5.57
N GLY B 309 -13.72 20.86 -5.95
CA GLY B 309 -13.29 20.69 -7.36
C GLY B 309 -14.18 19.71 -8.13
N LYS B 310 -14.84 18.77 -7.45
CA LYS B 310 -15.74 17.76 -8.07
C LYS B 310 -17.12 18.38 -8.35
N ALA B 311 -17.51 19.41 -7.59
CA ALA B 311 -18.75 20.19 -7.78
C ALA B 311 -18.55 21.26 -8.87
N ASP B 312 -17.33 21.83 -8.96
CA ASP B 312 -16.99 22.94 -9.88
C ASP B 312 -15.70 22.61 -10.66
N ALA B 313 -15.82 22.25 -11.94
CA ALA B 313 -14.70 21.91 -12.86
C ALA B 313 -13.81 23.13 -13.14
N ASP B 314 -14.16 24.29 -12.60
CA ASP B 314 -13.39 25.54 -12.73
C ASP B 314 -12.44 25.68 -11.53
N VAL B 315 -12.95 25.43 -10.33
CA VAL B 315 -12.19 25.37 -9.04
C VAL B 315 -11.02 24.38 -9.20
N LYS B 316 -11.29 23.19 -9.77
CA LYS B 316 -10.29 22.10 -9.94
C LYS B 316 -9.04 22.66 -10.64
N VAL B 317 -9.24 23.32 -11.77
CA VAL B 317 -8.10 23.82 -12.62
C VAL B 317 -7.36 24.90 -11.81
N LYS B 318 -8.10 25.74 -11.10
CA LYS B 318 -7.56 26.99 -10.49
C LYS B 318 -6.78 26.64 -9.22
N TYR B 319 -7.12 25.53 -8.55
CA TYR B 319 -6.45 25.17 -7.27
C TYR B 319 -5.47 24.01 -7.49
N ALA B 320 -5.31 23.55 -8.74
CA ALA B 320 -4.56 22.33 -9.11
C ALA B 320 -3.10 22.46 -8.64
N ALA B 321 -2.54 23.67 -8.70
CA ALA B 321 -1.12 23.92 -8.35
C ALA B 321 -0.95 23.83 -6.83
N THR B 322 -1.81 24.48 -6.05
CA THR B 322 -1.73 24.44 -4.56
C THR B 322 -2.04 23.00 -4.09
N ALA B 323 -3.00 22.32 -4.72
CA ALA B 323 -3.41 20.94 -4.39
C ALA B 323 -2.25 19.95 -4.59
N ALA B 324 -1.53 20.06 -5.72
CA ALA B 324 -0.35 19.23 -6.06
C ALA B 324 0.76 19.49 -5.03
N SER B 325 1.05 20.77 -4.77
CA SER B 325 2.07 21.24 -3.80
C SER B 325 1.78 20.65 -2.40
N MET B 326 0.55 20.82 -1.92
CA MET B 326 0.18 20.45 -0.52
C MET B 326 0.19 18.92 -0.36
N ASN B 327 -0.38 18.19 -1.32
CA ASN B 327 -0.29 16.70 -1.46
C ASN B 327 1.17 16.25 -1.30
N ASN B 328 2.06 16.94 -2.03
CA ASN B 328 3.50 16.62 -2.07
C ASN B 328 4.08 16.78 -0.68
N VAL B 329 3.79 17.89 0.00
CA VAL B 329 4.36 18.21 1.35
C VAL B 329 3.77 17.23 2.39
N ALA B 330 2.47 17.00 2.38
CA ALA B 330 1.75 16.13 3.35
C ALA B 330 2.32 14.70 3.31
N LYS B 331 2.49 14.16 2.11
CA LYS B 331 3.01 12.79 1.93
C LYS B 331 4.50 12.77 2.32
N ASN B 332 5.26 13.80 1.93
CA ASN B 332 6.68 13.94 2.35
C ASN B 332 6.80 13.88 3.88
N TYR B 333 6.02 14.67 4.60
CA TYR B 333 6.14 14.74 6.09
C TYR B 333 5.79 13.39 6.73
N LEU B 334 4.83 12.68 6.18
CA LEU B 334 4.48 11.29 6.64
C LEU B 334 5.64 10.36 6.39
N GLY B 335 6.28 10.45 5.21
CA GLY B 335 7.51 9.72 4.90
C GLY B 335 8.61 10.03 5.86
N GLN B 336 8.86 11.30 6.14
CA GLN B 336 9.91 11.69 7.12
C GLN B 336 9.65 11.07 8.49
N LEU B 337 8.46 11.20 9.02
CA LEU B 337 8.10 10.64 10.34
C LEU B 337 8.40 9.13 10.41
N GLU B 338 8.06 8.36 9.35
N GLU B 338 8.04 8.37 9.36
CA GLU B 338 8.28 6.91 9.27
CA GLU B 338 8.28 6.89 9.25
C GLU B 338 9.78 6.63 9.18
C GLU B 338 9.78 6.64 9.20
N GLY B 339 10.50 7.39 8.36
CA GLY B 339 11.96 7.31 8.26
C GLY B 339 12.62 7.62 9.58
N PHE B 340 12.11 8.58 10.34
CA PHE B 340 12.74 8.90 11.64
C PHE B 340 12.70 7.66 12.53
N LYS B 341 11.58 6.94 12.51
CA LYS B 341 11.39 5.69 13.32
C LYS B 341 12.28 4.57 12.80
N ARG B 342 12.37 4.38 11.47
CA ARG B 342 13.22 3.35 10.83
C ARG B 342 14.67 3.51 11.30
N ILE B 343 15.20 4.73 11.36
CA ILE B 343 16.66 4.93 11.56
C ILE B 343 16.97 5.32 13.01
N ASP B 344 15.95 5.52 13.85
CA ASP B 344 16.04 6.07 15.23
C ASP B 344 16.74 7.43 15.16
N ALA B 345 16.14 8.36 14.41
CA ALA B 345 16.67 9.72 14.16
C ALA B 345 16.90 10.42 15.51
N ALA B 346 15.89 10.42 16.39
CA ALA B 346 15.94 11.00 17.76
C ALA B 346 17.20 10.51 18.49
N GLY B 347 17.42 9.19 18.56
CA GLY B 347 18.59 8.59 19.22
C GLY B 347 19.92 9.03 18.63
N GLN B 348 20.03 9.11 17.29
CA GLN B 348 21.31 9.38 16.61
C GLN B 348 21.74 10.84 16.89
N LYS B 349 20.75 11.73 16.91
CA LYS B 349 20.87 13.19 17.14
C LYS B 349 21.36 13.43 18.58
N GLN B 350 20.62 12.95 19.59
CA GLN B 350 21.01 13.11 21.01
C GLN B 350 22.36 12.42 21.25
N ALA B 351 22.67 11.36 20.52
CA ALA B 351 23.99 10.66 20.55
C ALA B 351 25.10 11.55 19.95
N GLU B 352 24.74 12.46 19.03
CA GLU B 352 25.68 13.43 18.41
C GLU B 352 25.74 14.71 19.27
N GLU B 353 24.59 15.30 19.64
CA GLU B 353 24.48 16.56 20.43
C GLU B 353 25.02 16.34 21.84
N ALA B 354 25.19 15.10 22.30
CA ALA B 354 25.83 14.75 23.59
C ALA B 354 27.34 14.50 23.40
N ALA B 355 27.74 13.92 22.26
CA ALA B 355 29.15 13.56 21.97
C ALA B 355 29.94 14.82 21.57
N VAL B 356 29.27 15.80 20.95
CA VAL B 356 29.86 17.12 20.58
C VAL B 356 30.25 17.85 21.87
N LEU B 357 29.30 17.96 22.81
CA LEU B 357 29.41 18.69 24.11
C LEU B 357 30.45 18.04 25.02
N ALA B 358 30.74 16.74 24.86
CA ALA B 358 31.77 15.98 25.61
C ALA B 358 33.16 16.26 25.01
N TRP B 359 33.27 16.24 23.69
CA TRP B 359 34.53 16.49 22.93
C TRP B 359 34.93 17.96 23.04
N LEU B 360 34.00 18.84 23.43
CA LEU B 360 34.26 20.28 23.71
C LEU B 360 34.65 20.49 25.19
N LYS B 361 34.07 19.71 26.11
CA LYS B 361 34.45 19.73 27.56
C LYS B 361 35.78 19.01 27.75
N LYS B 362 36.25 18.30 26.72
CA LYS B 362 37.56 17.60 26.66
C LYS B 362 38.57 18.50 25.93
N GLN B 363 38.13 19.66 25.41
CA GLN B 363 38.98 20.68 24.73
C GLN B 363 39.42 21.74 25.74
N GLY B 364 38.67 21.92 26.84
CA GLY B 364 39.00 22.86 27.93
C GLY B 364 38.86 24.31 27.49
N ALA B 365 39.97 24.96 27.11
CA ALA B 365 40.06 26.39 26.76
C ALA B 365 39.31 26.67 25.46
N ALA B 366 39.66 25.97 24.37
CA ALA B 366 39.05 26.09 23.03
C ALA B 366 37.57 25.67 23.06
N GLY B 367 37.15 24.95 24.11
CA GLY B 367 35.77 24.43 24.25
C GLY B 367 34.73 25.52 24.49
N LYS B 368 35.04 26.53 25.31
CA LYS B 368 34.06 27.37 26.06
C LYS B 368 33.15 28.20 25.14
N PRO B 369 33.65 28.76 24.00
CA PRO B 369 32.80 29.54 23.10
C PRO B 369 31.67 28.68 22.50
N ALA B 370 32.03 27.50 22.01
CA ALA B 370 31.09 26.49 21.44
C ALA B 370 30.00 26.13 22.47
N LEU B 371 30.41 25.84 23.72
CA LEU B 371 29.53 25.39 24.85
C LEU B 371 28.54 26.50 25.22
N ALA B 372 29.04 27.73 25.38
CA ALA B 372 28.23 28.94 25.66
C ALA B 372 27.25 29.17 24.49
N ALA B 373 27.76 29.10 23.25
CA ALA B 373 26.99 29.25 21.99
C ALA B 373 25.83 28.25 21.96
N HIS B 374 26.10 26.97 22.27
CA HIS B 374 25.06 25.91 22.40
C HIS B 374 23.92 26.40 23.30
N ALA B 375 24.29 26.85 24.51
CA ALA B 375 23.38 27.26 25.61
C ALA B 375 22.47 28.41 25.17
N GLN B 376 23.00 29.35 24.37
CA GLN B 376 22.28 30.52 23.83
C GLN B 376 21.15 30.00 22.90
N LEU B 377 21.46 29.03 22.05
CA LEU B 377 20.50 28.45 21.05
C LEU B 377 19.45 27.59 21.77
N LEU B 378 19.91 26.67 22.64
CA LEU B 378 19.05 25.90 23.57
C LEU B 378 17.93 26.79 24.13
N LYS B 379 18.29 28.00 24.58
CA LYS B 379 17.37 28.96 25.25
C LYS B 379 16.32 29.52 24.26
N HIS B 380 16.53 29.41 22.95
CA HIS B 380 15.65 30.04 21.93
C HIS B 380 14.54 29.08 21.46
N LEU B 381 14.48 27.86 22.00
CA LEU B 381 13.66 26.73 21.46
C LEU B 381 12.19 26.81 21.95
N ASP B 382 11.96 27.07 23.24
CA ASP B 382 10.65 26.84 23.91
C ASP B 382 9.64 27.96 23.62
N THR B 383 10.08 29.10 23.07
CA THR B 383 9.33 30.39 22.96
C THR B 383 7.98 30.21 22.24
N SER B 384 7.86 29.26 21.29
CA SER B 384 6.70 29.11 20.38
C SER B 384 5.60 28.23 21.00
N LYS B 385 5.89 27.56 22.12
CA LYS B 385 5.17 26.34 22.60
C LYS B 385 3.66 26.56 22.70
N SER B 386 3.20 27.73 23.21
CA SER B 386 1.77 27.97 23.59
C SER B 386 1.01 28.70 22.46
N THR B 387 1.69 28.95 21.34
CA THR B 387 1.26 29.87 20.24
C THR B 387 1.19 29.15 18.89
N ARG B 388 2.08 28.20 18.63
CA ARG B 388 2.21 27.43 17.36
C ARG B 388 0.81 27.12 16.79
N GLU B 389 -0.10 26.49 17.56
CA GLU B 389 -1.42 26.08 17.02
C GLU B 389 -2.19 27.34 16.55
N ARG B 390 -2.04 28.46 17.28
CA ARG B 390 -2.64 29.78 16.95
C ARG B 390 -2.01 30.36 15.67
N ASP B 391 -0.69 30.62 15.67
CA ASP B 391 0.09 31.24 14.56
C ASP B 391 -0.21 30.54 13.24
N LEU B 392 -0.08 29.20 13.27
CA LEU B 392 -0.26 28.31 12.12
C LEU B 392 -1.65 28.59 11.52
N PHE B 393 -2.69 28.56 12.36
CA PHE B 393 -4.10 28.68 11.92
C PHE B 393 -4.35 30.10 11.38
N VAL B 394 -3.68 31.09 11.98
CA VAL B 394 -3.85 32.55 11.69
C VAL B 394 -3.03 32.86 10.44
N GLY B 395 -1.70 32.69 10.52
CA GLY B 395 -0.76 32.70 9.37
C GLY B 395 -1.37 32.06 8.13
N GLN B 396 -1.98 30.87 8.28
CA GLN B 396 -2.68 30.18 7.17
C GLN B 396 -3.88 31.01 6.73
N PHE B 397 -4.72 31.47 7.66
CA PHE B 397 -5.96 32.24 7.33
C PHE B 397 -5.58 33.53 6.56
N ASN B 398 -4.49 34.16 7.00
CA ASN B 398 -3.98 35.46 6.48
C ASN B 398 -3.29 35.28 5.11
N ASN B 399 -2.83 34.06 4.78
CA ASN B 399 -2.21 33.75 3.47
C ASN B 399 -3.26 33.06 2.60
N THR B 400 -4.51 33.05 3.05
CA THR B 400 -5.71 32.87 2.18
C THR B 400 -5.61 33.95 1.09
N SER B 401 -6.32 33.82 -0.03
CA SER B 401 -6.02 34.58 -1.28
C SER B 401 -6.50 36.03 -1.13
N ALA B 402 -7.82 36.22 -1.02
CA ALA B 402 -8.49 37.54 -0.82
C ALA B 402 -7.77 38.30 0.29
N VAL B 403 -7.74 37.74 1.50
CA VAL B 403 -7.11 38.37 2.71
C VAL B 403 -5.62 38.55 2.48
N GLY B 404 -4.95 37.56 1.88
CA GLY B 404 -3.49 37.57 1.67
C GLY B 404 -3.08 38.68 0.71
N ALA B 405 -3.85 38.84 -0.37
CA ALA B 405 -3.72 39.96 -1.34
C ALA B 405 -3.85 41.29 -0.60
N ALA B 406 -4.95 41.43 0.16
CA ALA B 406 -5.36 42.64 0.92
C ALA B 406 -4.25 43.04 1.89
N ILE B 407 -3.68 42.07 2.60
CA ILE B 407 -2.57 42.31 3.56
C ILE B 407 -1.41 42.92 2.78
N THR B 408 -0.86 42.20 1.79
CA THR B 408 0.45 42.51 1.13
C THR B 408 0.40 43.86 0.38
N LEU B 409 -0.74 44.18 -0.26
CA LEU B 409 -0.97 45.47 -0.98
C LEU B 409 -0.81 46.63 0.00
N TYR B 410 -1.55 46.59 1.11
CA TYR B 410 -1.57 47.59 2.21
C TYR B 410 -0.16 47.70 2.81
N ARG B 411 0.53 46.57 2.96
CA ARG B 411 1.93 46.56 3.48
C ARG B 411 2.85 47.28 2.50
N LEU B 412 2.59 47.14 1.19
CA LEU B 412 3.40 47.84 0.15
C LEU B 412 3.06 49.33 0.20
N SER B 413 1.77 49.69 0.12
CA SER B 413 1.30 51.11 0.21
C SER B 413 1.97 51.78 1.42
N ILE B 414 2.13 51.05 2.53
CA ILE B 414 2.92 51.50 3.74
C ILE B 414 4.41 51.66 3.36
N GLU B 415 5.02 50.66 2.74
CA GLU B 415 6.49 50.63 2.46
C GLU B 415 6.87 51.60 1.32
N ARG B 416 5.93 51.93 0.42
CA ARG B 416 6.18 52.83 -0.74
C ARG B 416 6.70 54.18 -0.22
N SER B 417 5.95 54.81 0.69
CA SER B 417 6.20 56.16 1.29
C SER B 417 7.56 56.23 2.01
N LYS B 418 8.22 55.09 2.27
CA LYS B 418 9.59 55.03 2.85
C LYS B 418 10.59 55.16 1.70
N PRO B 419 11.91 55.29 1.97
CA PRO B 419 12.95 55.19 0.94
C PRO B 419 13.45 53.74 0.73
N ASP B 420 14.11 53.49 -0.40
CA ASP B 420 14.77 52.20 -0.76
C ASP B 420 15.92 51.97 0.23
N ALA B 421 16.49 50.75 0.24
CA ALA B 421 17.64 50.31 1.07
C ALA B 421 17.27 50.29 2.57
N GLU B 422 16.16 50.93 2.94
CA GLU B 422 15.53 50.88 4.28
C GLU B 422 14.20 50.12 4.17
N ARG B 423 13.66 49.99 2.95
CA ARG B 423 12.41 49.24 2.66
C ARG B 423 12.68 47.73 2.77
N GLU B 424 11.82 46.98 3.48
CA GLU B 424 11.96 45.52 3.75
C GLU B 424 12.16 44.75 2.42
N ALA B 425 13.20 43.89 2.37
CA ALA B 425 13.47 42.95 1.26
C ALA B 425 12.17 42.22 0.91
N GLY B 426 11.80 42.18 -0.36
CA GLY B 426 10.51 41.62 -0.84
C GLY B 426 9.46 42.71 -1.06
N TYR B 427 9.69 43.92 -0.56
CA TYR B 427 8.85 45.11 -0.83
C TYR B 427 9.70 46.24 -1.44
N GLN B 428 10.95 45.94 -1.79
CA GLN B 428 11.94 46.88 -2.37
C GLN B 428 11.55 47.22 -3.81
N GLU B 429 12.41 47.99 -4.49
CA GLU B 429 12.25 48.38 -5.92
C GLU B 429 12.37 47.11 -6.78
N ARG B 430 13.42 46.32 -6.55
CA ARG B 430 13.76 45.11 -7.35
C ARG B 430 12.69 44.01 -7.21
N ASP B 431 11.69 44.17 -6.33
CA ASP B 431 10.67 43.13 -6.02
C ASP B 431 9.32 43.52 -6.63
N LEU B 432 9.17 44.77 -7.08
CA LEU B 432 7.85 45.36 -7.45
C LEU B 432 7.20 44.53 -8.56
N THR B 433 8.01 44.10 -9.53
CA THR B 433 7.62 43.29 -10.69
C THR B 433 7.06 41.95 -10.17
N THR B 434 7.78 41.29 -9.25
CA THR B 434 7.39 39.99 -8.65
C THR B 434 6.04 40.12 -7.93
N ILE B 435 5.79 41.26 -7.26
CA ILE B 435 4.52 41.48 -6.51
C ILE B 435 3.37 41.52 -7.51
N GLU B 436 3.49 42.35 -8.55
CA GLU B 436 2.41 42.49 -9.57
C GLU B 436 2.14 41.10 -10.16
N GLY B 437 3.22 40.37 -10.48
CA GLY B 437 3.20 38.94 -10.89
C GLY B 437 2.17 38.17 -10.10
N GLY B 438 2.37 38.09 -8.78
CA GLY B 438 1.45 37.46 -7.82
C GLY B 438 0.00 37.84 -8.09
N LEU B 439 -0.27 39.14 -8.28
CA LEU B 439 -1.66 39.68 -8.31
C LEU B 439 -2.33 39.26 -9.62
N LYS B 440 -1.54 39.25 -10.71
CA LYS B 440 -1.95 38.76 -12.04
C LYS B 440 -2.20 37.25 -11.99
N GLN B 441 -1.25 36.49 -11.44
CA GLN B 441 -1.27 35.01 -11.41
C GLN B 441 -2.49 34.56 -10.59
N MET B 442 -2.77 35.23 -9.48
CA MET B 442 -3.97 34.99 -8.63
C MET B 442 -5.22 34.83 -9.50
N ASP B 443 -5.27 35.51 -10.66
CA ASP B 443 -6.44 35.53 -11.58
C ASP B 443 -6.80 34.10 -12.01
N ARG B 444 -5.79 33.23 -12.19
CA ARG B 444 -5.99 31.85 -12.68
C ARG B 444 -6.00 30.88 -11.50
N ARG B 445 -5.98 31.38 -10.26
CA ARG B 445 -5.88 30.54 -9.04
C ARG B 445 -6.95 30.89 -7.98
N TYR B 446 -8.02 31.61 -8.33
CA TYR B 446 -8.98 32.23 -7.37
C TYR B 446 -10.43 31.81 -7.67
N VAL B 447 -11.14 31.32 -6.65
CA VAL B 447 -12.61 31.15 -6.66
C VAL B 447 -13.13 31.51 -5.26
N ALA B 448 -14.16 32.36 -5.25
CA ALA B 448 -14.87 32.89 -4.06
C ALA B 448 -15.26 31.76 -3.11
N LYS B 449 -16.10 30.84 -3.57
CA LYS B 449 -16.72 29.77 -2.72
C LYS B 449 -15.68 28.73 -2.32
N MET B 450 -14.55 28.64 -3.04
CA MET B 450 -13.35 27.84 -2.61
C MET B 450 -12.60 28.63 -1.53
N ASP B 451 -12.22 29.88 -1.80
CA ASP B 451 -11.46 30.69 -0.80
C ASP B 451 -12.28 30.82 0.50
N GLN B 452 -13.61 30.82 0.40
CA GLN B 452 -14.51 30.94 1.60
C GLN B 452 -14.38 29.64 2.39
N GLN B 453 -14.68 28.50 1.75
CA GLN B 453 -14.42 27.12 2.23
C GLN B 453 -13.04 27.06 2.91
N LEU B 454 -12.01 27.69 2.33
CA LEU B 454 -10.61 27.68 2.87
C LEU B 454 -10.53 28.53 4.15
N GLN B 455 -10.98 29.78 4.06
CA GLN B 455 -11.19 30.68 5.23
C GLN B 455 -12.00 29.94 6.31
N THR B 456 -13.13 29.31 5.93
CA THR B 456 -14.04 28.56 6.82
C THR B 456 -13.21 27.55 7.61
N TYR B 457 -12.41 26.70 6.92
CA TYR B 457 -11.56 25.66 7.55
C TYR B 457 -10.64 26.28 8.62
N TRP B 458 -9.78 27.24 8.27
CA TRP B 458 -8.69 27.75 9.14
C TRP B 458 -9.26 28.57 10.29
N LEU B 459 -10.50 29.01 10.16
CA LEU B 459 -11.20 29.75 11.25
C LEU B 459 -11.81 28.70 12.20
N ASP B 460 -12.58 27.75 11.66
CA ASP B 460 -13.12 26.54 12.36
C ASP B 460 -12.01 25.91 13.23
N GLN B 461 -10.77 25.90 12.76
CA GLN B 461 -9.59 25.37 13.52
C GLN B 461 -9.22 26.33 14.64
N TYR B 462 -9.26 27.62 14.36
CA TYR B 462 -8.94 28.70 15.32
C TYR B 462 -9.94 28.66 16.50
N VAL B 463 -11.23 28.56 16.19
CA VAL B 463 -12.34 28.65 17.22
C VAL B 463 -12.54 27.28 17.89
N ALA B 464 -11.77 26.25 17.50
CA ALA B 464 -11.66 24.96 18.23
C ALA B 464 -10.67 25.05 19.41
N LEU B 465 -9.78 26.05 19.44
CA LEU B 465 -8.69 26.07 20.44
C LEU B 465 -9.27 26.38 21.82
N PRO B 466 -8.58 26.01 22.92
CA PRO B 466 -8.98 26.48 24.25
C PRO B 466 -8.85 28.02 24.32
N ALA B 467 -9.66 28.60 25.23
CA ALA B 467 -9.82 30.05 25.50
C ALA B 467 -8.46 30.76 25.68
N ALA B 468 -7.58 30.21 26.52
CA ALA B 468 -6.30 30.86 26.89
C ALA B 468 -5.40 31.02 25.66
N GLN B 469 -5.54 30.13 24.66
CA GLN B 469 -4.78 30.16 23.38
C GLN B 469 -5.55 30.88 22.27
N ARG B 470 -6.87 31.08 22.39
CA ARG B 470 -7.71 31.77 21.37
C ARG B 470 -7.64 33.29 21.59
N ASP B 471 -6.44 33.87 21.50
CA ASP B 471 -6.12 35.26 21.91
C ASP B 471 -5.63 36.07 20.70
N ASN B 472 -6.41 36.09 19.60
CA ASN B 472 -6.25 37.11 18.53
C ASN B 472 -7.35 38.17 18.70
N GLU B 473 -7.02 39.20 19.49
CA GLU B 473 -7.80 40.46 19.67
C GLU B 473 -8.73 40.67 18.47
N VAL B 474 -8.14 40.82 17.27
CA VAL B 474 -8.85 41.26 16.04
C VAL B 474 -9.83 40.16 15.59
N LEU B 475 -9.39 38.89 15.57
CA LEU B 475 -10.20 37.78 14.99
C LEU B 475 -11.44 37.52 15.86
N ASN B 476 -11.27 37.32 17.17
CA ASN B 476 -12.40 37.10 18.13
C ASN B 476 -13.37 38.29 18.00
N LYS B 477 -12.82 39.50 17.93
CA LYS B 477 -13.55 40.76 17.63
C LYS B 477 -14.41 40.53 16.38
N TRP B 478 -13.78 40.25 15.23
CA TRP B 478 -14.45 40.14 13.90
C TRP B 478 -15.46 38.97 13.89
N LEU B 479 -15.23 37.92 14.69
CA LEU B 479 -16.12 36.72 14.78
C LEU B 479 -17.32 36.99 15.69
N ALA B 480 -17.10 37.63 16.85
CA ALA B 480 -18.12 37.88 17.90
C ALA B 480 -18.78 36.54 18.28
N GLY B 481 -18.03 35.66 18.93
CA GLY B 481 -18.39 34.25 19.18
C GLY B 481 -17.28 33.31 18.74
N SER B 482 -17.42 32.02 19.04
CA SER B 482 -16.36 31.00 18.76
C SER B 482 -17.02 29.67 18.36
N ASP B 483 -17.96 29.70 17.40
CA ASP B 483 -18.56 28.47 16.79
C ASP B 483 -18.77 28.69 15.28
N ALA B 484 -19.20 27.61 14.60
CA ALA B 484 -19.50 27.51 13.14
C ALA B 484 -20.44 28.63 12.67
N ALA B 485 -21.34 29.11 13.53
CA ALA B 485 -22.25 30.24 13.24
C ALA B 485 -21.45 31.55 13.18
N ALA B 486 -20.68 31.89 14.23
CA ALA B 486 -19.78 33.08 14.28
C ALA B 486 -18.82 33.07 13.07
N VAL B 487 -18.24 31.90 12.73
CA VAL B 487 -17.31 31.70 11.57
C VAL B 487 -18.05 32.05 10.28
N LYS B 488 -19.14 31.32 10.02
CA LYS B 488 -20.03 31.51 8.83
C LYS B 488 -20.36 32.99 8.74
N SER B 489 -20.50 33.66 9.88
CA SER B 489 -20.77 35.11 10.02
C SER B 489 -19.67 35.93 9.34
N LEU B 490 -18.40 35.66 9.67
CA LEU B 490 -17.24 36.45 9.19
C LEU B 490 -16.89 36.08 7.74
N VAL B 491 -16.86 34.79 7.39
CA VAL B 491 -16.61 34.32 5.99
C VAL B 491 -17.65 34.97 5.06
N ASN B 492 -18.92 35.07 5.50
CA ASN B 492 -20.04 35.70 4.73
C ASN B 492 -19.93 37.23 4.78
N LYS B 493 -19.33 37.80 5.83
CA LYS B 493 -18.90 39.23 5.87
C LYS B 493 -17.84 39.47 4.79
N LEU B 494 -16.74 38.73 4.84
CA LEU B 494 -15.56 38.92 3.95
C LEU B 494 -15.93 38.67 2.48
N GLY B 495 -16.90 37.79 2.22
CA GLY B 495 -17.48 37.57 0.87
C GLY B 495 -17.76 38.88 0.15
N GLY B 496 -18.16 39.92 0.89
CA GLY B 496 -18.49 41.27 0.38
C GLY B 496 -17.35 41.97 -0.35
N THR B 497 -16.10 41.49 -0.17
CA THR B 497 -14.88 42.06 -0.81
C THR B 497 -15.02 42.07 -2.35
N GLU B 498 -14.20 42.89 -3.02
CA GLU B 498 -14.15 42.94 -4.50
C GLU B 498 -12.71 42.73 -5.00
N LEU B 499 -11.77 42.39 -4.10
CA LEU B 499 -10.35 42.01 -4.43
C LEU B 499 -10.32 40.69 -5.22
N GLY B 500 -11.47 40.02 -5.35
CA GLY B 500 -11.70 38.91 -6.30
C GLY B 500 -11.52 39.33 -7.76
N SER B 501 -11.45 40.65 -8.04
CA SER B 501 -11.20 41.22 -9.38
C SER B 501 -9.74 41.64 -9.52
N LEU B 502 -9.07 41.18 -10.59
CA LEU B 502 -7.68 41.57 -10.96
C LEU B 502 -7.57 43.10 -11.08
N ASP B 503 -8.53 43.72 -11.79
CA ASP B 503 -8.56 45.20 -12.04
C ASP B 503 -8.51 45.93 -10.70
N THR B 504 -9.36 45.50 -9.75
CA THR B 504 -9.35 45.94 -8.33
C THR B 504 -7.92 45.78 -7.77
N ARG B 505 -7.34 44.58 -7.83
CA ARG B 505 -6.01 44.23 -7.22
C ARG B 505 -4.93 45.18 -7.77
N LEU B 506 -4.86 45.36 -9.09
CA LEU B 506 -3.87 46.26 -9.75
C LEU B 506 -4.13 47.74 -9.38
N LYS B 507 -5.40 48.15 -9.20
CA LYS B 507 -5.72 49.54 -8.75
C LYS B 507 -4.99 49.79 -7.41
N TRP B 508 -5.24 48.92 -6.43
CA TRP B 508 -4.69 48.98 -5.05
C TRP B 508 -3.16 48.82 -5.05
N PHE B 509 -2.59 48.16 -6.07
CA PHE B 509 -1.12 47.94 -6.24
C PHE B 509 -0.42 49.30 -6.15
N LYS B 510 -1.02 50.33 -6.78
CA LYS B 510 -0.42 51.67 -7.02
C LYS B 510 -1.03 52.74 -6.09
N ALA B 511 -2.12 52.45 -5.37
CA ALA B 511 -2.72 53.36 -4.35
C ALA B 511 -1.69 53.71 -3.25
N ASP B 512 -2.03 54.63 -2.34
CA ASP B 512 -1.05 55.41 -1.54
C ASP B 512 -0.99 54.93 -0.07
N ARG B 513 -2.14 54.54 0.52
CA ARG B 513 -2.30 54.19 1.96
C ARG B 513 -3.64 54.73 2.49
N ALA B 514 -3.80 56.05 2.49
CA ALA B 514 -5.01 56.75 2.97
C ALA B 514 -6.24 56.16 2.26
N ALA B 515 -6.09 55.85 0.96
CA ALA B 515 -7.11 55.22 0.10
C ALA B 515 -7.56 53.89 0.72
N PHE B 516 -6.61 53.06 1.16
CA PHE B 516 -6.84 51.75 1.83
C PHE B 516 -7.72 51.94 3.08
N GLU B 517 -7.38 52.96 3.89
CA GLU B 517 -7.96 53.24 5.24
C GLU B 517 -9.40 53.75 5.10
N ALA B 518 -9.70 54.48 4.02
CA ALA B 518 -11.06 54.95 3.66
C ALA B 518 -11.95 53.76 3.25
N SER B 519 -11.38 52.67 2.73
CA SER B 519 -12.14 51.63 2.01
C SER B 519 -13.15 50.95 2.94
N ASN B 520 -14.31 50.60 2.38
CA ASN B 520 -15.37 49.77 3.00
C ASN B 520 -15.37 48.36 2.39
N ASP B 521 -14.23 47.91 1.83
CA ASP B 521 -14.01 46.49 1.43
C ASP B 521 -13.68 45.71 2.71
N PRO B 522 -14.50 44.71 3.11
CA PRO B 522 -14.29 44.02 4.39
C PRO B 522 -12.86 43.46 4.57
N ALA B 523 -12.20 43.06 3.47
CA ALA B 523 -10.87 42.40 3.44
C ALA B 523 -9.73 43.44 3.56
N ILE B 524 -9.89 44.63 2.97
CA ILE B 524 -8.97 45.79 3.15
C ILE B 524 -9.06 46.25 4.61
N GLN B 525 -10.29 46.39 5.10
CA GLN B 525 -10.61 46.75 6.51
C GLN B 525 -9.90 45.76 7.45
N TYR B 526 -9.97 44.45 7.17
CA TYR B 526 -9.33 43.38 7.97
C TYR B 526 -7.81 43.53 7.87
N ALA B 527 -7.31 43.77 6.65
CA ALA B 527 -5.90 44.05 6.35
C ALA B 527 -5.41 45.18 7.26
N VAL B 528 -6.19 46.27 7.34
CA VAL B 528 -5.85 47.48 8.14
C VAL B 528 -5.86 47.11 9.63
N ALA B 529 -6.95 46.49 10.10
CA ALA B 529 -7.17 46.07 11.52
C ALA B 529 -6.00 45.24 12.05
N VAL B 530 -5.58 44.18 11.33
CA VAL B 530 -4.56 43.17 11.78
C VAL B 530 -3.13 43.72 11.68
N MET B 531 -2.87 44.75 10.86
CA MET B 531 -1.49 45.09 10.40
C MET B 531 -0.63 45.51 11.59
N PRO B 532 -1.12 46.32 12.56
CA PRO B 532 -0.28 46.76 13.69
C PRO B 532 0.32 45.56 14.46
N ALA B 533 -0.55 44.58 14.76
CA ALA B 533 -0.21 43.27 15.38
C ALA B 533 0.77 42.48 14.48
N LEU B 534 0.68 42.62 13.15
CA LEU B 534 1.58 41.94 12.17
C LEU B 534 2.97 42.60 12.20
N LEU B 535 3.00 43.94 12.30
CA LEU B 535 4.23 44.78 12.35
C LEU B 535 5.01 44.46 13.64
N LYS B 536 4.29 44.47 14.77
CA LYS B 536 4.78 44.12 16.13
C LYS B 536 5.46 42.75 16.06
N GLN B 537 4.70 41.73 15.66
CA GLN B 537 5.14 40.30 15.67
C GLN B 537 6.39 40.11 14.80
N GLU B 538 6.55 40.92 13.73
CA GLU B 538 7.71 40.83 12.81
C GLU B 538 8.93 41.52 13.40
N GLU B 539 8.72 42.58 14.20
CA GLU B 539 9.81 43.23 14.96
C GLU B 539 10.42 42.18 15.90
N GLN B 540 9.55 41.51 16.68
CA GLN B 540 9.93 40.43 17.63
C GLN B 540 10.65 39.32 16.85
N LYS B 541 10.05 38.88 15.74
CA LYS B 541 10.66 37.91 14.78
C LYS B 541 12.11 38.32 14.50
N LYS B 542 12.34 39.60 14.20
CA LYS B 542 13.67 40.15 13.80
C LYS B 542 14.64 40.15 14.97
N ILE B 543 14.18 40.55 16.17
CA ILE B 543 14.91 40.41 17.47
C ILE B 543 15.46 38.98 17.55
N ARG B 544 14.56 37.99 17.47
CA ARG B 544 14.87 36.56 17.69
C ARG B 544 16.08 36.14 16.85
N GLU B 545 16.09 36.48 15.56
CA GLU B 545 17.15 36.09 14.59
C GLU B 545 18.50 36.68 15.03
N GLY B 546 18.48 37.94 15.51
CA GLY B 546 19.66 38.69 15.97
C GLY B 546 20.54 37.89 16.92
N GLU B 547 19.95 37.40 18.03
CA GLU B 547 20.61 36.59 19.08
C GLU B 547 21.43 35.45 18.45
N SER B 548 20.85 34.80 17.43
CA SER B 548 21.35 33.57 16.77
C SER B 548 22.66 33.83 16.02
N LEU B 549 22.82 35.02 15.43
CA LEU B 549 23.79 35.30 14.34
C LEU B 549 25.25 35.18 14.80
N THR B 550 25.50 34.81 16.06
CA THR B 550 26.86 34.71 16.67
C THR B 550 27.07 33.29 17.25
N ALA B 551 26.06 32.75 17.93
CA ALA B 551 26.06 31.36 18.45
C ALA B 551 26.19 30.36 17.30
N ARG B 552 25.24 30.38 16.36
CA ARG B 552 25.03 29.31 15.34
C ARG B 552 26.35 28.97 14.66
N PRO B 553 27.11 29.94 14.13
CA PRO B 553 28.38 29.63 13.49
C PRO B 553 29.34 28.91 14.45
N LEU B 554 29.37 29.36 15.71
CA LEU B 554 30.27 28.81 16.77
C LEU B 554 29.95 27.33 17.00
N TYR B 555 28.68 27.00 17.26
CA TYR B 555 28.26 25.62 17.57
C TYR B 555 28.47 24.71 16.35
N LEU B 556 27.93 25.10 15.19
CA LEU B 556 27.94 24.24 13.96
C LEU B 556 29.38 23.97 13.51
N GLN B 557 30.32 24.86 13.81
CA GLN B 557 31.74 24.67 13.45
C GLN B 557 32.34 23.56 14.33
N ALA B 558 31.98 23.51 15.60
CA ALA B 558 32.41 22.43 16.53
C ALA B 558 31.93 21.07 16.00
N VAL B 559 30.64 20.98 15.67
CA VAL B 559 29.99 19.77 15.09
C VAL B 559 30.79 19.38 13.85
N ALA B 560 31.00 20.33 12.95
CA ALA B 560 31.73 20.13 11.68
C ALA B 560 33.09 19.49 11.96
N ASP B 561 33.79 19.94 13.02
CA ASP B 561 35.13 19.44 13.40
C ASP B 561 34.99 18.11 14.16
N TYR B 562 34.00 17.99 15.04
CA TYR B 562 33.70 16.69 15.71
C TYR B 562 33.50 15.64 14.61
N LYS B 563 32.65 15.93 13.62
CA LYS B 563 32.41 15.03 12.46
C LYS B 563 33.72 14.80 11.70
N LYS B 564 34.46 15.88 11.37
CA LYS B 564 35.79 15.81 10.71
C LYS B 564 36.67 14.80 11.46
N SER B 565 36.69 14.88 12.79
CA SER B 565 37.54 14.04 13.69
C SER B 565 37.15 12.57 13.57
N GLN B 566 35.85 12.29 13.52
CA GLN B 566 35.29 10.91 13.40
C GLN B 566 35.54 10.34 11.99
N GLY B 567 35.93 11.18 11.02
CA GLY B 567 36.17 10.74 9.63
C GLY B 567 34.88 10.66 8.82
N GLU B 568 33.91 11.54 9.12
CA GLU B 568 32.57 11.62 8.46
C GLU B 568 32.57 12.76 7.43
N PHE B 569 31.96 12.52 6.26
CA PHE B 569 31.82 13.49 5.15
C PHE B 569 31.33 14.82 5.73
N VAL B 570 32.02 15.92 5.42
CA VAL B 570 31.71 17.29 5.92
C VAL B 570 31.32 18.16 4.72
N TYR B 571 30.16 18.80 4.78
CA TYR B 571 29.50 19.52 3.67
C TYR B 571 28.34 20.32 4.26
N PRO B 572 28.12 21.57 3.84
CA PRO B 572 27.04 22.37 4.41
C PRO B 572 25.60 21.96 4.03
N ASP B 573 24.66 22.25 4.92
CA ASP B 573 23.21 22.09 4.65
C ASP B 573 22.85 22.87 3.38
N ALA B 574 21.97 22.29 2.56
CA ALA B 574 21.33 22.96 1.39
C ALA B 574 20.82 24.34 1.81
N ASN B 575 20.99 25.34 0.93
CA ASN B 575 20.61 26.76 1.19
C ASN B 575 20.23 27.48 -0.12
N LEU B 576 19.72 26.73 -1.11
CA LEU B 576 19.26 27.20 -2.45
C LEU B 576 20.44 27.54 -3.39
N SER B 577 21.69 27.23 -3.03
CA SER B 577 22.87 27.47 -3.88
C SER B 577 23.24 26.21 -4.68
N LEU B 578 24.19 26.36 -5.61
CA LEU B 578 24.65 25.30 -6.54
C LEU B 578 25.40 24.22 -5.77
N ARG B 579 25.10 22.94 -6.03
CA ARG B 579 25.73 21.79 -5.33
C ARG B 579 25.98 20.66 -6.33
N ILE B 580 27.00 19.84 -6.07
CA ILE B 580 27.31 18.65 -6.90
C ILE B 580 27.09 17.42 -6.02
N THR B 581 26.42 16.41 -6.56
CA THR B 581 26.34 15.07 -5.95
C THR B 581 26.66 14.04 -7.03
N PHE B 582 27.25 12.92 -6.62
CA PHE B 582 27.67 11.84 -7.54
C PHE B 582 27.47 10.51 -6.87
N GLY B 583 27.48 9.46 -7.69
CA GLY B 583 27.27 8.06 -7.27
C GLY B 583 27.11 7.19 -8.48
N ASN B 584 26.38 6.09 -8.31
CA ASN B 584 26.19 5.08 -9.37
C ASN B 584 24.73 4.66 -9.42
N VAL B 585 24.32 4.20 -10.58
CA VAL B 585 22.98 3.61 -10.84
C VAL B 585 22.92 2.31 -10.02
N MET B 586 22.00 2.24 -9.05
CA MET B 586 21.92 1.02 -8.22
C MET B 586 20.59 1.01 -7.47
N GLY B 587 20.09 -0.20 -7.23
CA GLY B 587 18.84 -0.41 -6.50
C GLY B 587 19.08 -0.31 -5.02
N TYR B 588 18.11 -0.72 -4.23
CA TYR B 588 18.23 -0.82 -2.76
C TYR B 588 17.41 -2.03 -2.33
N GLY B 589 17.37 -2.31 -1.03
CA GLY B 589 16.57 -3.46 -0.59
C GLY B 589 16.03 -3.29 0.80
N LYS B 590 15.19 -4.25 1.16
CA LYS B 590 14.82 -4.51 2.56
C LYS B 590 14.51 -6.02 2.64
N ASP B 591 14.11 -6.50 3.79
CA ASP B 591 13.96 -7.96 4.00
C ASP B 591 12.94 -8.51 3.00
N GLY B 592 13.36 -9.52 2.21
CA GLY B 592 12.52 -10.20 1.22
C GLY B 592 12.44 -9.50 -0.12
N VAL B 593 13.13 -8.37 -0.33
CA VAL B 593 12.90 -7.55 -1.57
C VAL B 593 14.17 -6.83 -2.00
N LYS B 594 14.45 -6.92 -3.30
CA LYS B 594 15.51 -6.16 -3.96
C LYS B 594 14.86 -5.30 -5.04
N TYR B 595 14.93 -3.98 -4.91
CA TYR B 595 14.46 -3.02 -5.94
C TYR B 595 15.54 -2.91 -6.98
N THR B 596 15.20 -3.18 -8.23
CA THR B 596 16.20 -3.18 -9.31
C THR B 596 16.25 -1.75 -9.85
N PRO B 597 17.39 -1.36 -10.44
CA PRO B 597 17.66 0.06 -10.69
C PRO B 597 16.83 0.72 -11.79
N PHE B 598 16.08 -0.05 -12.62
CA PHE B 598 15.33 0.47 -13.78
C PHE B 598 13.89 -0.03 -13.80
N THR B 599 12.95 0.83 -14.18
CA THR B 599 11.63 0.43 -14.70
C THR B 599 11.65 0.49 -16.23
N THR B 600 10.59 -0.02 -16.86
CA THR B 600 10.53 -0.27 -18.34
C THR B 600 9.09 0.01 -18.79
N LEU B 601 8.86 0.07 -20.10
CA LEU B 601 7.52 0.37 -20.68
C LEU B 601 6.47 -0.59 -20.14
N GLU B 602 6.85 -1.85 -19.94
CA GLU B 602 5.87 -2.93 -19.65
C GLU B 602 5.31 -2.67 -18.26
N GLY B 603 6.14 -2.12 -17.37
CA GLY B 603 5.75 -1.71 -16.03
C GLY B 603 4.73 -0.58 -16.03
N VAL B 604 4.80 0.36 -16.98
CA VAL B 604 3.76 1.42 -17.18
C VAL B 604 2.44 0.74 -17.56
N ALA B 605 2.41 0.02 -18.68
CA ALA B 605 1.24 -0.78 -19.13
C ALA B 605 0.66 -1.56 -17.94
N ALA B 606 1.47 -2.33 -17.20
CA ALA B 606 1.00 -3.22 -16.11
C ALA B 606 0.25 -2.41 -15.03
N LYS B 607 0.52 -1.10 -14.91
CA LYS B 607 -0.11 -0.27 -13.85
C LYS B 607 -1.47 0.29 -14.32
N GLU B 608 -1.79 0.16 -15.63
CA GLU B 608 -3.02 0.70 -16.27
C GLU B 608 -4.30 0.25 -15.53
N THR B 609 -5.17 1.19 -15.13
CA THR B 609 -6.53 0.91 -14.59
C THR B 609 -7.64 1.65 -15.39
N GLY B 610 -7.27 2.51 -16.35
CA GLY B 610 -8.23 3.37 -17.06
C GLY B 610 -8.76 4.50 -16.22
N GLU B 611 -8.52 4.51 -14.90
CA GLU B 611 -8.96 5.56 -13.94
C GLU B 611 -7.74 6.38 -13.48
N ASP B 612 -7.95 7.68 -13.21
CA ASP B 612 -6.91 8.59 -12.65
C ASP B 612 -6.43 8.05 -11.32
N PRO B 613 -5.10 7.98 -11.02
CA PRO B 613 -4.05 8.48 -11.90
C PRO B 613 -3.27 7.42 -12.70
N PHE B 614 -3.92 6.29 -12.95
CA PHE B 614 -3.35 5.15 -13.74
C PHE B 614 -4.14 5.01 -15.05
N ASP B 615 -4.03 6.03 -15.91
CA ASP B 615 -4.80 6.16 -17.18
C ASP B 615 -3.88 6.76 -18.26
N SER B 616 -3.00 5.94 -18.83
CA SER B 616 -2.01 6.31 -19.88
C SER B 616 -2.69 6.72 -21.18
N PRO B 617 -2.03 7.52 -22.04
CA PRO B 617 -2.50 7.76 -23.40
C PRO B 617 -2.67 6.42 -24.13
N LYS B 618 -3.73 6.29 -24.93
CA LYS B 618 -4.04 5.07 -25.71
C LYS B 618 -2.85 4.81 -26.66
N ALA B 619 -2.19 5.86 -27.16
CA ALA B 619 -0.98 5.76 -28.02
C ALA B 619 0.18 5.09 -27.26
N LEU B 620 0.27 5.30 -25.94
CA LEU B 620 1.31 4.65 -25.09
C LEU B 620 0.97 3.16 -24.95
N LEU B 621 -0.25 2.83 -24.53
CA LEU B 621 -0.67 1.43 -24.28
C LEU B 621 -0.59 0.64 -25.60
N ASP B 622 -0.96 1.26 -26.72
CA ASP B 622 -0.94 0.64 -28.09
C ASP B 622 0.53 0.40 -28.50
N ALA B 623 1.38 1.41 -28.34
CA ALA B 623 2.81 1.32 -28.72
C ALA B 623 3.51 0.25 -27.87
N VAL B 624 3.08 0.07 -26.62
CA VAL B 624 3.71 -0.88 -25.64
C VAL B 624 3.32 -2.30 -26.07
N LYS B 625 2.02 -2.60 -26.05
CA LYS B 625 1.40 -3.87 -26.54
C LYS B 625 2.12 -4.32 -27.83
N ALA B 626 2.33 -3.42 -28.78
CA ALA B 626 2.91 -3.69 -30.12
C ALA B 626 4.45 -3.69 -30.10
N LYS B 627 5.09 -3.34 -28.97
CA LYS B 627 6.56 -3.27 -28.83
C LYS B 627 7.14 -2.25 -29.82
N ARG B 628 6.46 -1.13 -30.04
CA ARG B 628 7.04 0.05 -30.74
C ARG B 628 8.07 0.68 -29.79
N TYR B 629 9.32 0.19 -29.83
CA TYR B 629 10.40 0.63 -28.92
C TYR B 629 11.12 1.81 -29.52
N GLY B 630 10.96 2.02 -30.83
CA GLY B 630 11.39 3.24 -31.52
C GLY B 630 12.89 3.41 -31.50
N GLY B 631 13.66 2.32 -31.40
CA GLY B 631 15.14 2.31 -31.44
C GLY B 631 15.77 2.65 -30.10
N LEU B 632 15.01 2.64 -29.01
CA LEU B 632 15.46 3.16 -27.69
C LEU B 632 15.60 2.03 -26.67
N GLU B 633 15.31 0.78 -27.05
CA GLU B 633 15.43 -0.41 -26.15
C GLU B 633 16.88 -0.48 -25.64
N ASP B 634 17.05 -0.79 -24.35
CA ASP B 634 18.33 -1.30 -23.79
C ASP B 634 18.19 -2.82 -23.73
N LYS B 635 19.09 -3.52 -24.44
CA LYS B 635 19.10 -5.01 -24.57
C LYS B 635 19.25 -5.62 -23.18
N ARG B 636 19.99 -4.95 -22.28
CA ARG B 636 20.23 -5.42 -20.89
C ARG B 636 18.92 -5.43 -20.10
N LEU B 637 17.87 -4.70 -20.54
CA LEU B 637 16.53 -4.65 -19.90
C LEU B 637 15.47 -5.34 -20.76
N GLY B 638 15.70 -5.45 -22.08
CA GLY B 638 14.74 -6.02 -23.03
C GLY B 638 13.53 -5.14 -23.22
N SER B 639 13.69 -3.82 -23.04
CA SER B 639 12.62 -2.79 -23.18
C SER B 639 13.22 -1.37 -23.11
N VAL B 640 12.41 -0.33 -23.35
CA VAL B 640 12.91 1.07 -23.17
C VAL B 640 12.82 1.34 -21.67
N PRO B 641 13.88 1.85 -21.01
CA PRO B 641 13.80 2.22 -19.59
C PRO B 641 12.93 3.46 -19.36
N VAL B 642 12.33 3.58 -18.17
CA VAL B 642 11.36 4.66 -17.84
C VAL B 642 11.99 5.52 -16.74
N ASN B 643 12.12 4.99 -15.53
CA ASN B 643 12.87 5.66 -14.43
C ASN B 643 14.04 4.79 -13.97
N PHE B 644 14.98 5.39 -13.25
CA PHE B 644 16.11 4.65 -12.64
C PHE B 644 16.43 5.23 -11.26
N LEU B 645 17.06 4.39 -10.45
CA LEU B 645 17.54 4.68 -9.09
C LEU B 645 19.05 4.86 -9.14
N SER B 646 19.54 5.72 -8.26
CA SER B 646 20.98 5.92 -8.01
C SER B 646 21.17 6.43 -6.57
N ASN B 647 22.37 6.27 -6.05
CA ASN B 647 22.68 6.60 -4.65
C ASN B 647 23.26 8.03 -4.59
N LEU B 648 22.58 9.01 -5.19
CA LEU B 648 22.93 10.45 -5.07
C LEU B 648 22.19 11.07 -3.88
N ASP B 649 22.56 12.31 -3.56
CA ASP B 649 22.06 13.01 -2.35
C ASP B 649 21.37 14.29 -2.80
N ILE B 650 20.07 14.21 -3.00
CA ILE B 650 19.28 15.34 -3.55
C ILE B 650 18.12 15.62 -2.61
N THR B 651 17.56 16.80 -2.75
CA THR B 651 16.41 17.24 -1.94
C THR B 651 15.56 18.21 -2.77
N GLY B 652 14.48 18.72 -2.17
CA GLY B 652 13.61 19.72 -2.78
C GLY B 652 14.45 20.85 -3.34
N GLY B 653 14.23 21.21 -4.59
CA GLY B 653 15.04 22.17 -5.36
C GLY B 653 15.82 21.48 -6.46
N ASN B 654 16.19 20.21 -6.21
CA ASN B 654 16.94 19.37 -7.17
C ASN B 654 16.03 18.87 -8.28
N SER B 655 14.71 18.98 -8.15
CA SER B 655 13.81 18.57 -9.26
C SER B 655 14.22 19.29 -10.55
N GLY B 656 14.35 18.52 -11.62
CA GLY B 656 14.67 19.06 -12.96
C GLY B 656 16.17 19.12 -13.19
N SER B 657 16.99 18.86 -12.17
CA SER B 657 18.47 18.80 -12.29
C SER B 657 18.81 17.79 -13.37
N PRO B 658 19.76 18.11 -14.26
CA PRO B 658 20.25 17.15 -15.24
C PRO B 658 21.04 16.06 -14.53
N VAL B 659 20.80 14.80 -14.91
CA VAL B 659 21.68 13.67 -14.50
C VAL B 659 22.72 13.49 -15.61
N LEU B 660 23.99 13.64 -15.29
CA LEU B 660 25.08 13.54 -16.29
C LEU B 660 25.80 12.20 -16.11
N ASP B 661 26.13 11.56 -17.23
CA ASP B 661 26.94 10.31 -17.28
C ASP B 661 28.41 10.69 -17.14
N ALA B 662 29.27 9.70 -17.32
CA ALA B 662 30.73 9.77 -17.21
C ALA B 662 31.28 10.89 -18.12
N ASN B 663 30.64 11.13 -19.27
CA ASN B 663 31.12 12.09 -20.31
C ASN B 663 30.44 13.45 -20.19
N GLY B 664 29.61 13.66 -19.17
CA GLY B 664 28.91 14.95 -18.97
C GLY B 664 27.75 15.11 -19.92
N LYS B 665 27.28 14.01 -20.51
CA LYS B 665 26.04 13.98 -21.34
C LYS B 665 24.82 13.79 -20.44
N LEU B 666 23.65 14.26 -20.88
CA LEU B 666 22.36 14.15 -20.15
C LEU B 666 21.86 12.71 -20.31
N VAL B 667 21.68 11.96 -19.22
CA VAL B 667 21.04 10.61 -19.27
C VAL B 667 19.68 10.64 -18.56
N GLY B 668 19.32 11.75 -17.95
CA GLY B 668 17.98 11.91 -17.38
C GLY B 668 17.84 13.18 -16.57
N LEU B 669 16.71 13.30 -15.89
CA LEU B 669 16.41 14.41 -14.98
C LEU B 669 16.11 13.84 -13.60
N ALA B 670 16.71 14.37 -12.53
CA ALA B 670 16.32 14.08 -11.14
C ALA B 670 14.86 14.44 -11.02
N PHE B 671 14.03 13.68 -10.30
CA PHE B 671 12.67 14.20 -9.99
C PHE B 671 12.16 13.81 -8.60
N ASP B 672 12.66 12.75 -7.98
CA ASP B 672 12.01 12.29 -6.72
C ASP B 672 12.97 11.42 -5.91
N GLY B 673 12.52 10.99 -4.75
CA GLY B 673 13.23 9.97 -3.94
C GLY B 673 12.28 8.85 -3.58
N ASN B 674 12.84 7.72 -3.22
CA ASN B 674 12.06 6.55 -2.75
C ASN B 674 11.58 6.85 -1.33
N TRP B 675 10.65 6.06 -0.83
CA TRP B 675 9.93 6.37 0.45
C TRP B 675 10.89 6.59 1.63
N GLU B 676 11.85 5.67 1.81
CA GLU B 676 12.88 5.65 2.85
C GLU B 676 13.87 6.82 2.75
N SER B 677 13.98 7.50 1.59
CA SER B 677 15.03 8.54 1.37
C SER B 677 14.67 9.86 2.09
N VAL B 678 13.40 10.12 2.35
CA VAL B 678 12.93 11.50 2.68
C VAL B 678 13.43 11.94 4.06
N SER B 679 13.55 11.02 5.04
CA SER B 679 14.08 11.35 6.39
C SER B 679 15.53 11.83 6.31
N SER B 680 16.24 11.61 5.19
CA SER B 680 17.64 12.08 4.97
C SER B 680 17.72 13.62 4.97
N ASN B 681 16.59 14.30 5.01
CA ASN B 681 16.56 15.75 5.25
C ASN B 681 17.14 16.12 6.64
N TRP B 682 17.18 15.18 7.60
CA TRP B 682 17.69 15.37 8.99
C TRP B 682 18.86 14.44 9.31
N VAL B 683 18.71 13.18 8.94
CA VAL B 683 19.71 12.12 9.25
C VAL B 683 19.90 11.33 7.97
N PHE B 684 21.03 11.49 7.31
CA PHE B 684 21.32 10.80 6.04
C PHE B 684 21.43 9.30 6.30
N ASP B 685 20.84 8.49 5.41
CA ASP B 685 20.99 7.01 5.49
C ASP B 685 21.42 6.50 4.12
N PRO B 686 22.68 6.05 3.97
CA PRO B 686 23.18 5.62 2.66
C PRO B 686 22.59 4.30 2.13
N VAL B 687 21.98 3.50 3.02
CA VAL B 687 21.45 2.16 2.66
C VAL B 687 20.19 2.32 1.80
N MET B 688 19.26 3.18 2.19
CA MET B 688 17.92 3.29 1.57
C MET B 688 17.65 4.72 1.02
N THR B 689 18.67 5.56 0.85
CA THR B 689 18.51 6.86 0.15
C THR B 689 18.89 6.69 -1.32
N ARG B 690 17.90 6.81 -2.18
CA ARG B 690 18.10 6.80 -3.66
C ARG B 690 17.39 8.00 -4.29
N MET B 691 18.00 8.51 -5.37
CA MET B 691 17.34 9.47 -6.30
C MET B 691 16.55 8.65 -7.31
N ILE B 692 15.34 9.09 -7.62
CA ILE B 692 14.56 8.61 -8.79
C ILE B 692 14.70 9.67 -9.89
N ALA B 693 15.11 9.21 -11.06
CA ALA B 693 15.32 10.01 -12.28
C ALA B 693 14.54 9.42 -13.45
N VAL B 694 14.11 10.29 -14.37
CA VAL B 694 13.42 9.90 -15.63
C VAL B 694 14.53 9.73 -16.67
N ASP B 695 14.52 8.60 -17.39
CA ASP B 695 15.56 8.25 -18.37
C ASP B 695 15.38 9.11 -19.64
N SER B 696 16.47 9.64 -20.19
CA SER B 696 16.49 10.46 -21.45
C SER B 696 15.86 9.68 -22.63
N ARG B 697 15.93 8.35 -22.62
CA ARG B 697 15.35 7.51 -23.70
C ARG B 697 13.85 7.43 -23.51
N TYR B 698 13.33 7.54 -22.28
CA TYR B 698 11.86 7.59 -22.06
C TYR B 698 11.35 8.95 -22.54
N MET B 699 12.14 10.00 -22.33
CA MET B 699 11.81 11.39 -22.73
C MET B 699 11.69 11.39 -24.26
N GLN B 700 12.76 10.97 -24.93
CA GLN B 700 12.76 10.78 -26.40
C GLN B 700 11.54 9.93 -26.80
N TRP B 701 11.41 8.73 -26.25
CA TRP B 701 10.36 7.76 -26.64
C TRP B 701 9.00 8.44 -26.59
N ILE B 702 8.71 9.13 -25.50
CA ILE B 702 7.43 9.85 -25.34
C ILE B 702 7.29 10.84 -26.52
N MET B 703 8.32 11.61 -26.84
CA MET B 703 8.19 12.64 -27.90
C MET B 703 8.25 12.00 -29.30
N GLN B 704 8.63 10.72 -29.42
CA GLN B 704 8.61 9.98 -30.71
C GLN B 704 7.25 9.31 -30.92
N GLU B 705 6.75 8.59 -29.91
CA GLU B 705 5.76 7.52 -30.14
C GLU B 705 4.42 7.84 -29.49
N VAL B 706 4.31 8.85 -28.61
CA VAL B 706 3.12 8.96 -27.71
C VAL B 706 2.42 10.32 -27.81
N ALA B 707 3.07 11.39 -27.34
CA ALA B 707 2.61 12.79 -27.42
C ALA B 707 3.63 13.55 -28.23
N PRO B 708 3.53 13.48 -29.58
CA PRO B 708 4.66 13.82 -30.45
C PRO B 708 5.16 15.26 -30.32
N ALA B 709 6.44 15.44 -30.59
CA ALA B 709 7.14 16.74 -30.61
C ALA B 709 8.29 16.66 -31.61
N PRO B 710 7.99 16.50 -32.92
CA PRO B 710 9.04 16.36 -33.95
C PRO B 710 10.00 17.55 -33.98
N GLN B 711 9.49 18.76 -33.70
CA GLN B 711 10.28 20.02 -33.68
C GLN B 711 11.35 19.94 -32.58
N LEU B 712 11.02 19.45 -31.38
CA LEU B 712 11.98 19.34 -30.25
C LEU B 712 13.02 18.27 -30.58
N LEU B 713 12.56 17.12 -31.05
CA LEU B 713 13.45 16.00 -31.51
C LEU B 713 14.49 16.58 -32.47
N LYS B 714 14.07 17.39 -33.45
CA LYS B 714 15.00 18.05 -34.41
C LYS B 714 15.96 18.97 -33.66
N GLU B 715 15.44 19.85 -32.79
CA GLU B 715 16.24 20.93 -32.14
C GLU B 715 17.27 20.31 -31.21
N LEU B 716 17.00 19.10 -30.70
CA LEU B 716 17.86 18.34 -29.76
C LEU B 716 18.82 17.41 -30.54
N ASN B 717 18.58 17.17 -31.82
CA ASN B 717 19.46 16.35 -32.69
C ASN B 717 19.29 14.87 -32.34
N LEU B 718 18.05 14.41 -32.33
CA LEU B 718 17.66 13.03 -31.96
C LEU B 718 16.88 12.36 -33.11
N ALA B 719 15.99 13.08 -33.79
CA ALA B 719 15.20 12.62 -34.95
C ALA B 719 14.67 13.85 -35.72
N ASN C . -4.49 -15.83 3.52
CA ASN C . -4.32 -17.16 4.27
C ASN C . -5.17 -18.25 3.61
O ASN C . -6.35 -18.00 3.39
CB ASN C . -4.71 -17.01 5.75
CG ASN C . -3.63 -16.24 6.50
OD1 ASN C . -2.49 -16.18 6.04
ND2 ASN C . -3.99 -15.59 7.58
N TYR D . -4.57 -19.41 3.37
CA TYR D . -5.19 -20.54 2.65
C TYR D . -5.80 -21.51 3.68
O TYR D . -6.20 -21.07 4.76
CB TYR D . -4.15 -21.19 1.75
CG TYR D . -3.92 -20.49 0.44
CD1 TYR D . -4.97 -19.95 -0.31
CD2 TYR D . -2.65 -20.42 -0.10
CE1 TYR D . -4.76 -19.42 -1.56
CE2 TYR D . -2.40 -19.87 -1.34
CZ TYR D . -3.45 -19.34 -2.06
OH TYR D . -3.18 -18.77 -3.26
OXT TYR D . -5.89 -22.70 3.44
C1 GOL E . -12.24 -35.10 5.19
O1 GOL E . -13.03 -36.13 4.58
C2 GOL E . -12.22 -33.89 4.29
O2 GOL E . -12.70 -32.77 5.00
C3 GOL E . -10.88 -33.64 3.62
O3 GOL E . -10.78 -32.36 3.02
C1 GOL F . 21.07 -27.70 -1.61
O1 GOL F . 20.74 -26.61 -2.47
C2 GOL F . 21.19 -27.26 -0.15
O2 GOL F . 20.23 -26.25 0.13
C3 GOL F . 21.02 -28.38 0.86
O3 GOL F . 21.10 -27.93 2.21
C1 GOL G . -20.21 -42.12 12.49
O1 GOL G . -19.34 -42.38 13.59
C2 GOL G . -19.50 -42.44 11.21
O2 GOL G . -20.37 -43.18 10.36
C3 GOL G . -18.97 -41.22 10.49
O3 GOL G . -18.58 -40.20 11.41
N ASN H . 8.08 14.12 -4.87
CA ASN H . 8.58 15.08 -5.92
C ASN H . 9.51 16.11 -5.27
O ASN H . 9.10 16.76 -4.29
CB ASN H . 7.42 15.73 -6.66
CG ASN H . 6.75 14.73 -7.59
OD1 ASN H . 7.34 13.72 -7.94
ND2 ASN H . 5.52 15.01 -7.97
N TYR I . 10.73 16.24 -5.79
CA TYR I . 11.73 17.18 -5.22
C TYR I . 11.59 18.56 -5.87
O TYR I . 10.48 19.02 -6.25
CB TYR I . 13.12 16.55 -5.35
CG TYR I . 13.48 15.58 -4.24
CD1 TYR I . 13.12 15.83 -2.91
CD2 TYR I . 14.17 14.41 -4.51
CE1 TYR I . 13.49 14.96 -1.89
CE2 TYR I . 14.51 13.53 -3.49
CZ TYR I . 14.19 13.80 -2.19
OH TYR I . 14.56 12.94 -1.20
OXT TYR I . 12.63 19.26 -6.03
#